data_7JI1
#
_entry.id   7JI1
#
_entity_poly.entity_id   1
_entity_poly.type   'polypeptide(L)'
_entity_poly.pdbx_seq_one_letter_code
;GPVSGKENKKSDVKYETTKVMEANATSSKEDNHVMHTLDGSMSTVWEENSPGGGVGEVLSYKFASPMHIGRILIVNGDTS
SKENYYKKNRIAKADVKYYNGNKLVLFQKIELGDTYTKKPHHIEIDKKLDVDRIDIEVTEVHQGQNKDILALSEVTFGN
;
_entity_poly.pdbx_strand_id   A
#
# COMPACT_ATOMS: atom_id res chain seq x y z
N SER A 41 8.67 -8.74 12.41
CA SER A 41 9.69 -8.06 11.59
C SER A 41 9.46 -6.54 11.57
N MET A 42 8.38 -6.10 10.91
CA MET A 42 8.07 -4.68 10.83
C MET A 42 7.38 -4.19 12.11
N SER A 43 7.51 -2.90 12.41
CA SER A 43 6.91 -2.32 13.61
C SER A 43 5.80 -1.33 13.21
N THR A 44 4.73 -1.30 14.01
CA THR A 44 3.59 -0.40 13.76
C THR A 44 2.94 -0.75 12.42
N VAL A 45 1.61 -0.59 12.33
CA VAL A 45 0.88 -0.90 11.10
C VAL A 45 1.20 0.15 10.03
N TRP A 46 1.06 1.43 10.39
CA TRP A 46 1.33 2.53 9.47
C TRP A 46 1.73 3.77 10.27
N GLU A 47 2.28 4.79 9.59
CA GLU A 47 2.70 6.02 10.24
C GLU A 47 1.60 7.08 10.16
N GLU A 48 0.94 7.34 11.29
CA GLU A 48 -0.14 8.32 11.35
C GLU A 48 0.44 9.75 11.36
N ASN A 49 0.43 10.39 10.18
CA ASN A 49 0.96 11.75 10.06
C ASN A 49 0.09 12.75 10.82
N SER A 50 -1.23 12.70 10.60
CA SER A 50 -2.19 13.61 11.26
C SER A 50 -3.61 13.47 10.67
N PRO A 51 -3.80 13.44 9.34
CA PRO A 51 -5.16 13.33 8.73
C PRO A 51 -5.81 11.95 8.97
N GLY A 52 -6.89 11.65 8.23
CA GLY A 52 -7.57 10.36 8.37
C GLY A 52 -6.81 9.29 7.62
N GLY A 53 -6.51 8.18 8.30
CA GLY A 53 -5.77 7.06 7.70
C GLY A 53 -4.62 7.55 6.79
N GLY A 54 -3.92 8.63 7.18
CA GLY A 54 -2.83 9.18 6.37
C GLY A 54 -3.28 9.43 4.93
N VAL A 55 -4.45 10.07 4.75
CA VAL A 55 -4.97 10.32 3.41
C VAL A 55 -4.02 11.22 2.58
N GLY A 56 -3.60 10.74 1.41
CA GLY A 56 -2.77 11.55 0.50
C GLY A 56 -1.26 11.52 0.85
N GLU A 57 -0.88 10.91 1.99
CA GLU A 57 0.53 10.91 2.41
C GLU A 57 1.43 10.07 1.48
N VAL A 58 2.74 10.26 1.64
CA VAL A 58 3.73 9.53 0.85
C VAL A 58 4.41 8.48 1.74
N LEU A 59 4.13 7.21 1.47
CA LEU A 59 4.73 6.11 2.24
C LEU A 59 6.14 5.85 1.73
N SER A 60 7.11 6.54 2.33
CA SER A 60 8.51 6.40 1.93
C SER A 60 9.33 5.62 2.96
N TYR A 61 10.05 4.61 2.48
CA TYR A 61 10.90 3.76 3.32
C TYR A 61 12.36 3.89 2.85
N LYS A 62 13.30 3.83 3.80
CA LYS A 62 14.73 3.97 3.48
C LYS A 62 15.45 2.63 3.69
N PHE A 63 16.39 2.34 2.79
CA PHE A 63 17.13 1.07 2.77
C PHE A 63 18.43 1.02 3.58
N ALA A 64 18.64 -0.12 4.25
CA ALA A 64 19.89 -0.38 4.99
C ALA A 64 20.92 -1.04 4.04
N SER A 65 20.42 -1.86 3.09
CA SER A 65 21.25 -2.57 2.12
C SER A 65 20.35 -3.17 1.03
N PRO A 66 20.87 -3.63 -0.10
CA PRO A 66 20.02 -4.21 -1.20
C PRO A 66 19.25 -5.45 -0.74
N MET A 67 18.04 -5.63 -1.29
CA MET A 67 17.19 -6.77 -0.96
C MET A 67 16.42 -7.17 -2.23
N HIS A 68 16.22 -8.47 -2.47
CA HIS A 68 15.52 -8.90 -3.67
C HIS A 68 14.00 -8.81 -3.44
N ILE A 69 13.24 -8.41 -4.49
CA ILE A 69 11.78 -8.27 -4.36
C ILE A 69 11.08 -9.19 -5.35
N GLY A 70 9.94 -9.77 -4.94
CA GLY A 70 9.18 -10.67 -5.80
C GLY A 70 7.75 -10.18 -6.00
N ARG A 71 6.99 -10.08 -4.90
CA ARG A 71 5.59 -9.63 -4.97
C ARG A 71 5.19 -8.88 -3.71
N ILE A 72 4.10 -8.11 -3.80
CA ILE A 72 3.60 -7.34 -2.65
C ILE A 72 2.13 -7.69 -2.38
N LEU A 73 1.76 -7.84 -1.10
CA LEU A 73 0.37 -8.14 -0.74
C LEU A 73 -0.18 -6.96 0.07
N ILE A 74 -1.41 -6.53 -0.22
CA ILE A 74 -1.99 -5.38 0.50
C ILE A 74 -3.46 -5.65 0.87
N VAL A 75 -3.78 -5.59 2.17
CA VAL A 75 -5.14 -5.78 2.63
C VAL A 75 -5.78 -4.41 2.94
N ASN A 76 -6.97 -4.16 2.38
CA ASN A 76 -7.67 -2.89 2.58
C ASN A 76 -8.54 -2.94 3.83
N GLY A 77 -8.18 -2.13 4.84
CA GLY A 77 -8.94 -2.08 6.09
C GLY A 77 -9.26 -3.48 6.62
N ASP A 78 -10.16 -3.54 7.60
CA ASP A 78 -10.57 -4.81 8.20
C ASP A 78 -11.34 -5.69 7.19
N THR A 79 -11.87 -5.06 6.14
CA THR A 79 -12.63 -5.78 5.09
C THR A 79 -13.81 -6.54 5.72
N SER A 80 -14.75 -5.79 6.32
CA SER A 80 -15.93 -6.39 6.94
C SER A 80 -17.05 -6.58 5.91
N SER A 81 -17.43 -5.48 5.24
CA SER A 81 -18.47 -5.50 4.23
C SER A 81 -18.34 -4.26 3.34
N LYS A 82 -18.95 -4.30 2.18
CA LYS A 82 -18.92 -3.17 1.26
C LYS A 82 -19.64 -1.97 1.88
N GLU A 83 -20.76 -2.21 2.58
CA GLU A 83 -21.48 -1.12 3.25
C GLU A 83 -20.49 -0.43 4.22
N ASN A 84 -19.62 -1.25 4.83
CA ASN A 84 -18.59 -0.76 5.74
C ASN A 84 -17.56 0.07 4.96
N TYR A 85 -17.29 -0.32 3.70
CA TYR A 85 -16.33 0.40 2.85
C TYR A 85 -16.79 1.85 2.68
N TYR A 86 -18.10 2.04 2.50
CA TYR A 86 -18.66 3.39 2.35
C TYR A 86 -18.42 4.18 3.63
N LYS A 87 -18.52 3.50 4.77
CA LYS A 87 -18.29 4.10 6.09
C LYS A 87 -16.79 4.01 6.48
N LYS A 88 -15.95 3.43 5.60
CA LYS A 88 -14.52 3.26 5.87
C LYS A 88 -13.66 3.93 4.79
N ASN A 89 -12.40 4.23 5.14
CA ASN A 89 -11.46 4.85 4.20
C ASN A 89 -10.73 3.78 3.40
N ARG A 90 -10.65 3.97 2.08
CA ARG A 90 -9.98 3.02 1.19
C ARG A 90 -8.86 3.70 0.40
N ILE A 91 -7.77 2.96 0.17
CA ILE A 91 -6.62 3.50 -0.57
C ILE A 91 -7.06 3.92 -2.00
N ALA A 92 -8.00 3.17 -2.58
CA ALA A 92 -8.51 3.46 -3.93
C ALA A 92 -7.41 3.27 -4.99
N LYS A 93 -6.49 4.25 -5.10
CA LYS A 93 -5.40 4.18 -6.07
C LYS A 93 -4.08 4.46 -5.37
N ALA A 94 -2.99 3.92 -5.92
CA ALA A 94 -1.67 4.12 -5.33
C ALA A 94 -0.56 3.84 -6.35
N ASP A 95 0.44 4.72 -6.38
CA ASP A 95 1.57 4.57 -7.30
C ASP A 95 2.82 4.12 -6.52
N VAL A 96 3.27 2.90 -6.78
CA VAL A 96 4.45 2.36 -6.11
C VAL A 96 5.59 2.22 -7.11
N LYS A 97 6.78 2.52 -6.62
CA LYS A 97 7.99 2.48 -7.46
C LYS A 97 9.24 2.06 -6.65
N TYR A 98 10.20 1.41 -7.35
CA TYR A 98 11.47 1.02 -6.73
C TYR A 98 12.58 1.78 -7.47
N TYR A 99 13.39 2.55 -6.73
CA TYR A 99 14.48 3.31 -7.35
C TYR A 99 15.81 2.93 -6.71
N ASN A 100 16.93 3.37 -7.31
CA ASN A 100 18.29 3.07 -6.83
C ASN A 100 18.74 1.73 -7.43
N GLY A 101 19.87 1.19 -6.98
CA GLY A 101 20.37 -0.07 -7.51
C GLY A 101 20.77 -0.02 -9.01
N ASN A 102 20.32 1.03 -9.72
CA ASN A 102 20.62 1.25 -11.15
C ASN A 102 19.57 2.24 -11.71
N LYS A 103 19.52 3.45 -11.11
CA LYS A 103 18.55 4.46 -11.54
C LYS A 103 17.11 3.86 -11.50
N LEU A 104 16.22 4.30 -12.40
CA LEU A 104 14.85 3.79 -12.44
C LEU A 104 14.85 2.32 -12.89
N VAL A 105 14.47 1.37 -12.00
CA VAL A 105 14.46 -0.05 -12.38
C VAL A 105 13.03 -0.61 -12.37
N LEU A 106 12.17 -0.09 -11.48
CA LEU A 106 10.77 -0.56 -11.42
C LEU A 106 9.83 0.62 -11.23
N PHE A 107 8.64 0.53 -11.84
CA PHE A 107 7.63 1.59 -11.73
C PHE A 107 6.26 1.07 -12.19
N GLN A 108 5.25 1.20 -11.32
CA GLN A 108 3.90 0.73 -11.64
C GLN A 108 2.86 1.30 -10.67
N LYS A 109 1.61 1.36 -11.13
CA LYS A 109 0.50 1.87 -10.31
C LYS A 109 -0.52 0.77 -10.04
N ILE A 110 -1.34 0.94 -9.00
CA ILE A 110 -2.36 -0.05 -8.64
C ILE A 110 -3.74 0.62 -8.48
N GLU A 111 -4.79 -0.17 -8.67
CA GLU A 111 -6.16 0.31 -8.55
C GLU A 111 -7.08 -0.85 -8.14
N LEU A 112 -8.18 -0.56 -7.44
CA LEU A 112 -9.11 -1.62 -6.99
C LEU A 112 -10.34 -1.75 -7.91
N GLY A 113 -10.63 -0.73 -8.73
CA GLY A 113 -11.77 -0.76 -9.65
C GLY A 113 -13.07 -1.25 -9.00
N ASP A 114 -13.15 -1.21 -7.66
CA ASP A 114 -14.35 -1.64 -6.93
C ASP A 114 -14.70 -3.11 -7.24
N THR A 115 -14.76 -3.93 -6.18
CA THR A 115 -15.10 -5.36 -6.30
C THR A 115 -15.08 -5.98 -4.91
N TYR A 116 -15.76 -7.11 -4.73
CA TYR A 116 -15.79 -7.77 -3.43
C TYR A 116 -14.37 -8.14 -2.97
N THR A 117 -14.11 -7.92 -1.68
CA THR A 117 -12.80 -8.22 -1.10
C THR A 117 -12.92 -8.83 0.29
N LYS A 118 -11.81 -9.39 0.76
CA LYS A 118 -11.73 -10.01 2.08
C LYS A 118 -10.29 -10.45 2.37
N LYS A 119 -9.66 -11.12 1.39
CA LYS A 119 -8.27 -11.57 1.53
C LYS A 119 -7.34 -10.46 1.00
N PRO A 120 -6.12 -10.34 1.51
CA PRO A 120 -5.17 -9.26 1.04
C PRO A 120 -4.89 -9.35 -0.46
N HIS A 121 -4.89 -8.20 -1.12
CA HIS A 121 -4.62 -8.12 -2.55
C HIS A 121 -3.19 -8.59 -2.81
N HIS A 122 -2.81 -8.73 -4.08
CA HIS A 122 -1.46 -9.19 -4.41
C HIS A 122 -0.99 -8.68 -5.78
N ILE A 123 0.05 -7.82 -5.76
CA ILE A 123 0.62 -7.30 -6.99
C ILE A 123 1.80 -8.20 -7.39
N GLU A 124 2.00 -8.46 -8.69
CA GLU A 124 3.09 -9.32 -9.14
C GLU A 124 4.17 -8.50 -9.83
N ILE A 125 5.38 -8.48 -9.26
CA ILE A 125 6.50 -7.77 -9.84
C ILE A 125 7.34 -8.79 -10.64
N ASP A 126 8.15 -8.28 -11.56
CA ASP A 126 8.98 -9.13 -12.43
C ASP A 126 9.86 -10.13 -11.64
N LYS A 127 10.00 -9.95 -10.31
CA LYS A 127 10.82 -10.87 -9.48
C LYS A 127 12.16 -11.22 -10.17
N LYS A 128 13.07 -10.24 -10.31
CA LYS A 128 14.37 -10.49 -10.94
C LYS A 128 15.29 -9.28 -10.84
N LEU A 129 15.48 -8.76 -9.62
CA LEU A 129 16.35 -7.61 -9.37
C LEU A 129 16.33 -7.26 -7.91
N ASP A 130 17.49 -7.04 -7.25
CA ASP A 130 17.42 -6.61 -5.87
C ASP A 130 18.02 -5.21 -5.75
N VAL A 131 17.16 -4.32 -5.33
CA VAL A 131 17.47 -2.94 -5.03
C VAL A 131 16.54 -2.54 -3.91
N ASP A 132 16.78 -1.48 -3.12
CA ASP A 132 15.67 -1.02 -2.31
C ASP A 132 15.68 0.48 -2.09
N ARG A 133 14.60 1.07 -2.55
CA ARG A 133 14.21 2.44 -2.31
C ARG A 133 12.71 2.34 -2.41
N ILE A 134 11.89 2.64 -1.39
CA ILE A 134 10.44 2.45 -1.63
C ILE A 134 9.66 3.75 -1.56
N ASP A 135 8.96 4.00 -2.66
CA ASP A 135 8.10 5.16 -2.80
C ASP A 135 6.70 4.68 -3.14
N ILE A 136 5.75 4.85 -2.21
CA ILE A 136 4.38 4.43 -2.43
C ILE A 136 3.48 5.63 -2.14
N GLU A 137 2.99 6.25 -3.19
CA GLU A 137 2.16 7.45 -3.07
C GLU A 137 0.66 7.20 -3.33
N VAL A 138 -0.17 7.53 -2.35
CA VAL A 138 -1.62 7.41 -2.48
C VAL A 138 -2.14 8.80 -2.90
N THR A 139 -2.94 8.87 -3.98
CA THR A 139 -3.41 10.18 -4.48
C THR A 139 -4.77 10.58 -3.90
N GLU A 140 -5.65 9.62 -3.61
CA GLU A 140 -6.97 9.94 -3.07
C GLU A 140 -7.62 8.69 -2.46
N VAL A 141 -8.79 8.92 -1.88
CA VAL A 141 -9.59 7.84 -1.27
C VAL A 141 -11.07 8.04 -1.63
N HIS A 142 -11.88 7.00 -1.51
CA HIS A 142 -13.31 7.09 -1.84
C HIS A 142 -14.17 7.19 -0.58
N GLN A 143 -15.01 8.23 -0.55
CA GLN A 143 -15.93 8.49 0.57
C GLN A 143 -15.19 8.89 1.85
N GLY A 144 -14.42 7.96 2.43
CA GLY A 144 -13.67 8.24 3.67
C GLY A 144 -14.54 9.02 4.69
N GLN A 145 -15.62 8.40 5.15
CA GLN A 145 -16.57 9.04 6.08
C GLN A 145 -16.06 9.08 7.53
N ASN A 146 -15.53 7.95 8.02
CA ASN A 146 -15.09 7.87 9.42
C ASN A 146 -13.80 8.65 9.67
N LYS A 147 -12.94 8.78 8.65
CA LYS A 147 -11.67 9.51 8.81
C LYS A 147 -10.86 8.91 9.96
N ASP A 148 -9.90 8.01 9.64
CA ASP A 148 -9.06 7.33 10.63
C ASP A 148 -9.82 6.18 11.29
N ILE A 149 -9.90 5.06 10.57
CA ILE A 149 -10.60 3.87 11.05
C ILE A 149 -9.60 2.81 11.61
N LEU A 150 -9.77 1.51 11.27
CA LEU A 150 -8.88 0.46 11.76
C LEU A 150 -7.65 0.36 10.87
N ALA A 151 -6.49 0.15 11.48
CA ALA A 151 -5.24 0.03 10.73
C ALA A 151 -5.14 -1.37 10.11
N LEU A 152 -5.05 -1.41 8.77
CA LEU A 152 -4.97 -2.67 8.03
C LEU A 152 -4.03 -3.69 8.70
N SER A 153 -4.15 -4.97 8.34
CA SER A 153 -3.31 -6.01 8.95
C SER A 153 -1.83 -5.63 8.78
N GLU A 154 -1.46 -5.23 7.55
CA GLU A 154 -0.09 -4.80 7.14
C GLU A 154 0.20 -5.30 5.72
N VAL A 155 0.75 -4.43 4.88
CA VAL A 155 1.10 -4.80 3.52
C VAL A 155 2.44 -5.53 3.52
N THR A 156 2.51 -6.65 2.80
CA THR A 156 3.74 -7.46 2.76
C THR A 156 4.59 -7.16 1.52
N PHE A 157 5.91 -7.17 1.71
CA PHE A 157 6.86 -6.90 0.63
C PHE A 157 7.91 -8.01 0.55
N GLY A 158 8.06 -8.62 -0.64
CA GLY A 158 9.05 -9.69 -0.84
C GLY A 158 8.40 -10.92 -1.46
N ASN A 159 9.13 -12.05 -1.41
CA ASN A 159 8.64 -13.31 -1.97
C ASN A 159 8.57 -14.38 -0.88
N SER A 41 4.34 -8.66 9.44
CA SER A 41 3.82 -7.28 9.54
C SER A 41 4.90 -6.29 10.03
N MET A 42 6.17 -6.74 10.07
CA MET A 42 7.29 -5.90 10.50
C MET A 42 7.07 -5.36 11.94
N SER A 43 6.32 -4.26 12.08
CA SER A 43 6.04 -3.65 13.38
C SER A 43 5.15 -2.42 13.13
N THR A 44 3.86 -2.52 13.48
CA THR A 44 2.89 -1.44 13.26
C THR A 44 2.79 -1.18 11.75
N VAL A 45 1.59 -1.35 11.18
CA VAL A 45 1.41 -1.18 9.74
C VAL A 45 1.58 0.29 9.33
N TRP A 46 0.86 1.21 10.00
CA TRP A 46 1.03 2.64 9.71
C TRP A 46 0.66 3.50 10.91
N GLU A 47 1.06 4.78 10.87
CA GLU A 47 0.78 5.72 11.96
C GLU A 47 0.32 7.06 11.38
N GLU A 48 -0.85 7.54 11.83
CA GLU A 48 -1.39 8.84 11.35
C GLU A 48 -1.19 9.93 12.41
N ASN A 49 -0.31 10.89 12.09
CA ASN A 49 0.00 11.98 13.00
C ASN A 49 -1.20 12.94 13.18
N SER A 50 -2.00 13.14 12.13
CA SER A 50 -3.15 14.05 12.22
C SER A 50 -4.06 13.99 10.98
N PRO A 51 -3.54 14.10 9.74
CA PRO A 51 -4.38 14.08 8.51
C PRO A 51 -5.47 13.00 8.54
N GLY A 52 -6.45 13.11 7.64
CA GLY A 52 -7.55 12.14 7.58
C GLY A 52 -7.13 10.88 6.83
N GLY A 53 -7.17 9.73 7.52
CA GLY A 53 -6.80 8.44 6.92
C GLY A 53 -5.55 8.54 6.00
N GLY A 54 -4.49 9.24 6.46
CA GLY A 54 -3.26 9.38 5.67
C GLY A 54 -3.55 9.80 4.22
N VAL A 55 -4.62 10.56 4.01
CA VAL A 55 -5.01 11.02 2.67
C VAL A 55 -3.91 11.89 2.05
N GLY A 56 -3.43 11.50 0.87
CA GLY A 56 -2.45 12.30 0.14
C GLY A 56 -0.99 12.06 0.62
N GLU A 57 -0.81 11.26 1.68
CA GLU A 57 0.52 11.04 2.26
C GLU A 57 1.43 10.21 1.34
N VAL A 58 2.71 10.62 1.24
CA VAL A 58 3.71 9.92 0.44
C VAL A 58 4.42 8.93 1.38
N LEU A 59 4.29 7.63 1.10
CA LEU A 59 4.89 6.60 1.96
C LEU A 59 6.18 6.07 1.34
N SER A 60 7.32 6.66 1.74
CA SER A 60 8.62 6.25 1.22
C SER A 60 9.50 5.68 2.33
N TYR A 61 9.98 4.44 2.13
CA TYR A 61 10.84 3.78 3.11
C TYR A 61 12.19 3.43 2.47
N LYS A 62 13.28 3.66 3.22
CA LYS A 62 14.62 3.37 2.72
C LYS A 62 15.28 2.25 3.55
N PHE A 63 15.85 1.24 2.88
CA PHE A 63 16.52 0.14 3.56
C PHE A 63 18.04 0.30 3.40
N ALA A 64 18.81 -0.23 4.37
CA ALA A 64 20.27 -0.11 4.35
C ALA A 64 20.96 -1.17 3.48
N SER A 65 20.27 -2.27 3.17
CA SER A 65 20.86 -3.34 2.38
C SER A 65 19.88 -3.84 1.31
N PRO A 66 20.36 -4.36 0.19
CA PRO A 66 19.45 -4.86 -0.88
C PRO A 66 18.62 -6.05 -0.40
N MET A 67 17.43 -6.19 -0.97
CA MET A 67 16.52 -7.27 -0.61
C MET A 67 15.77 -7.69 -1.87
N HIS A 68 15.65 -9.00 -2.15
CA HIS A 68 14.96 -9.42 -3.35
C HIS A 68 13.44 -9.45 -3.10
N ILE A 69 12.67 -8.83 -4.02
CA ILE A 69 11.21 -8.79 -3.86
C ILE A 69 10.54 -9.34 -5.12
N GLY A 70 9.63 -10.29 -4.92
CA GLY A 70 8.92 -10.92 -6.04
C GLY A 70 7.41 -10.71 -5.96
N ARG A 71 6.88 -10.43 -4.77
CA ARG A 71 5.44 -10.22 -4.59
C ARG A 71 5.13 -9.32 -3.39
N ILE A 72 4.04 -8.56 -3.50
CA ILE A 72 3.62 -7.67 -2.42
C ILE A 72 2.18 -8.03 -2.00
N LEU A 73 1.99 -8.24 -0.70
CA LEU A 73 0.67 -8.59 -0.17
C LEU A 73 0.16 -7.47 0.72
N ILE A 74 -1.05 -7.00 0.42
CA ILE A 74 -1.66 -5.91 1.18
C ILE A 74 -3.14 -6.19 1.39
N VAL A 75 -3.67 -5.91 2.59
CA VAL A 75 -5.09 -6.15 2.88
C VAL A 75 -5.81 -4.81 3.14
N ASN A 76 -6.85 -4.54 2.33
CA ASN A 76 -7.63 -3.30 2.46
C ASN A 76 -8.26 -3.21 3.86
N GLY A 77 -7.72 -2.33 4.72
CA GLY A 77 -8.23 -2.13 6.07
C GLY A 77 -8.58 -3.47 6.75
N ASP A 78 -9.80 -3.58 7.27
CA ASP A 78 -10.26 -4.81 7.92
C ASP A 78 -10.88 -5.79 6.90
N THR A 79 -11.37 -5.26 5.77
CA THR A 79 -11.98 -6.09 4.72
C THR A 79 -13.04 -7.03 5.31
N SER A 80 -14.00 -6.44 6.03
CA SER A 80 -15.08 -7.20 6.66
C SER A 80 -16.21 -7.45 5.65
N SER A 81 -16.66 -6.38 4.99
CA SER A 81 -17.71 -6.46 4.00
C SER A 81 -17.68 -5.23 3.11
N LYS A 82 -18.32 -5.33 1.97
CA LYS A 82 -18.38 -4.23 1.01
C LYS A 82 -19.01 -3.00 1.67
N GLU A 83 -20.06 -3.20 2.48
CA GLU A 83 -20.69 -2.08 3.17
C GLU A 83 -19.64 -1.35 4.03
N ASN A 84 -18.66 -2.10 4.54
CA ASN A 84 -17.57 -1.54 5.33
C ASN A 84 -16.73 -0.60 4.49
N TYR A 85 -16.58 -0.92 3.19
CA TYR A 85 -15.78 -0.08 2.28
C TYR A 85 -16.39 1.32 2.21
N TYR A 86 -17.73 1.38 2.16
CA TYR A 86 -18.40 2.69 2.16
C TYR A 86 -18.10 3.43 3.46
N LYS A 87 -17.84 2.67 4.54
CA LYS A 87 -17.50 3.22 5.84
C LYS A 87 -15.97 3.33 6.03
N LYS A 88 -15.20 2.85 5.03
CA LYS A 88 -13.74 2.87 5.09
C LYS A 88 -13.16 3.68 3.92
N ASN A 89 -12.18 4.55 4.21
CA ASN A 89 -11.55 5.36 3.17
C ASN A 89 -10.68 4.46 2.28
N ARG A 90 -10.98 4.45 0.98
CA ARG A 90 -10.24 3.61 0.03
C ARG A 90 -8.97 4.31 -0.45
N ILE A 91 -7.97 3.52 -0.85
CA ILE A 91 -6.72 4.08 -1.36
C ILE A 91 -6.95 4.78 -2.73
N ALA A 92 -8.06 4.43 -3.41
CA ALA A 92 -8.42 5.02 -4.70
C ALA A 92 -7.34 4.74 -5.76
N LYS A 93 -6.26 5.53 -5.76
CA LYS A 93 -5.18 5.38 -6.71
C LYS A 93 -3.85 5.63 -5.99
N ALA A 94 -2.77 5.01 -6.49
CA ALA A 94 -1.48 5.20 -5.85
C ALA A 94 -0.34 4.77 -6.79
N ASP A 95 0.77 5.52 -6.73
CA ASP A 95 1.93 5.22 -7.56
C ASP A 95 2.98 4.47 -6.75
N VAL A 96 3.22 3.20 -7.12
CA VAL A 96 4.22 2.38 -6.44
C VAL A 96 5.34 2.07 -7.42
N LYS A 97 6.54 2.37 -6.98
CA LYS A 97 7.75 2.11 -7.80
C LYS A 97 8.97 1.75 -6.95
N TYR A 98 9.87 0.94 -7.54
CA TYR A 98 11.09 0.52 -6.88
C TYR A 98 12.26 1.16 -7.63
N TYR A 99 13.19 1.81 -6.92
CA TYR A 99 14.32 2.48 -7.59
C TYR A 99 15.65 1.76 -7.32
N ASN A 100 16.60 1.92 -8.24
CA ASN A 100 17.93 1.31 -8.13
C ASN A 100 18.92 2.31 -7.49
N GLY A 101 18.51 2.90 -6.37
CA GLY A 101 19.34 3.87 -5.67
C GLY A 101 19.49 5.21 -6.41
N ASN A 102 19.12 5.24 -7.71
CA ASN A 102 19.22 6.46 -8.50
C ASN A 102 18.07 6.59 -9.52
N LYS A 103 17.83 5.53 -10.31
CA LYS A 103 16.76 5.56 -11.33
C LYS A 103 15.67 4.52 -11.05
N LEU A 104 14.51 4.70 -11.67
CA LEU A 104 13.38 3.77 -11.51
C LEU A 104 13.65 2.47 -12.29
N VAL A 105 13.47 1.29 -11.66
CA VAL A 105 13.71 0.01 -12.35
C VAL A 105 12.43 -0.80 -12.57
N LEU A 106 11.45 -0.71 -11.65
CA LEU A 106 10.20 -1.48 -11.86
C LEU A 106 8.99 -0.92 -11.10
N PHE A 107 7.79 -1.39 -11.49
CA PHE A 107 6.52 -0.95 -10.92
C PHE A 107 6.30 0.53 -11.22
N GLN A 108 5.04 1.00 -11.15
CA GLN A 108 4.71 2.40 -11.45
C GLN A 108 3.33 2.81 -10.87
N LYS A 109 2.23 2.51 -11.59
CA LYS A 109 0.88 2.89 -11.14
C LYS A 109 -0.04 1.69 -10.94
N ILE A 110 -0.83 1.71 -9.86
CA ILE A 110 -1.80 0.67 -9.56
C ILE A 110 -3.01 1.29 -8.85
N GLU A 111 -4.18 0.63 -8.94
CA GLU A 111 -5.41 1.16 -8.33
C GLU A 111 -6.08 0.13 -7.41
N LEU A 112 -6.96 0.63 -6.54
CA LEU A 112 -7.71 -0.23 -5.61
C LEU A 112 -9.13 0.30 -5.45
N GLY A 113 -9.92 0.18 -6.52
CA GLY A 113 -11.30 0.65 -6.53
C GLY A 113 -12.19 -0.24 -5.65
N ASP A 114 -13.19 -0.87 -6.26
CA ASP A 114 -14.10 -1.75 -5.53
C ASP A 114 -13.58 -3.18 -5.59
N THR A 115 -13.58 -3.87 -4.43
CA THR A 115 -13.10 -5.24 -4.37
C THR A 115 -13.83 -6.06 -3.31
N TYR A 116 -14.24 -7.26 -3.69
CA TYR A 116 -14.93 -8.18 -2.79
C TYR A 116 -14.05 -8.49 -1.59
N THR A 117 -14.67 -8.72 -0.44
CA THR A 117 -13.94 -8.97 0.80
C THR A 117 -13.71 -10.47 1.01
N LYS A 118 -12.80 -10.77 1.95
CA LYS A 118 -12.36 -12.14 2.30
C LYS A 118 -11.13 -12.55 1.45
N LYS A 119 -10.77 -11.72 0.45
CA LYS A 119 -9.62 -12.01 -0.41
C LYS A 119 -8.56 -10.88 -0.28
N PRO A 120 -7.36 -11.14 0.24
CA PRO A 120 -6.31 -10.07 0.38
C PRO A 120 -5.80 -9.61 -0.99
N HIS A 121 -5.26 -8.39 -1.05
CA HIS A 121 -4.72 -7.85 -2.29
C HIS A 121 -3.34 -8.44 -2.53
N HIS A 122 -3.20 -9.25 -3.59
CA HIS A 122 -1.93 -9.91 -3.89
C HIS A 122 -1.43 -9.56 -5.29
N ILE A 123 -0.38 -8.74 -5.36
CA ILE A 123 0.23 -8.36 -6.66
C ILE A 123 1.63 -8.98 -6.75
N GLU A 124 2.03 -9.47 -7.93
CA GLU A 124 3.33 -10.09 -8.11
C GLU A 124 4.22 -9.30 -9.08
N ILE A 125 5.34 -8.78 -8.58
CA ILE A 125 6.29 -8.03 -9.40
C ILE A 125 6.87 -8.97 -10.47
N ASP A 126 6.49 -8.77 -11.72
CA ASP A 126 6.95 -9.62 -12.83
C ASP A 126 8.49 -9.76 -12.89
N LYS A 127 9.25 -8.91 -12.18
CA LYS A 127 10.71 -9.00 -12.20
C LYS A 127 11.23 -9.67 -10.92
N LYS A 128 12.55 -9.90 -10.86
CA LYS A 128 13.18 -10.53 -9.71
C LYS A 128 14.64 -10.07 -9.60
N LEU A 129 14.82 -8.88 -9.04
CA LEU A 129 16.15 -8.28 -8.86
C LEU A 129 16.29 -7.85 -7.42
N ASP A 130 17.50 -7.89 -6.81
CA ASP A 130 17.54 -7.41 -5.43
C ASP A 130 17.96 -5.95 -5.48
N VAL A 131 17.07 -5.12 -5.01
CA VAL A 131 17.27 -3.69 -4.89
C VAL A 131 16.50 -3.21 -3.68
N ASP A 132 16.78 -2.02 -3.08
CA ASP A 132 15.76 -1.54 -2.17
C ASP A 132 15.71 -0.02 -2.20
N ARG A 133 14.53 0.42 -2.60
CA ARG A 133 14.06 1.77 -2.55
C ARG A 133 12.54 1.62 -2.46
N ILE A 134 11.81 2.06 -1.44
CA ILE A 134 10.34 1.85 -1.53
C ILE A 134 9.65 3.20 -1.67
N ASP A 135 8.90 3.33 -2.76
CA ASP A 135 8.12 4.52 -3.04
C ASP A 135 6.66 4.11 -3.21
N ILE A 136 5.78 4.57 -2.31
CA ILE A 136 4.37 4.23 -2.40
C ILE A 136 3.59 5.53 -2.18
N GLU A 137 3.06 6.08 -3.26
CA GLU A 137 2.34 7.35 -3.22
C GLU A 137 0.83 7.20 -3.14
N VAL A 138 0.24 7.81 -2.11
CA VAL A 138 -1.20 7.83 -1.90
C VAL A 138 -1.65 9.28 -2.14
N THR A 139 -2.40 9.54 -3.23
CA THR A 139 -2.78 10.93 -3.55
C THR A 139 -4.18 11.32 -3.04
N GLU A 140 -5.14 10.39 -2.98
CA GLU A 140 -6.48 10.72 -2.51
C GLU A 140 -7.27 9.46 -2.18
N VAL A 141 -8.51 9.67 -1.73
CA VAL A 141 -9.43 8.60 -1.38
C VAL A 141 -10.84 8.99 -1.81
N HIS A 142 -11.76 8.02 -1.94
CA HIS A 142 -13.13 8.31 -2.38
C HIS A 142 -14.15 8.17 -1.24
N GLN A 143 -14.91 9.24 -1.00
CA GLN A 143 -15.96 9.28 0.03
C GLN A 143 -15.33 9.37 1.43
N GLY A 144 -14.63 8.30 1.84
CA GLY A 144 -13.99 8.28 3.15
C GLY A 144 -14.96 8.73 4.26
N GLN A 145 -15.81 7.81 4.73
CA GLN A 145 -16.79 8.13 5.76
C GLN A 145 -16.12 8.38 7.12
N ASN A 146 -15.18 7.52 7.49
CA ASN A 146 -14.49 7.66 8.78
C ASN A 146 -13.21 8.51 8.67
N LYS A 147 -12.58 8.50 7.48
CA LYS A 147 -11.34 9.26 7.23
C LYS A 147 -10.38 9.24 8.45
N ASP A 148 -10.39 8.13 9.19
CA ASP A 148 -9.52 7.97 10.36
C ASP A 148 -9.62 6.55 10.96
N ILE A 149 -10.04 5.57 10.15
CA ILE A 149 -10.16 4.19 10.60
C ILE A 149 -8.80 3.60 10.97
N LEU A 150 -8.74 2.28 11.18
CA LEU A 150 -7.49 1.60 11.52
C LEU A 150 -6.75 1.27 10.23
N ALA A 151 -5.43 1.42 10.24
CA ALA A 151 -4.62 1.20 9.05
C ALA A 151 -4.42 -0.30 8.81
N LEU A 152 -4.70 -0.71 7.56
CA LEU A 152 -4.62 -2.10 7.07
C LEU A 152 -3.87 -3.08 8.00
N SER A 153 -4.46 -4.28 8.12
CA SER A 153 -3.92 -5.34 8.97
C SER A 153 -2.42 -5.57 8.78
N GLU A 154 -1.95 -5.65 7.53
CA GLU A 154 -0.51 -5.91 7.29
C GLU A 154 -0.08 -5.68 5.83
N VAL A 155 0.95 -4.83 5.67
CA VAL A 155 1.53 -4.54 4.36
C VAL A 155 2.89 -5.25 4.28
N THR A 156 3.06 -6.16 3.30
CA THR A 156 4.33 -6.91 3.20
C THR A 156 4.95 -6.85 1.80
N PHE A 157 6.28 -6.73 1.76
CA PHE A 157 7.03 -6.68 0.50
C PHE A 157 8.13 -7.76 0.52
N GLY A 158 8.19 -8.60 -0.53
CA GLY A 158 9.21 -9.66 -0.59
C GLY A 158 8.71 -10.88 -1.37
N ASN A 159 9.59 -11.85 -1.58
CA ASN A 159 9.25 -13.07 -2.30
C ASN A 159 8.28 -13.93 -1.48
N SER A 41 3.01 -9.57 13.10
CA SER A 41 2.88 -8.23 12.54
C SER A 41 4.16 -7.42 12.76
N MET A 42 4.23 -6.23 12.14
CA MET A 42 5.40 -5.36 12.27
C MET A 42 5.21 -4.29 13.36
N SER A 43 4.07 -4.32 14.07
CA SER A 43 3.78 -3.33 15.12
C SER A 43 3.69 -1.94 14.50
N THR A 44 2.51 -1.31 14.55
CA THR A 44 2.29 0.02 13.96
C THR A 44 2.52 -0.11 12.45
N VAL A 45 1.43 -0.10 11.68
CA VAL A 45 1.52 -0.27 10.23
C VAL A 45 2.19 0.95 9.57
N TRP A 46 1.69 2.15 9.87
CA TRP A 46 2.28 3.37 9.32
C TRP A 46 2.02 4.57 10.24
N GLU A 47 2.83 5.62 10.09
CA GLU A 47 2.70 6.84 10.91
C GLU A 47 1.84 7.89 10.20
N GLU A 48 1.71 9.07 10.81
CA GLU A 48 0.93 10.18 10.25
C GLU A 48 -0.54 9.77 10.10
N ASN A 49 -1.35 10.10 11.10
CA ASN A 49 -2.78 9.78 11.08
C ASN A 49 -3.50 10.59 10.00
N SER A 50 -3.14 11.87 9.88
CA SER A 50 -3.76 12.76 8.88
C SER A 50 -5.29 12.82 9.06
N PRO A 51 -6.00 13.67 8.32
CA PRO A 51 -7.50 13.78 8.44
C PRO A 51 -8.18 12.41 8.33
N GLY A 52 -7.82 11.65 7.30
CA GLY A 52 -8.38 10.32 7.08
C GLY A 52 -7.29 9.27 7.28
N GLY A 53 -6.96 8.55 6.21
CA GLY A 53 -5.91 7.53 6.26
C GLY A 53 -4.71 7.99 5.42
N GLY A 54 -3.97 8.99 5.94
CA GLY A 54 -2.81 9.54 5.22
C GLY A 54 -3.19 9.89 3.77
N VAL A 55 -4.32 10.57 3.61
CA VAL A 55 -4.83 10.94 2.29
C VAL A 55 -3.87 11.85 1.49
N GLY A 56 -3.50 11.40 0.28
CA GLY A 56 -2.70 12.22 -0.63
C GLY A 56 -1.18 12.19 -0.35
N GLU A 57 -0.77 11.85 0.88
CA GLU A 57 0.66 11.84 1.22
C GLU A 57 1.40 10.64 0.63
N VAL A 58 2.73 10.74 0.59
CA VAL A 58 3.57 9.69 0.02
C VAL A 58 4.37 8.98 1.13
N LEU A 59 4.41 7.64 1.06
CA LEU A 59 5.17 6.85 2.03
C LEU A 59 6.48 6.40 1.39
N SER A 60 7.55 7.15 1.67
CA SER A 60 8.86 6.83 1.10
C SER A 60 9.85 6.41 2.19
N TYR A 61 10.39 5.19 2.04
CA TYR A 61 11.37 4.66 2.99
C TYR A 61 12.67 4.35 2.25
N LYS A 62 13.81 4.60 2.89
CA LYS A 62 15.11 4.35 2.27
C LYS A 62 15.90 3.25 3.03
N PHE A 63 16.13 2.10 2.37
CA PHE A 63 16.89 1.02 2.98
C PHE A 63 18.37 1.18 2.61
N ALA A 64 19.28 0.77 3.50
CA ALA A 64 20.73 0.91 3.28
C ALA A 64 21.35 -0.27 2.53
N SER A 65 20.69 -1.43 2.49
CA SER A 65 21.26 -2.60 1.82
C SER A 65 20.25 -3.20 0.84
N PRO A 66 20.70 -3.87 -0.23
CA PRO A 66 19.77 -4.48 -1.21
C PRO A 66 18.90 -5.57 -0.57
N MET A 67 17.69 -5.70 -1.09
CA MET A 67 16.74 -6.70 -0.60
C MET A 67 15.92 -7.20 -1.78
N HIS A 68 15.88 -8.51 -2.01
CA HIS A 68 15.14 -9.04 -3.15
C HIS A 68 13.65 -9.15 -2.79
N ILE A 69 12.78 -8.65 -3.67
CA ILE A 69 11.34 -8.68 -3.42
C ILE A 69 10.62 -9.34 -4.61
N GLY A 70 9.62 -10.18 -4.30
CA GLY A 70 8.88 -10.90 -5.34
C GLY A 70 7.43 -10.44 -5.43
N ARG A 71 6.73 -10.43 -4.29
CA ARG A 71 5.32 -10.02 -4.26
C ARG A 71 4.99 -9.27 -2.96
N ILE A 72 4.02 -8.36 -3.05
CA ILE A 72 3.57 -7.59 -1.89
C ILE A 72 2.06 -7.78 -1.71
N LEU A 73 1.64 -8.20 -0.51
CA LEU A 73 0.23 -8.42 -0.19
C LEU A 73 -0.30 -7.30 0.71
N ILE A 74 -1.45 -6.73 0.33
CA ILE A 74 -2.04 -5.65 1.13
C ILE A 74 -3.57 -5.83 1.23
N VAL A 75 -4.06 -5.79 2.46
CA VAL A 75 -5.50 -5.93 2.73
C VAL A 75 -6.07 -4.57 3.17
N ASN A 76 -6.91 -3.98 2.32
CA ASN A 76 -7.54 -2.68 2.64
C ASN A 76 -8.56 -2.85 3.76
N GLY A 77 -8.24 -2.31 4.94
CA GLY A 77 -9.11 -2.41 6.09
C GLY A 77 -9.36 -3.88 6.43
N ASP A 78 -10.38 -4.15 7.23
CA ASP A 78 -10.72 -5.53 7.61
C ASP A 78 -11.18 -6.34 6.38
N THR A 79 -11.71 -5.62 5.37
CA THR A 79 -12.19 -6.25 4.14
C THR A 79 -13.21 -7.35 4.47
N SER A 80 -14.14 -7.03 5.35
CA SER A 80 -15.18 -7.97 5.77
C SER A 80 -16.41 -7.93 4.84
N SER A 81 -16.75 -6.74 4.31
CA SER A 81 -17.91 -6.60 3.44
C SER A 81 -17.80 -5.31 2.63
N LYS A 82 -18.52 -5.28 1.52
CA LYS A 82 -18.53 -4.12 0.62
C LYS A 82 -19.01 -2.88 1.39
N GLU A 83 -20.06 -3.04 2.19
CA GLU A 83 -20.56 -1.92 2.99
C GLU A 83 -19.45 -1.41 3.92
N ASN A 84 -18.56 -2.33 4.33
CA ASN A 84 -17.44 -2.00 5.20
C ASN A 84 -16.46 -1.06 4.47
N TYR A 85 -16.32 -1.22 3.15
CA TYR A 85 -15.42 -0.37 2.36
C TYR A 85 -15.87 1.07 2.49
N TYR A 86 -17.16 1.30 2.28
CA TYR A 86 -17.74 2.64 2.39
C TYR A 86 -17.67 3.13 3.85
N LYS A 87 -17.61 2.19 4.80
CA LYS A 87 -17.53 2.52 6.22
C LYS A 87 -16.07 2.63 6.71
N LYS A 88 -15.10 2.25 5.85
CA LYS A 88 -13.69 2.29 6.21
C LYS A 88 -12.87 3.09 5.18
N ASN A 89 -11.71 3.58 5.61
CA ASN A 89 -10.81 4.36 4.75
C ASN A 89 -10.60 3.64 3.42
N ARG A 90 -10.67 4.38 2.31
CA ARG A 90 -10.50 3.78 0.97
C ARG A 90 -9.31 4.39 0.24
N ILE A 91 -8.31 3.56 -0.03
CA ILE A 91 -7.11 4.01 -0.75
C ILE A 91 -7.51 4.46 -2.15
N ALA A 92 -8.39 3.67 -2.80
CA ALA A 92 -8.90 3.97 -4.15
C ALA A 92 -7.81 3.81 -5.23
N LYS A 93 -6.73 4.57 -5.10
CA LYS A 93 -5.63 4.51 -6.06
C LYS A 93 -4.29 4.64 -5.33
N ALA A 94 -3.24 4.09 -5.93
CA ALA A 94 -1.90 4.15 -5.34
C ALA A 94 -0.82 3.81 -6.37
N ASP A 95 0.23 4.61 -6.37
CA ASP A 95 1.36 4.41 -7.28
C ASP A 95 2.53 3.81 -6.51
N VAL A 96 3.10 2.72 -7.03
CA VAL A 96 4.22 2.07 -6.36
C VAL A 96 5.40 2.04 -7.32
N LYS A 97 6.57 2.31 -6.78
CA LYS A 97 7.80 2.31 -7.59
C LYS A 97 9.02 1.85 -6.78
N TYR A 98 10.01 1.23 -7.46
CA TYR A 98 11.22 0.76 -6.82
C TYR A 98 12.41 1.47 -7.50
N TYR A 99 13.26 2.12 -6.71
CA TYR A 99 14.41 2.87 -7.24
C TYR A 99 15.73 2.41 -6.61
N ASN A 100 16.89 2.88 -7.14
CA ASN A 100 18.25 2.56 -6.64
C ASN A 100 18.89 1.48 -7.53
N GLY A 101 20.12 1.07 -7.20
CA GLY A 101 20.81 0.06 -7.99
C GLY A 101 21.52 0.68 -9.21
N ASN A 102 21.17 1.92 -9.57
CA ASN A 102 21.74 2.64 -10.70
C ASN A 102 20.87 3.88 -10.98
N LYS A 103 19.55 3.67 -10.99
CA LYS A 103 18.57 4.73 -11.24
C LYS A 103 17.15 4.10 -11.16
N LEU A 104 16.21 4.54 -12.02
CA LEU A 104 14.86 3.96 -12.01
C LEU A 104 14.95 2.53 -12.51
N VAL A 105 14.58 1.55 -11.67
CA VAL A 105 14.67 0.14 -12.06
C VAL A 105 13.29 -0.40 -12.46
N LEU A 106 12.21 0.11 -11.85
CA LEU A 106 10.85 -0.35 -12.21
C LEU A 106 9.75 0.48 -11.53
N PHE A 107 8.66 0.70 -12.25
CA PHE A 107 7.52 1.47 -11.73
C PHE A 107 6.19 0.83 -12.20
N GLN A 108 5.17 0.90 -11.35
CA GLN A 108 3.86 0.32 -11.70
C GLN A 108 2.72 1.06 -10.99
N LYS A 109 1.68 1.42 -11.76
CA LYS A 109 0.52 2.11 -11.22
C LYS A 109 -0.60 1.10 -10.95
N ILE A 110 -1.21 1.19 -9.76
CA ILE A 110 -2.29 0.25 -9.38
C ILE A 110 -3.47 0.99 -8.75
N GLU A 111 -4.65 0.39 -8.84
CA GLU A 111 -5.87 0.99 -8.28
C GLU A 111 -6.75 -0.08 -7.64
N LEU A 112 -7.47 0.29 -6.58
CA LEU A 112 -8.35 -0.65 -5.88
C LEU A 112 -9.59 0.07 -5.31
N GLY A 113 -10.44 0.59 -6.20
CA GLY A 113 -11.66 1.28 -5.79
C GLY A 113 -12.62 0.30 -5.12
N ASP A 114 -13.81 0.13 -5.70
CA ASP A 114 -14.81 -0.81 -5.18
C ASP A 114 -14.51 -2.22 -5.69
N THR A 115 -14.52 -3.20 -4.78
CA THR A 115 -14.25 -4.58 -5.15
C THR A 115 -14.70 -5.53 -4.04
N TYR A 116 -14.97 -6.77 -4.43
CA TYR A 116 -15.44 -7.81 -3.50
C TYR A 116 -14.44 -8.04 -2.37
N THR A 117 -15.00 -8.39 -1.22
CA THR A 117 -14.21 -8.61 -0.01
C THR A 117 -13.78 -10.07 0.12
N LYS A 118 -12.84 -10.32 1.02
CA LYS A 118 -12.24 -11.66 1.26
C LYS A 118 -11.16 -11.98 0.20
N LYS A 119 -10.82 -10.99 -0.65
CA LYS A 119 -9.80 -11.16 -1.67
C LYS A 119 -8.66 -10.13 -1.43
N PRO A 120 -7.54 -10.52 -0.79
CA PRO A 120 -6.42 -9.57 -0.51
C PRO A 120 -5.83 -8.98 -1.79
N HIS A 121 -5.37 -7.72 -1.70
CA HIS A 121 -4.76 -7.06 -2.86
C HIS A 121 -3.38 -7.64 -3.13
N HIS A 122 -3.29 -8.53 -4.12
CA HIS A 122 -2.03 -9.18 -4.46
C HIS A 122 -1.30 -8.44 -5.59
N ILE A 123 -0.19 -7.77 -5.26
CA ILE A 123 0.61 -7.07 -6.24
C ILE A 123 1.89 -7.89 -6.47
N GLU A 124 2.20 -8.25 -7.73
CA GLU A 124 3.38 -9.06 -8.02
C GLU A 124 4.33 -8.33 -8.99
N ILE A 125 5.55 -8.03 -8.51
CA ILE A 125 6.54 -7.36 -9.33
C ILE A 125 7.30 -8.40 -10.17
N ASP A 126 8.25 -7.91 -10.96
CA ASP A 126 9.05 -8.77 -11.85
C ASP A 126 9.73 -9.95 -11.13
N LYS A 127 9.90 -9.90 -9.80
CA LYS A 127 10.55 -10.98 -9.04
C LYS A 127 11.99 -11.17 -9.53
N LYS A 128 12.85 -11.70 -8.64
CA LYS A 128 14.27 -11.91 -8.99
C LYS A 128 14.87 -10.58 -9.49
N LEU A 129 14.74 -9.55 -8.65
CA LEU A 129 15.21 -8.21 -8.99
C LEU A 129 15.53 -7.48 -7.69
N ASP A 130 16.78 -7.63 -7.14
CA ASP A 130 17.03 -6.96 -5.87
C ASP A 130 17.67 -5.59 -6.04
N VAL A 131 16.93 -4.61 -5.56
CA VAL A 131 17.33 -3.21 -5.44
C VAL A 131 16.61 -2.70 -4.18
N ASP A 132 17.00 -1.58 -3.49
CA ASP A 132 16.04 -1.12 -2.48
C ASP A 132 15.97 0.41 -2.27
N ARG A 133 14.76 0.88 -2.56
CA ARG A 133 14.22 2.18 -2.23
C ARG A 133 12.72 1.93 -2.16
N ILE A 134 11.94 2.41 -1.20
CA ILE A 134 10.49 2.12 -1.27
C ILE A 134 9.72 3.40 -1.54
N ASP A 135 8.95 3.37 -2.63
CA ASP A 135 8.11 4.50 -3.02
C ASP A 135 6.67 4.01 -3.15
N ILE A 136 5.80 4.46 -2.25
CA ILE A 136 4.40 4.06 -2.28
C ILE A 136 3.55 5.31 -2.04
N GLU A 137 2.95 5.82 -3.11
CA GLU A 137 2.15 7.05 -3.04
C GLU A 137 0.64 6.82 -3.14
N VAL A 138 -0.11 7.71 -2.49
CA VAL A 138 -1.58 7.68 -2.52
C VAL A 138 -2.05 8.98 -3.18
N THR A 139 -2.89 8.90 -4.22
CA THR A 139 -3.32 10.09 -4.95
C THR A 139 -4.74 10.58 -4.59
N GLU A 140 -5.67 9.67 -4.23
CA GLU A 140 -7.03 10.10 -3.92
C GLU A 140 -7.84 9.04 -3.17
N VAL A 141 -8.76 9.53 -2.36
CA VAL A 141 -9.68 8.70 -1.58
C VAL A 141 -11.06 9.39 -1.58
N HIS A 142 -12.17 8.68 -1.27
CA HIS A 142 -13.49 9.33 -1.26
C HIS A 142 -14.13 9.30 0.14
N GLN A 143 -14.35 10.51 0.68
CA GLN A 143 -14.93 10.76 2.01
C GLN A 143 -15.54 9.53 2.69
N GLY A 144 -14.68 8.68 3.27
CA GLY A 144 -15.14 7.50 3.95
C GLY A 144 -16.12 7.88 5.06
N GLN A 145 -16.74 6.89 5.70
CA GLN A 145 -17.71 7.17 6.77
C GLN A 145 -17.03 7.52 8.09
N ASN A 146 -16.00 6.74 8.47
CA ASN A 146 -15.29 6.98 9.72
C ASN A 146 -14.11 7.95 9.55
N LYS A 147 -13.50 7.96 8.35
CA LYS A 147 -12.38 8.85 8.06
C LYS A 147 -11.28 8.73 9.12
N ASP A 148 -10.20 7.99 8.78
CA ASP A 148 -9.05 7.76 9.67
C ASP A 148 -9.31 6.60 10.64
N ILE A 149 -9.10 5.39 10.12
CA ILE A 149 -9.28 4.16 10.92
C ILE A 149 -7.90 3.46 11.05
N LEU A 150 -7.84 2.11 10.94
CA LEU A 150 -6.57 1.39 11.04
C LEU A 150 -5.89 1.39 9.66
N ALA A 151 -4.60 1.74 9.64
CA ALA A 151 -3.85 1.81 8.39
C ALA A 151 -3.42 0.41 7.92
N LEU A 152 -4.06 -0.07 6.85
CA LEU A 152 -3.74 -1.37 6.26
C LEU A 152 -3.61 -2.44 7.35
N SER A 153 -4.72 -3.12 7.65
CA SER A 153 -4.74 -4.16 8.68
C SER A 153 -3.61 -5.17 8.48
N GLU A 154 -3.33 -5.52 7.22
CA GLU A 154 -2.28 -6.49 6.90
C GLU A 154 -1.57 -6.15 5.59
N VAL A 155 -0.43 -5.46 5.70
CA VAL A 155 0.38 -5.09 4.53
C VAL A 155 1.80 -5.65 4.70
N THR A 156 2.23 -6.51 3.76
CA THR A 156 3.56 -7.11 3.83
C THR A 156 4.22 -7.16 2.45
N PHE A 157 5.53 -6.87 2.41
CA PHE A 157 6.29 -6.90 1.15
C PHE A 157 7.45 -7.90 1.25
N GLY A 158 7.68 -8.66 0.18
CA GLY A 158 8.76 -9.65 0.17
C GLY A 158 8.38 -10.87 -0.67
N ASN A 159 8.24 -12.02 -0.02
CA ASN A 159 7.89 -13.27 -0.70
C ASN A 159 7.46 -14.34 0.32
N SER A 41 3.18 -10.43 14.12
CA SER A 41 3.61 -10.07 12.76
C SER A 41 3.83 -8.56 12.64
N MET A 42 2.73 -7.78 12.68
CA MET A 42 2.83 -6.32 12.56
C MET A 42 1.53 -5.66 13.02
N SER A 43 1.50 -5.19 14.27
CA SER A 43 0.32 -4.52 14.83
C SER A 43 0.23 -3.09 14.30
N THR A 44 1.33 -2.33 14.47
CA THR A 44 1.39 -0.95 14.00
C THR A 44 1.96 -0.92 12.58
N VAL A 45 1.07 -0.91 11.59
CA VAL A 45 1.47 -0.90 10.18
C VAL A 45 2.12 0.44 9.82
N TRP A 46 1.44 1.56 10.12
CA TRP A 46 2.00 2.88 9.87
C TRP A 46 1.41 3.91 10.84
N GLU A 47 2.11 5.03 11.04
CA GLU A 47 1.65 6.07 11.98
C GLU A 47 0.63 7.00 11.33
N GLU A 48 -0.25 7.56 12.17
CA GLU A 48 -1.29 8.49 11.71
C GLU A 48 -0.94 9.92 12.10
N ASN A 49 -0.54 10.72 11.11
CA ASN A 49 -0.15 12.12 11.35
C ASN A 49 -1.32 12.97 11.86
N SER A 50 -2.48 12.90 11.17
CA SER A 50 -3.66 13.68 11.57
C SER A 50 -4.86 13.43 10.62
N PRO A 51 -4.70 13.58 9.30
CA PRO A 51 -5.82 13.38 8.33
C PRO A 51 -6.56 12.04 8.53
N GLY A 52 -7.52 11.75 7.66
CA GLY A 52 -8.28 10.52 7.75
C GLY A 52 -7.42 9.36 7.26
N GLY A 53 -6.95 8.53 8.19
CA GLY A 53 -6.07 7.41 7.85
C GLY A 53 -4.74 7.96 7.34
N GLY A 54 -4.71 8.34 6.06
CA GLY A 54 -3.50 8.91 5.44
C GLY A 54 -3.80 9.47 4.04
N VAL A 55 -4.78 10.39 3.93
CA VAL A 55 -5.12 10.97 2.62
C VAL A 55 -3.91 11.74 2.03
N GLY A 56 -3.49 11.37 0.81
CA GLY A 56 -2.39 12.11 0.16
C GLY A 56 -0.99 11.68 0.64
N GLU A 57 -0.94 10.81 1.65
CA GLU A 57 0.33 10.39 2.25
C GLU A 57 1.20 9.54 1.30
N VAL A 58 2.47 9.95 1.13
CA VAL A 58 3.41 9.20 0.29
C VAL A 58 4.41 8.49 1.22
N LEU A 59 4.41 7.15 1.18
CA LEU A 59 5.28 6.37 2.04
C LEU A 59 6.64 6.16 1.40
N SER A 60 7.65 6.85 1.94
CA SER A 60 9.02 6.76 1.44
C SER A 60 9.92 6.09 2.47
N TYR A 61 10.42 4.90 2.13
CA TYR A 61 11.30 4.14 3.03
C TYR A 61 12.73 4.17 2.49
N LYS A 62 13.71 4.18 3.41
CA LYS A 62 15.12 4.23 3.05
C LYS A 62 15.76 2.88 3.40
N PHE A 63 16.65 2.41 2.52
CA PHE A 63 17.25 1.09 2.63
C PHE A 63 18.38 0.93 3.65
N ALA A 64 18.28 -0.16 4.44
CA ALA A 64 19.30 -0.52 5.41
C ALA A 64 20.36 -1.42 4.76
N SER A 65 19.95 -2.23 3.75
CA SER A 65 20.84 -3.14 3.06
C SER A 65 20.09 -3.79 1.87
N PRO A 66 20.78 -4.34 0.86
CA PRO A 66 20.11 -4.97 -0.32
C PRO A 66 19.21 -6.14 0.08
N MET A 67 18.02 -6.24 -0.55
CA MET A 67 17.06 -7.31 -0.24
C MET A 67 16.33 -7.71 -1.51
N HIS A 68 16.20 -9.03 -1.79
CA HIS A 68 15.52 -9.45 -3.02
C HIS A 68 14.00 -9.45 -2.80
N ILE A 69 13.25 -8.81 -3.73
CA ILE A 69 11.79 -8.71 -3.58
C ILE A 69 11.09 -9.22 -4.85
N GLY A 70 10.02 -10.00 -4.67
CA GLY A 70 9.29 -10.56 -5.80
C GLY A 70 7.76 -10.38 -5.70
N ARG A 71 7.24 -10.12 -4.48
CA ARG A 71 5.78 -9.96 -4.32
C ARG A 71 5.43 -9.16 -3.05
N ILE A 72 4.29 -8.46 -3.11
CA ILE A 72 3.81 -7.65 -1.97
C ILE A 72 2.33 -8.01 -1.68
N LEU A 73 1.98 -8.17 -0.39
CA LEU A 73 0.61 -8.48 -0.01
C LEU A 73 -0.01 -7.29 0.71
N ILE A 74 -1.14 -6.76 0.19
CA ILE A 74 -1.80 -5.62 0.82
C ILE A 74 -3.32 -5.83 0.81
N VAL A 75 -3.95 -5.82 2.00
CA VAL A 75 -5.41 -5.99 2.11
C VAL A 75 -6.01 -4.70 2.68
N ASN A 76 -6.80 -3.99 1.86
CA ASN A 76 -7.42 -2.73 2.27
C ASN A 76 -8.25 -2.91 3.54
N GLY A 77 -7.88 -2.17 4.58
CA GLY A 77 -8.57 -2.21 5.87
C GLY A 77 -8.82 -3.66 6.32
N ASP A 78 -9.60 -3.81 7.39
CA ASP A 78 -9.94 -5.13 7.93
C ASP A 78 -10.78 -5.93 6.92
N THR A 79 -11.53 -5.20 6.07
CA THR A 79 -12.39 -5.82 5.06
C THR A 79 -13.48 -6.69 5.70
N SER A 80 -14.45 -6.03 6.35
CA SER A 80 -15.56 -6.74 6.99
C SER A 80 -16.69 -6.97 5.98
N SER A 81 -17.16 -5.88 5.37
CA SER A 81 -18.21 -5.92 4.39
C SER A 81 -18.15 -4.62 3.58
N LYS A 82 -18.80 -4.63 2.42
CA LYS A 82 -18.82 -3.46 1.55
C LYS A 82 -19.50 -2.29 2.27
N GLU A 83 -20.56 -2.57 3.01
CA GLU A 83 -21.26 -1.53 3.79
C GLU A 83 -20.24 -0.89 4.75
N ASN A 84 -19.40 -1.74 5.36
CA ASN A 84 -18.35 -1.29 6.28
C ASN A 84 -17.29 -0.48 5.51
N TYR A 85 -17.04 -0.86 4.25
CA TYR A 85 -16.07 -0.16 3.40
C TYR A 85 -16.52 1.30 3.23
N TYR A 86 -17.84 1.50 3.07
CA TYR A 86 -18.39 2.84 2.91
C TYR A 86 -18.10 3.66 4.17
N LYS A 87 -18.14 2.99 5.33
CA LYS A 87 -17.83 3.63 6.61
C LYS A 87 -16.29 3.75 6.78
N LYS A 88 -15.52 3.08 5.92
CA LYS A 88 -14.06 3.11 5.99
C LYS A 88 -13.43 3.88 4.83
N ASN A 89 -12.25 4.44 5.07
CA ASN A 89 -11.52 5.19 4.04
C ASN A 89 -10.68 4.22 3.20
N ARG A 90 -10.70 4.42 1.88
CA ARG A 90 -9.96 3.53 0.96
C ARG A 90 -8.82 4.29 0.27
N ILE A 91 -7.73 3.54 -0.01
CA ILE A 91 -6.56 4.11 -0.69
C ILE A 91 -6.97 4.67 -2.07
N ALA A 92 -8.00 4.06 -2.70
CA ALA A 92 -8.50 4.48 -4.02
C ALA A 92 -7.46 4.18 -5.12
N LYS A 93 -6.35 4.91 -5.11
CA LYS A 93 -5.29 4.73 -6.10
C LYS A 93 -3.94 4.88 -5.40
N ALA A 94 -2.91 4.22 -5.95
CA ALA A 94 -1.58 4.30 -5.37
C ALA A 94 -0.51 3.87 -6.38
N ASP A 95 0.59 4.62 -6.44
CA ASP A 95 1.68 4.32 -7.35
C ASP A 95 2.90 3.78 -6.58
N VAL A 96 3.30 2.54 -6.88
CA VAL A 96 4.43 1.92 -6.23
C VAL A 96 5.59 1.82 -7.23
N LYS A 97 6.77 2.12 -6.73
CA LYS A 97 7.99 2.08 -7.56
C LYS A 97 9.22 1.67 -6.75
N TYR A 98 10.19 1.02 -7.42
CA TYR A 98 11.44 0.61 -6.78
C TYR A 98 12.60 1.23 -7.59
N TYR A 99 13.55 1.89 -6.92
CA TYR A 99 14.68 2.53 -7.61
C TYR A 99 16.01 1.82 -7.32
N ASN A 100 16.96 1.90 -8.26
CA ASN A 100 18.27 1.25 -8.09
C ASN A 100 19.37 2.28 -7.82
N GLY A 101 19.21 2.98 -6.70
CA GLY A 101 20.17 3.98 -6.25
C GLY A 101 20.25 5.24 -7.12
N ASN A 102 19.67 5.19 -8.32
CA ASN A 102 19.69 6.35 -9.21
C ASN A 102 18.56 6.32 -10.24
N LYS A 103 18.37 5.17 -10.91
CA LYS A 103 17.33 5.03 -11.93
C LYS A 103 16.15 4.21 -11.43
N LEU A 104 15.05 4.25 -12.18
CA LEU A 104 13.85 3.49 -11.82
C LEU A 104 13.86 2.11 -12.51
N VAL A 105 13.63 1.04 -11.75
CA VAL A 105 13.61 -0.32 -12.32
C VAL A 105 12.19 -0.91 -12.31
N LEU A 106 11.40 -0.54 -11.30
CA LEU A 106 10.02 -1.04 -11.19
C LEU A 106 9.03 0.13 -11.22
N PHE A 107 8.13 0.12 -12.22
CA PHE A 107 7.12 1.17 -12.36
C PHE A 107 5.73 0.54 -12.48
N GLN A 108 4.94 0.61 -11.41
CA GLN A 108 3.59 0.02 -11.41
C GLN A 108 2.62 0.81 -10.52
N LYS A 109 1.38 0.95 -11.00
CA LYS A 109 0.33 1.63 -10.25
C LYS A 109 -0.83 0.65 -10.00
N ILE A 110 -1.35 0.61 -8.77
CA ILE A 110 -2.43 -0.32 -8.43
C ILE A 110 -3.68 0.40 -7.90
N GLU A 111 -4.83 -0.26 -8.05
CA GLU A 111 -6.11 0.30 -7.59
C GLU A 111 -6.95 -0.82 -6.94
N LEU A 112 -8.15 -0.47 -6.47
CA LEU A 112 -9.04 -1.45 -5.81
C LEU A 112 -10.29 -1.74 -6.64
N GLY A 113 -10.46 -1.06 -7.78
CA GLY A 113 -11.62 -1.27 -8.65
C GLY A 113 -12.93 -1.06 -7.89
N ASP A 114 -13.83 -2.05 -7.99
CA ASP A 114 -15.14 -1.98 -7.32
C ASP A 114 -15.87 -3.31 -7.45
N THR A 115 -15.95 -4.07 -6.35
CA THR A 115 -16.64 -5.37 -6.33
C THR A 115 -16.55 -5.97 -4.92
N TYR A 116 -17.17 -7.13 -4.73
CA TYR A 116 -17.13 -7.82 -3.44
C TYR A 116 -15.71 -8.33 -3.18
N THR A 117 -15.27 -8.18 -1.94
CA THR A 117 -13.92 -8.62 -1.54
C THR A 117 -13.95 -10.04 -1.01
N LYS A 118 -12.76 -10.63 -0.89
CA LYS A 118 -12.61 -12.01 -0.41
C LYS A 118 -11.13 -12.42 -0.34
N LYS A 119 -10.35 -12.02 -1.37
CA LYS A 119 -8.93 -12.34 -1.43
C LYS A 119 -8.07 -11.08 -1.26
N PRO A 120 -6.84 -11.19 -0.74
CA PRO A 120 -5.95 -10.01 -0.54
C PRO A 120 -5.52 -9.39 -1.88
N HIS A 121 -5.15 -8.11 -1.86
CA HIS A 121 -4.70 -7.44 -3.08
C HIS A 121 -3.19 -7.59 -3.18
N HIS A 122 -2.76 -8.71 -3.76
CA HIS A 122 -1.36 -9.04 -3.89
C HIS A 122 -0.75 -8.48 -5.19
N ILE A 123 0.29 -7.67 -5.05
CA ILE A 123 1.00 -7.12 -6.19
C ILE A 123 2.16 -8.06 -6.52
N GLU A 124 2.21 -8.60 -7.74
CA GLU A 124 3.26 -9.53 -8.11
C GLU A 124 4.35 -8.83 -8.92
N ILE A 125 5.56 -8.78 -8.37
CA ILE A 125 6.69 -8.17 -9.06
C ILE A 125 7.24 -9.17 -10.09
N ASP A 126 6.80 -9.02 -11.35
CA ASP A 126 7.22 -9.93 -12.42
C ASP A 126 8.75 -10.08 -12.56
N LYS A 127 9.54 -9.25 -11.87
CA LYS A 127 11.00 -9.34 -11.94
C LYS A 127 11.55 -10.06 -10.70
N LYS A 128 12.86 -10.29 -10.70
CA LYS A 128 13.55 -10.95 -9.60
C LYS A 128 14.93 -10.30 -9.44
N LEU A 129 14.93 -9.13 -8.81
CA LEU A 129 16.15 -8.36 -8.61
C LEU A 129 16.27 -7.96 -7.15
N ASP A 130 17.50 -7.76 -6.62
CA ASP A 130 17.58 -7.27 -5.25
C ASP A 130 18.08 -5.84 -5.33
N VAL A 131 17.23 -4.96 -4.87
CA VAL A 131 17.48 -3.54 -4.78
C VAL A 131 16.71 -3.01 -3.58
N ASP A 132 17.01 -1.80 -3.02
CA ASP A 132 15.99 -1.27 -2.13
C ASP A 132 15.94 0.26 -2.18
N ARG A 133 14.79 0.72 -2.58
CA ARG A 133 14.36 2.10 -2.55
C ARG A 133 12.85 1.98 -2.43
N ILE A 134 12.12 2.51 -1.44
CA ILE A 134 10.66 2.30 -1.50
C ILE A 134 9.91 3.59 -1.75
N ASP A 135 9.15 3.59 -2.84
CA ASP A 135 8.29 4.70 -3.19
C ASP A 135 6.86 4.18 -3.31
N ILE A 136 5.99 4.59 -2.40
CA ILE A 136 4.60 4.16 -2.44
C ILE A 136 3.76 5.42 -2.21
N GLU A 137 3.17 5.93 -3.28
CA GLU A 137 2.40 7.17 -3.20
C GLU A 137 0.88 6.95 -3.15
N VAL A 138 0.21 7.85 -2.42
CA VAL A 138 -1.24 7.83 -2.29
C VAL A 138 -1.76 9.19 -2.77
N THR A 139 -2.51 9.22 -3.88
CA THR A 139 -2.97 10.49 -4.45
C THR A 139 -4.36 10.92 -3.96
N GLU A 140 -5.25 9.99 -3.60
CA GLU A 140 -6.59 10.36 -3.15
C GLU A 140 -7.29 9.20 -2.43
N VAL A 141 -8.43 9.52 -1.83
CA VAL A 141 -9.25 8.55 -1.11
C VAL A 141 -10.71 8.70 -1.55
N HIS A 142 -11.54 7.68 -1.31
CA HIS A 142 -12.96 7.73 -1.71
C HIS A 142 -13.89 7.66 -0.50
N GLN A 143 -14.78 8.65 -0.39
CA GLN A 143 -15.76 8.73 0.70
C GLN A 143 -15.10 9.04 2.04
N GLY A 144 -14.32 8.11 2.56
CA GLY A 144 -13.63 8.30 3.86
C GLY A 144 -14.60 8.88 4.90
N GLN A 145 -15.51 8.04 5.41
CA GLN A 145 -16.51 8.49 6.39
C GLN A 145 -15.94 8.61 7.81
N ASN A 146 -15.17 7.62 8.24
CA ASN A 146 -14.61 7.63 9.60
C ASN A 146 -13.29 8.41 9.68
N LYS A 147 -12.53 8.44 8.57
CA LYS A 147 -11.26 9.16 8.51
C LYS A 147 -10.43 8.99 9.81
N ASP A 148 -10.12 7.74 10.17
CA ASP A 148 -9.33 7.42 11.39
C ASP A 148 -9.26 5.90 11.65
N ILE A 149 -9.55 5.08 10.63
CA ILE A 149 -9.52 3.62 10.78
C ILE A 149 -8.07 3.10 10.73
N LEU A 150 -7.88 1.79 10.46
CA LEU A 150 -6.54 1.21 10.40
C LEU A 150 -5.93 1.42 9.02
N ALA A 151 -4.68 1.90 9.00
CA ALA A 151 -3.96 2.14 7.76
C ALA A 151 -3.32 0.83 7.29
N LEU A 152 -3.79 0.32 6.15
CA LEU A 152 -3.28 -0.94 5.59
C LEU A 152 -3.30 -2.04 6.66
N SER A 153 -4.39 -2.80 6.72
CA SER A 153 -4.54 -3.86 7.71
C SER A 153 -3.42 -4.90 7.63
N GLU A 154 -2.69 -4.93 6.50
CA GLU A 154 -1.60 -5.91 6.32
C GLU A 154 -0.82 -5.65 5.03
N VAL A 155 0.17 -4.76 5.10
CA VAL A 155 1.02 -4.44 3.95
C VAL A 155 2.41 -5.06 4.15
N THR A 156 2.81 -5.95 3.25
CA THR A 156 4.13 -6.60 3.36
C THR A 156 4.82 -6.71 2.00
N PHE A 157 6.15 -6.49 2.00
CA PHE A 157 6.94 -6.59 0.76
C PHE A 157 8.07 -7.60 0.94
N GLY A 158 8.42 -8.30 -0.15
CA GLY A 158 9.48 -9.31 -0.11
C GLY A 158 9.07 -10.55 -0.90
N ASN A 159 9.61 -11.72 -0.51
CA ASN A 159 9.29 -12.98 -1.19
C ASN A 159 8.68 -13.98 -0.21
N SER A 41 1.42 -7.45 13.34
CA SER A 41 1.84 -7.33 11.95
C SER A 41 3.13 -6.51 11.85
N MET A 42 3.06 -5.25 12.28
CA MET A 42 4.23 -4.36 12.24
C MET A 42 4.09 -3.23 13.29
N SER A 43 3.32 -3.49 14.36
CA SER A 43 3.11 -2.50 15.43
C SER A 43 2.26 -1.32 14.92
N THR A 44 2.85 -0.48 14.06
CA THR A 44 2.15 0.67 13.50
C THR A 44 2.15 0.55 11.97
N VAL A 45 1.08 -0.04 11.42
CA VAL A 45 0.98 -0.25 9.97
C VAL A 45 0.79 1.09 9.25
N TRP A 46 -0.20 1.88 9.69
CA TRP A 46 -0.46 3.20 9.09
C TRP A 46 -0.99 4.16 10.17
N GLU A 47 -0.53 5.43 10.11
CA GLU A 47 -0.95 6.44 11.08
C GLU A 47 -1.50 7.67 10.36
N GLU A 48 -2.55 8.28 10.94
CA GLU A 48 -3.17 9.47 10.35
C GLU A 48 -2.48 10.74 10.85
N ASN A 49 -1.81 11.44 9.94
CA ASN A 49 -1.09 12.67 10.27
C ASN A 49 -2.08 13.75 10.74
N SER A 50 -3.22 13.85 10.07
CA SER A 50 -4.24 14.86 10.42
C SER A 50 -5.51 14.66 9.55
N PRO A 51 -5.43 14.74 8.22
CA PRO A 51 -6.64 14.57 7.33
C PRO A 51 -7.30 13.20 7.53
N GLY A 52 -8.13 12.76 6.57
CA GLY A 52 -8.81 11.47 6.68
C GLY A 52 -7.81 10.33 6.88
N GLY A 53 -7.48 9.63 5.80
CA GLY A 53 -6.52 8.53 5.85
C GLY A 53 -5.25 8.90 5.08
N GLY A 54 -4.49 9.86 5.61
CA GLY A 54 -3.26 10.32 4.95
C GLY A 54 -3.52 10.67 3.49
N VAL A 55 -4.56 11.49 3.25
CA VAL A 55 -4.92 11.89 1.89
C VAL A 55 -3.77 12.65 1.22
N GLY A 56 -3.32 12.18 0.04
CA GLY A 56 -2.26 12.88 -0.69
C GLY A 56 -0.85 12.54 -0.17
N GLU A 57 -0.76 11.77 0.93
CA GLU A 57 0.52 11.45 1.55
C GLU A 57 1.39 10.53 0.67
N VAL A 58 2.71 10.72 0.77
CA VAL A 58 3.68 9.92 0.02
C VAL A 58 4.54 9.13 1.00
N LEU A 59 4.47 7.80 0.92
CA LEU A 59 5.24 6.93 1.81
C LEU A 59 6.61 6.64 1.21
N SER A 60 7.66 7.20 1.82
CA SER A 60 9.02 7.01 1.35
C SER A 60 9.87 6.33 2.43
N TYR A 61 10.28 5.09 2.17
CA TYR A 61 11.10 4.32 3.11
C TYR A 61 12.53 4.19 2.56
N LYS A 62 13.51 4.20 3.48
CA LYS A 62 14.93 4.11 3.09
C LYS A 62 15.52 2.76 3.51
N PHE A 63 16.39 2.23 2.66
CA PHE A 63 16.97 0.90 2.82
C PHE A 63 18.11 0.76 3.85
N ALA A 64 18.05 -0.34 4.63
CA ALA A 64 19.09 -0.68 5.58
C ALA A 64 20.17 -1.54 4.89
N SER A 65 19.74 -2.40 3.93
CA SER A 65 20.63 -3.29 3.20
C SER A 65 19.89 -3.91 2.01
N PRO A 66 20.55 -4.24 0.90
CA PRO A 66 19.87 -4.83 -0.31
C PRO A 66 19.18 -6.17 0.00
N MET A 67 18.01 -6.37 -0.63
CA MET A 67 17.23 -7.60 -0.47
C MET A 67 16.56 -7.88 -1.82
N HIS A 68 16.22 -9.14 -2.14
CA HIS A 68 15.61 -9.42 -3.43
C HIS A 68 14.11 -9.12 -3.36
N ILE A 69 13.55 -8.59 -4.47
CA ILE A 69 12.13 -8.24 -4.50
C ILE A 69 11.39 -9.15 -5.48
N GLY A 70 10.32 -9.78 -5.01
CA GLY A 70 9.52 -10.68 -5.84
C GLY A 70 8.09 -10.19 -5.96
N ARG A 71 7.44 -9.94 -4.82
CA ARG A 71 6.05 -9.47 -4.82
C ARG A 71 5.65 -8.87 -3.47
N ILE A 72 4.57 -8.08 -3.49
CA ILE A 72 4.05 -7.43 -2.27
C ILE A 72 2.58 -7.83 -2.08
N LEU A 73 2.21 -8.18 -0.84
CA LEU A 73 0.84 -8.59 -0.53
C LEU A 73 0.17 -7.55 0.38
N ILE A 74 -1.00 -7.04 -0.04
CA ILE A 74 -1.71 -6.03 0.76
C ILE A 74 -3.20 -6.35 0.88
N VAL A 75 -3.70 -6.41 2.11
CA VAL A 75 -5.13 -6.60 2.35
C VAL A 75 -5.63 -5.31 3.03
N ASN A 76 -6.41 -4.52 2.31
CA ASN A 76 -6.89 -3.24 2.82
C ASN A 76 -8.09 -3.38 3.73
N GLY A 77 -8.15 -2.46 4.70
CA GLY A 77 -9.23 -2.42 5.66
C GLY A 77 -9.37 -3.76 6.40
N ASP A 78 -10.27 -3.79 7.38
CA ASP A 78 -10.52 -5.00 8.18
C ASP A 78 -11.45 -5.99 7.44
N THR A 79 -11.93 -5.61 6.24
CA THR A 79 -12.81 -6.48 5.45
C THR A 79 -13.97 -7.03 6.29
N SER A 80 -14.74 -6.13 6.91
CA SER A 80 -15.88 -6.53 7.72
C SER A 80 -17.12 -6.71 6.84
N SER A 81 -17.45 -5.66 6.06
CA SER A 81 -18.58 -5.69 5.16
C SER A 81 -18.42 -4.61 4.11
N LYS A 82 -18.93 -4.89 2.92
CA LYS A 82 -18.87 -3.94 1.80
C LYS A 82 -19.45 -2.59 2.21
N GLU A 83 -20.55 -2.63 2.96
CA GLU A 83 -21.19 -1.41 3.47
C GLU A 83 -20.24 -0.66 4.40
N ASN A 84 -19.40 -1.40 5.13
CA ASN A 84 -18.43 -0.81 6.05
C ASN A 84 -17.46 0.10 5.29
N TYR A 85 -17.03 -0.34 4.09
CA TYR A 85 -16.11 0.43 3.27
C TYR A 85 -16.73 1.77 2.87
N TYR A 86 -18.02 1.74 2.54
CA TYR A 86 -18.74 2.94 2.11
C TYR A 86 -18.77 3.97 3.24
N LYS A 87 -18.91 3.50 4.48
CA LYS A 87 -18.95 4.38 5.65
C LYS A 87 -17.54 4.68 6.22
N LYS A 88 -16.48 4.13 5.59
CA LYS A 88 -15.11 4.35 6.07
C LYS A 88 -14.22 4.91 4.94
N ASN A 89 -13.05 5.45 5.30
CA ASN A 89 -12.12 6.05 4.33
C ASN A 89 -11.43 4.97 3.48
N ARG A 90 -11.17 5.28 2.20
CA ARG A 90 -10.52 4.35 1.28
C ARG A 90 -9.26 4.97 0.68
N ILE A 91 -8.22 4.15 0.46
CA ILE A 91 -6.97 4.64 -0.14
C ILE A 91 -7.18 4.99 -1.64
N ALA A 92 -8.26 4.45 -2.24
CA ALA A 92 -8.58 4.69 -3.66
C ALA A 92 -7.53 4.08 -4.58
N LYS A 93 -6.36 4.74 -4.73
CA LYS A 93 -5.30 4.22 -5.59
C LYS A 93 -3.94 4.79 -5.16
N ALA A 94 -2.87 4.06 -5.46
CA ALA A 94 -1.52 4.50 -5.10
C ALA A 94 -0.49 3.97 -6.10
N ASP A 95 0.52 4.80 -6.40
CA ASP A 95 1.58 4.42 -7.33
C ASP A 95 2.76 3.86 -6.54
N VAL A 96 3.25 2.67 -6.94
CA VAL A 96 4.36 2.04 -6.25
C VAL A 96 5.56 1.91 -7.21
N LYS A 97 6.72 2.29 -6.71
CA LYS A 97 7.96 2.23 -7.51
C LYS A 97 9.12 1.65 -6.70
N TYR A 98 10.06 1.00 -7.40
CA TYR A 98 11.25 0.44 -6.78
C TYR A 98 12.44 0.98 -7.57
N TYR A 99 13.49 1.42 -6.88
CA TYR A 99 14.66 1.99 -7.57
C TYR A 99 15.87 1.05 -7.45
N ASN A 100 16.67 0.97 -8.53
CA ASN A 100 17.85 0.12 -8.52
C ASN A 100 19.08 0.90 -8.03
N GLY A 101 18.88 1.67 -6.97
CA GLY A 101 19.95 2.48 -6.37
C GLY A 101 20.43 3.64 -7.26
N ASN A 102 20.09 3.64 -8.55
CA ASN A 102 20.48 4.71 -9.48
C ASN A 102 19.91 4.44 -10.89
N LYS A 103 18.63 4.06 -10.96
CA LYS A 103 17.96 3.78 -12.24
C LYS A 103 16.50 3.39 -12.00
N LEU A 104 15.61 3.80 -12.91
CA LEU A 104 14.19 3.47 -12.80
C LEU A 104 13.96 2.08 -13.40
N VAL A 105 13.64 1.09 -12.55
CA VAL A 105 13.43 -0.28 -13.03
C VAL A 105 11.97 -0.73 -12.82
N LEU A 106 11.34 -0.24 -11.73
CA LEU A 106 9.94 -0.59 -11.45
C LEU A 106 9.06 0.65 -11.32
N PHE A 107 8.01 0.71 -12.14
CA PHE A 107 7.08 1.83 -12.13
C PHE A 107 5.68 1.34 -12.55
N GLN A 108 4.78 1.18 -11.57
CA GLN A 108 3.42 0.72 -11.85
C GLN A 108 2.42 1.26 -10.83
N LYS A 109 1.22 1.59 -11.29
CA LYS A 109 0.18 2.12 -10.42
C LYS A 109 -0.96 1.11 -10.25
N ILE A 110 -1.50 1.00 -9.03
CA ILE A 110 -2.59 0.06 -8.74
C ILE A 110 -3.75 0.79 -8.06
N GLU A 111 -4.97 0.23 -8.20
CA GLU A 111 -6.16 0.82 -7.60
C GLU A 111 -6.67 -0.05 -6.46
N LEU A 112 -7.71 0.43 -5.76
CA LEU A 112 -8.28 -0.31 -4.64
C LEU A 112 -9.82 -0.21 -4.64
N GLY A 113 -10.49 -1.36 -4.74
CA GLY A 113 -11.96 -1.39 -4.75
C GLY A 113 -12.45 -2.43 -5.76
N ASP A 114 -12.60 -3.68 -5.29
CA ASP A 114 -13.05 -4.78 -6.16
C ASP A 114 -14.28 -5.49 -5.57
N THR A 115 -15.35 -4.71 -5.32
CA THR A 115 -16.61 -5.23 -4.78
C THR A 115 -16.35 -6.29 -3.66
N TYR A 116 -16.89 -7.51 -3.78
CA TYR A 116 -16.71 -8.54 -2.78
C TYR A 116 -15.22 -8.86 -2.59
N THR A 117 -14.80 -8.85 -1.34
CA THR A 117 -13.40 -9.14 -0.97
C THR A 117 -13.27 -10.57 -0.48
N LYS A 118 -12.03 -11.05 -0.44
CA LYS A 118 -11.71 -12.41 0.03
C LYS A 118 -10.24 -12.75 -0.29
N LYS A 119 -9.75 -12.28 -1.45
CA LYS A 119 -8.39 -12.54 -1.89
C LYS A 119 -7.49 -11.31 -1.64
N PRO A 120 -6.26 -11.48 -1.16
CA PRO A 120 -5.34 -10.32 -0.88
C PRO A 120 -4.88 -9.63 -2.18
N HIS A 121 -4.73 -8.29 -2.10
CA HIS A 121 -4.26 -7.51 -3.26
C HIS A 121 -2.76 -7.77 -3.41
N HIS A 122 -2.42 -8.74 -4.26
CA HIS A 122 -1.02 -9.12 -4.46
C HIS A 122 -0.42 -8.51 -5.73
N ILE A 123 0.60 -7.67 -5.53
CA ILE A 123 1.33 -7.05 -6.64
C ILE A 123 2.55 -7.95 -6.90
N GLU A 124 2.80 -8.36 -8.16
CA GLU A 124 3.91 -9.25 -8.45
C GLU A 124 4.99 -8.58 -9.31
N ILE A 125 6.19 -8.43 -8.74
CA ILE A 125 7.32 -7.86 -9.48
C ILE A 125 8.01 -9.01 -10.24
N ASP A 126 7.58 -9.25 -11.48
CA ASP A 126 8.11 -10.35 -12.30
C ASP A 126 9.66 -10.29 -12.45
N LYS A 127 10.32 -9.18 -12.05
CA LYS A 127 11.77 -9.09 -12.15
C LYS A 127 12.46 -9.79 -10.97
N LYS A 128 13.76 -10.02 -11.10
CA LYS A 128 14.55 -10.67 -10.05
C LYS A 128 15.81 -9.86 -9.78
N LEU A 129 15.61 -8.67 -9.21
CA LEU A 129 16.70 -7.76 -8.88
C LEU A 129 16.66 -7.47 -7.39
N ASP A 130 17.83 -7.32 -6.71
CA ASP A 130 17.72 -6.96 -5.30
C ASP A 130 18.30 -5.57 -5.10
N VAL A 131 17.43 -4.69 -4.68
CA VAL A 131 17.75 -3.34 -4.31
C VAL A 131 16.80 -2.92 -3.19
N ASP A 132 16.96 -1.73 -2.59
CA ASP A 132 15.86 -1.25 -1.81
C ASP A 132 15.77 0.27 -1.88
N ARG A 133 14.64 0.69 -2.38
CA ARG A 133 14.20 2.06 -2.41
C ARG A 133 12.70 1.94 -2.38
N ILE A 134 11.94 2.43 -1.40
CA ILE A 134 10.49 2.24 -1.51
C ILE A 134 9.78 3.55 -1.73
N ASP A 135 9.03 3.59 -2.82
CA ASP A 135 8.23 4.76 -3.17
C ASP A 135 6.78 4.31 -3.32
N ILE A 136 5.91 4.74 -2.42
CA ILE A 136 4.50 4.39 -2.48
C ILE A 136 3.70 5.67 -2.25
N GLU A 137 3.14 6.20 -3.33
CA GLU A 137 2.40 7.47 -3.27
C GLU A 137 0.88 7.29 -3.35
N VAL A 138 0.19 8.21 -2.68
CA VAL A 138 -1.27 8.25 -2.66
C VAL A 138 -1.71 9.55 -3.36
N THR A 139 -2.50 9.44 -4.43
CA THR A 139 -2.90 10.65 -5.19
C THR A 139 -4.23 11.23 -4.73
N GLU A 140 -5.17 10.37 -4.27
CA GLU A 140 -6.47 10.84 -3.82
C GLU A 140 -7.19 9.77 -3.00
N VAL A 141 -8.21 10.20 -2.27
CA VAL A 141 -9.03 9.31 -1.46
C VAL A 141 -10.47 9.80 -1.45
N HIS A 142 -11.43 8.91 -1.21
CA HIS A 142 -12.84 9.31 -1.15
C HIS A 142 -13.14 9.80 0.27
N GLN A 143 -13.99 10.83 0.38
CA GLN A 143 -14.34 11.40 1.67
C GLN A 143 -15.23 10.44 2.46
N GLY A 144 -14.63 9.35 2.94
CA GLY A 144 -15.36 8.36 3.71
C GLY A 144 -16.04 9.01 4.91
N GLN A 145 -17.02 8.31 5.49
CA GLN A 145 -17.77 8.83 6.63
C GLN A 145 -16.97 8.71 7.92
N ASN A 146 -16.26 7.59 8.09
CA ASN A 146 -15.49 7.37 9.31
C ASN A 146 -14.23 8.23 9.36
N LYS A 147 -13.67 8.57 8.19
CA LYS A 147 -12.46 9.41 8.08
C LYS A 147 -11.48 9.18 9.24
N ASP A 148 -10.54 8.22 9.02
CA ASP A 148 -9.49 7.81 9.99
C ASP A 148 -9.80 6.41 10.53
N ILE A 149 -9.49 5.39 9.72
CA ILE A 149 -9.73 3.99 10.09
C ILE A 149 -8.44 3.18 9.95
N LEU A 150 -8.49 1.91 10.37
CA LEU A 150 -7.34 1.02 10.26
C LEU A 150 -7.39 0.30 8.92
N ALA A 151 -6.25 0.21 8.23
CA ALA A 151 -6.19 -0.44 6.93
C ALA A 151 -4.86 -1.17 6.74
N LEU A 152 -4.76 -1.95 5.66
CA LEU A 152 -3.54 -2.71 5.35
C LEU A 152 -3.11 -3.53 6.57
N SER A 153 -4.10 -4.20 7.18
CA SER A 153 -3.88 -5.02 8.37
C SER A 153 -2.62 -5.88 8.26
N GLU A 154 -2.26 -6.28 7.04
CA GLU A 154 -1.09 -7.11 6.82
C GLU A 154 -0.33 -6.69 5.54
N VAL A 155 0.30 -5.51 5.60
CA VAL A 155 1.07 -4.99 4.48
C VAL A 155 2.45 -5.68 4.48
N THR A 156 2.79 -6.40 3.38
CA THR A 156 4.07 -7.14 3.32
C THR A 156 4.75 -7.02 1.96
N PHE A 157 6.07 -6.78 1.99
CA PHE A 157 6.87 -6.68 0.76
C PHE A 157 8.11 -7.58 0.85
N GLY A 158 8.41 -8.29 -0.24
CA GLY A 158 9.57 -9.19 -0.28
C GLY A 158 9.40 -10.27 -1.34
N ASN A 159 10.45 -11.10 -1.51
CA ASN A 159 10.42 -12.18 -2.51
C ASN A 159 9.92 -13.49 -1.87
N SER A 41 5.91 -9.93 12.41
CA SER A 41 7.10 -9.09 12.30
C SER A 41 6.75 -7.63 11.94
N MET A 42 5.46 -7.29 11.91
CA MET A 42 5.02 -5.93 11.60
C MET A 42 4.12 -5.40 12.72
N SER A 43 4.43 -4.19 13.21
CA SER A 43 3.66 -3.57 14.29
C SER A 43 2.90 -2.35 13.77
N THR A 44 1.77 -2.03 14.41
CA THR A 44 0.93 -0.89 14.04
C THR A 44 0.64 -0.90 12.53
N VAL A 45 -0.12 0.10 12.06
CA VAL A 45 -0.47 0.20 10.65
C VAL A 45 0.64 0.93 9.89
N TRP A 46 1.02 2.10 10.40
CA TRP A 46 2.11 2.88 9.81
C TRP A 46 2.76 3.77 10.87
N GLU A 47 3.93 4.31 10.55
CA GLU A 47 4.63 5.21 11.47
C GLU A 47 4.57 6.66 10.96
N GLU A 48 3.35 7.23 10.97
CA GLU A 48 3.15 8.62 10.50
C GLU A 48 2.00 9.30 11.25
N ASN A 49 1.80 10.59 10.99
CA ASN A 49 0.75 11.37 11.66
C ASN A 49 -0.66 10.94 11.24
N SER A 50 -0.88 10.81 9.93
CA SER A 50 -2.19 10.41 9.40
C SER A 50 -3.34 11.25 10.00
N PRO A 51 -3.81 12.32 9.34
CA PRO A 51 -4.91 13.18 9.88
C PRO A 51 -6.23 12.40 10.06
N GLY A 52 -6.88 12.04 8.95
CA GLY A 52 -8.13 11.27 9.01
C GLY A 52 -7.82 9.81 8.69
N GLY A 53 -8.29 9.34 7.54
CA GLY A 53 -8.01 7.97 7.12
C GLY A 53 -6.67 7.94 6.36
N GLY A 54 -5.63 8.51 6.99
CA GLY A 54 -4.28 8.56 6.39
C GLY A 54 -4.29 9.26 5.02
N VAL A 55 -5.09 10.32 4.88
CA VAL A 55 -5.19 11.06 3.61
C VAL A 55 -3.85 11.69 3.18
N GLY A 56 -3.36 11.38 1.97
CA GLY A 56 -2.15 12.05 1.47
C GLY A 56 -0.83 11.43 1.99
N GLU A 57 -0.93 10.46 2.91
CA GLU A 57 0.26 9.89 3.55
C GLU A 57 1.11 9.08 2.57
N VAL A 58 2.43 9.33 2.60
CA VAL A 58 3.37 8.62 1.74
C VAL A 58 4.25 7.69 2.60
N LEU A 59 4.82 6.67 1.99
CA LEU A 59 5.67 5.72 2.72
C LEU A 59 7.04 5.66 2.08
N SER A 60 8.01 6.36 2.67
CA SER A 60 9.36 6.40 2.14
C SER A 60 10.32 5.64 3.08
N TYR A 61 10.95 4.59 2.54
CA TYR A 61 11.90 3.78 3.31
C TYR A 61 13.30 3.90 2.70
N LYS A 62 14.34 3.87 3.55
CA LYS A 62 15.72 4.00 3.07
C LYS A 62 16.46 2.66 3.25
N PHE A 63 17.18 2.26 2.20
CA PHE A 63 17.88 0.99 2.15
C PHE A 63 19.27 0.95 2.81
N ALA A 64 19.55 -0.16 3.50
CA ALA A 64 20.86 -0.40 4.10
C ALA A 64 21.77 -1.10 3.08
N SER A 65 21.17 -2.00 2.27
CA SER A 65 21.89 -2.76 1.25
C SER A 65 20.85 -3.39 0.28
N PRO A 66 21.26 -4.00 -0.83
CA PRO A 66 20.29 -4.62 -1.78
C PRO A 66 19.56 -5.80 -1.14
N MET A 67 18.32 -6.05 -1.60
CA MET A 67 17.51 -7.13 -1.07
C MET A 67 16.66 -7.70 -2.21
N HIS A 68 16.45 -9.02 -2.27
CA HIS A 68 15.69 -9.60 -3.35
C HIS A 68 14.19 -9.48 -3.04
N ILE A 69 13.39 -8.96 -3.98
CA ILE A 69 11.95 -8.81 -3.76
C ILE A 69 11.20 -9.49 -4.92
N GLY A 70 9.99 -10.01 -4.64
CA GLY A 70 9.21 -10.70 -5.67
C GLY A 70 7.70 -10.51 -5.54
N ARG A 71 7.18 -10.44 -4.30
CA ARG A 71 5.73 -10.30 -4.10
C ARG A 71 5.40 -9.46 -2.87
N ILE A 72 4.31 -8.69 -2.98
CA ILE A 72 3.83 -7.85 -1.87
C ILE A 72 2.34 -8.11 -1.64
N LEU A 73 1.94 -8.17 -0.37
CA LEU A 73 0.54 -8.41 0.00
C LEU A 73 -0.04 -7.17 0.69
N ILE A 74 -1.22 -6.73 0.26
CA ILE A 74 -1.86 -5.55 0.85
C ILE A 74 -3.35 -5.81 1.11
N VAL A 75 -3.80 -5.58 2.36
CA VAL A 75 -5.22 -5.77 2.71
C VAL A 75 -5.86 -4.40 2.95
N ASN A 76 -6.79 -4.02 2.06
CA ASN A 76 -7.49 -2.74 2.17
C ASN A 76 -8.54 -2.80 3.28
N GLY A 77 -8.39 -1.96 4.30
CA GLY A 77 -9.32 -1.92 5.43
C GLY A 77 -9.52 -3.32 6.01
N ASP A 78 -10.40 -3.43 7.00
CA ASP A 78 -10.69 -4.71 7.65
C ASP A 78 -11.45 -5.65 6.70
N THR A 79 -12.22 -5.06 5.77
CA THR A 79 -13.02 -5.83 4.80
C THR A 79 -14.14 -6.64 5.49
N SER A 80 -15.12 -5.93 6.03
CA SER A 80 -16.26 -6.57 6.70
C SER A 80 -17.37 -6.91 5.69
N SER A 81 -17.82 -5.89 4.96
CA SER A 81 -18.87 -6.05 3.97
C SER A 81 -18.82 -4.86 3.02
N LYS A 82 -19.28 -5.05 1.79
CA LYS A 82 -19.30 -3.98 0.80
C LYS A 82 -20.06 -2.77 1.33
N GLU A 83 -21.18 -3.02 2.02
CA GLU A 83 -21.94 -1.94 2.64
C GLU A 83 -21.04 -1.20 3.63
N ASN A 84 -20.25 -1.97 4.37
CA ASN A 84 -19.30 -1.43 5.34
C ASN A 84 -18.23 -0.58 4.62
N TYR A 85 -17.86 -0.98 3.39
CA TYR A 85 -16.86 -0.23 2.62
C TYR A 85 -17.36 1.19 2.40
N TYR A 86 -18.66 1.35 2.13
CA TYR A 86 -19.23 2.68 1.95
C TYR A 86 -19.09 3.46 3.27
N LYS A 87 -19.15 2.72 4.39
CA LYS A 87 -19.00 3.28 5.73
C LYS A 87 -17.50 3.36 6.12
N LYS A 88 -16.60 2.89 5.24
CA LYS A 88 -15.16 2.90 5.50
C LYS A 88 -14.39 3.65 4.41
N ASN A 89 -13.28 4.30 4.79
CA ASN A 89 -12.46 5.03 3.82
C ASN A 89 -11.72 4.02 2.93
N ARG A 90 -11.70 4.29 1.62
CA ARG A 90 -11.04 3.38 0.68
C ARG A 90 -9.66 3.92 0.28
N ILE A 91 -8.66 3.05 0.27
CA ILE A 91 -7.28 3.43 -0.08
C ILE A 91 -7.24 4.23 -1.40
N ALA A 92 -8.29 4.07 -2.23
CA ALA A 92 -8.42 4.79 -3.51
C ALA A 92 -7.33 4.40 -4.52
N LYS A 93 -6.12 4.99 -4.40
CA LYS A 93 -5.04 4.71 -5.35
C LYS A 93 -3.69 4.89 -4.68
N ALA A 94 -2.68 4.17 -5.19
CA ALA A 94 -1.34 4.25 -4.66
C ALA A 94 -0.31 3.84 -5.72
N ASP A 95 0.76 4.63 -5.83
CA ASP A 95 1.82 4.35 -6.80
C ASP A 95 3.04 3.79 -6.08
N VAL A 96 3.39 2.54 -6.37
CA VAL A 96 4.53 1.88 -5.75
C VAL A 96 5.66 1.75 -6.77
N LYS A 97 6.85 2.20 -6.39
CA LYS A 97 8.01 2.12 -7.30
C LYS A 97 9.31 1.78 -6.56
N TYR A 98 10.22 1.12 -7.27
CA TYR A 98 11.52 0.76 -6.73
C TYR A 98 12.58 1.38 -7.65
N TYR A 99 13.54 2.14 -7.10
CA TYR A 99 14.57 2.75 -7.97
C TYR A 99 15.93 2.75 -7.27
N ASN A 100 17.00 2.51 -8.03
CA ASN A 100 18.36 2.50 -7.48
C ASN A 100 19.33 2.05 -8.58
N GLY A 101 20.58 1.73 -8.21
CA GLY A 101 21.55 1.28 -9.20
C GLY A 101 21.83 2.32 -10.30
N ASN A 102 21.76 3.62 -9.95
CA ASN A 102 21.99 4.70 -10.90
C ASN A 102 21.03 4.65 -12.10
N LYS A 103 19.80 4.12 -11.88
CA LYS A 103 18.81 4.05 -12.96
C LYS A 103 17.45 3.53 -12.47
N LEU A 104 16.37 4.01 -13.11
CA LEU A 104 15.01 3.59 -12.76
C LEU A 104 14.81 2.13 -13.20
N VAL A 105 14.38 1.23 -12.28
CA VAL A 105 14.21 -0.18 -12.63
C VAL A 105 12.73 -0.63 -12.57
N LEU A 106 11.94 -0.06 -11.65
CA LEU A 106 10.52 -0.45 -11.54
C LEU A 106 9.62 0.76 -11.25
N PHE A 107 8.51 0.83 -11.99
CA PHE A 107 7.53 1.91 -11.83
C PHE A 107 6.12 1.33 -12.10
N GLN A 108 5.35 1.09 -11.04
CA GLN A 108 4.01 0.52 -11.19
C GLN A 108 2.99 1.19 -10.26
N LYS A 109 1.80 1.46 -10.81
CA LYS A 109 0.71 2.08 -10.04
C LYS A 109 -0.50 1.14 -10.03
N ILE A 110 -1.22 1.09 -8.90
CA ILE A 110 -2.40 0.21 -8.78
C ILE A 110 -3.57 0.95 -8.11
N GLU A 111 -4.79 0.48 -8.41
CA GLU A 111 -6.00 1.09 -7.86
C GLU A 111 -7.10 0.03 -7.62
N LEU A 112 -8.08 0.38 -6.79
CA LEU A 112 -9.19 -0.53 -6.46
C LEU A 112 -10.54 0.12 -6.86
N GLY A 113 -11.32 -0.55 -7.73
CA GLY A 113 -12.60 0.00 -8.17
C GLY A 113 -13.79 -0.81 -7.60
N ASP A 114 -13.80 -1.00 -6.27
CA ASP A 114 -14.87 -1.74 -5.59
C ASP A 114 -14.98 -3.18 -6.10
N THR A 115 -15.00 -4.13 -5.15
CA THR A 115 -15.10 -5.56 -5.44
C THR A 115 -15.04 -6.36 -4.14
N TYR A 116 -15.59 -7.57 -4.13
CA TYR A 116 -15.55 -8.40 -2.94
C TYR A 116 -14.12 -8.89 -2.70
N THR A 117 -13.66 -8.82 -1.45
CA THR A 117 -12.32 -9.24 -1.08
C THR A 117 -12.32 -10.12 0.16
N LYS A 118 -11.19 -10.78 0.39
CA LYS A 118 -11.03 -11.68 1.53
C LYS A 118 -9.54 -11.89 1.82
N LYS A 119 -8.79 -12.32 0.80
CA LYS A 119 -7.36 -12.54 0.92
C LYS A 119 -6.62 -11.24 0.55
N PRO A 120 -5.43 -10.99 1.09
CA PRO A 120 -4.67 -9.73 0.77
C PRO A 120 -4.39 -9.59 -0.73
N HIS A 121 -4.56 -8.36 -1.25
CA HIS A 121 -4.30 -8.07 -2.66
C HIS A 121 -2.89 -8.54 -3.01
N HIS A 122 -2.81 -9.66 -3.74
CA HIS A 122 -1.53 -10.25 -4.10
C HIS A 122 -0.91 -9.58 -5.33
N ILE A 123 0.10 -8.75 -5.10
CA ILE A 123 0.83 -8.07 -6.17
C ILE A 123 2.15 -8.81 -6.37
N GLU A 124 2.53 -9.12 -7.61
CA GLU A 124 3.77 -9.87 -7.86
C GLU A 124 4.72 -9.12 -8.78
N ILE A 125 5.89 -8.75 -8.26
CA ILE A 125 6.93 -8.07 -9.04
C ILE A 125 7.59 -9.10 -9.98
N ASP A 126 6.96 -9.34 -11.13
CA ASP A 126 7.46 -10.35 -12.10
C ASP A 126 8.95 -10.16 -12.48
N LYS A 127 9.44 -8.91 -12.58
CA LYS A 127 10.83 -8.65 -12.96
C LYS A 127 11.85 -9.60 -12.28
N LYS A 128 11.65 -9.86 -10.99
CA LYS A 128 12.57 -10.70 -10.22
C LYS A 128 13.96 -10.08 -10.24
N LEU A 129 14.20 -9.17 -9.31
CA LEU A 129 15.47 -8.46 -9.22
C LEU A 129 15.74 -8.06 -7.78
N ASP A 130 17.01 -7.75 -7.41
CA ASP A 130 17.21 -7.25 -6.06
C ASP A 130 17.79 -5.84 -6.17
N VAL A 131 17.03 -4.92 -5.65
CA VAL A 131 17.39 -3.53 -5.54
C VAL A 131 16.73 -2.99 -4.27
N ASP A 132 17.15 -1.85 -3.65
CA ASP A 132 16.21 -1.34 -2.66
C ASP A 132 16.20 0.17 -2.53
N ARG A 133 15.04 0.71 -2.81
CA ARG A 133 14.64 2.07 -2.54
C ARG A 133 13.14 1.96 -2.40
N ILE A 134 12.42 2.27 -1.31
CA ILE A 134 10.95 2.08 -1.43
C ILE A 134 10.19 3.40 -1.37
N ASP A 135 9.44 3.61 -2.45
CA ASP A 135 8.59 4.77 -2.60
C ASP A 135 7.16 4.28 -2.84
N ILE A 136 6.28 4.49 -1.88
CA ILE A 136 4.88 4.09 -2.01
C ILE A 136 4.06 5.31 -1.61
N GLU A 137 3.49 5.96 -2.62
CA GLU A 137 2.74 7.21 -2.40
C GLU A 137 1.21 7.06 -2.51
N VAL A 138 0.50 7.67 -1.55
CA VAL A 138 -0.97 7.69 -1.57
C VAL A 138 -1.36 9.09 -2.07
N THR A 139 -2.00 9.16 -3.24
CA THR A 139 -2.34 10.48 -3.82
C THR A 139 -3.75 10.95 -3.47
N GLU A 140 -4.63 10.05 -3.01
CA GLU A 140 -5.99 10.42 -2.66
C GLU A 140 -6.63 9.33 -1.83
N VAL A 141 -7.76 9.66 -1.24
CA VAL A 141 -8.54 8.75 -0.43
C VAL A 141 -10.03 9.05 -0.61
N HIS A 142 -10.87 8.05 -0.36
CA HIS A 142 -12.32 8.21 -0.50
C HIS A 142 -12.90 8.81 0.77
N GLN A 143 -13.91 9.67 0.58
CA GLN A 143 -14.60 10.39 1.68
C GLN A 143 -14.57 9.63 3.02
N GLY A 144 -14.82 8.32 3.01
CA GLY A 144 -14.80 7.54 4.24
C GLY A 144 -15.84 8.11 5.22
N GLN A 145 -16.97 7.43 5.34
CA GLN A 145 -18.05 7.87 6.23
C GLN A 145 -17.52 8.17 7.64
N ASN A 146 -16.68 7.28 8.17
CA ASN A 146 -16.13 7.45 9.51
C ASN A 146 -14.93 8.41 9.52
N LYS A 147 -14.18 8.46 8.41
CA LYS A 147 -13.02 9.36 8.30
C LYS A 147 -12.08 9.19 9.51
N ASP A 148 -11.89 7.93 9.94
CA ASP A 148 -11.00 7.62 11.09
C ASP A 148 -11.04 6.12 11.43
N ILE A 149 -11.36 5.29 10.43
CA ILE A 149 -11.42 3.83 10.62
C ILE A 149 -9.99 3.25 10.56
N LEU A 150 -9.87 1.93 10.34
CA LEU A 150 -8.57 1.31 10.21
C LEU A 150 -8.16 1.49 8.74
N ALA A 151 -7.18 2.35 8.49
CA ALA A 151 -6.74 2.62 7.13
C ALA A 151 -5.55 1.74 6.79
N LEU A 152 -5.77 0.72 5.95
CA LEU A 152 -4.70 -0.20 5.55
C LEU A 152 -4.25 -1.05 6.74
N SER A 153 -4.97 -2.17 6.98
CA SER A 153 -4.69 -3.05 8.12
C SER A 153 -3.18 -3.31 8.31
N GLU A 154 -2.47 -3.64 7.21
CA GLU A 154 -1.01 -3.91 7.27
C GLU A 154 -0.52 -4.54 5.96
N VAL A 155 0.43 -3.88 5.31
CA VAL A 155 1.00 -4.38 4.05
C VAL A 155 2.32 -5.09 4.33
N THR A 156 2.65 -6.09 3.51
CA THR A 156 3.91 -6.84 3.69
C THR A 156 4.60 -7.07 2.34
N PHE A 157 5.84 -6.58 2.22
CA PHE A 157 6.63 -6.74 0.99
C PHE A 157 7.83 -7.66 1.22
N GLY A 158 8.12 -8.51 0.22
CA GLY A 158 9.24 -9.45 0.32
C GLY A 158 9.08 -10.58 -0.71
N ASN A 159 9.24 -11.82 -0.25
CA ASN A 159 9.12 -12.98 -1.12
C ASN A 159 8.37 -14.12 -0.40
N SER A 41 1.81 -10.06 13.01
CA SER A 41 1.92 -8.83 12.25
C SER A 41 3.02 -7.93 12.83
N MET A 42 3.25 -6.77 12.20
CA MET A 42 4.27 -5.83 12.66
C MET A 42 3.88 -5.24 14.04
N SER A 43 3.02 -4.21 14.05
CA SER A 43 2.56 -3.55 15.30
C SER A 43 1.78 -2.29 14.91
N THR A 44 2.50 -1.31 14.36
CA THR A 44 1.90 -0.06 13.89
C THR A 44 2.12 -0.01 12.38
N VAL A 45 1.03 0.10 11.61
CA VAL A 45 1.18 0.08 10.14
C VAL A 45 1.88 1.35 9.66
N TRP A 46 1.38 2.51 10.07
CA TRP A 46 2.01 3.80 9.71
C TRP A 46 1.66 4.85 10.76
N GLU A 47 2.38 5.99 10.75
CA GLU A 47 2.12 7.06 11.71
C GLU A 47 2.73 8.40 11.26
N GLU A 48 2.01 9.49 11.53
CA GLU A 48 2.47 10.83 11.17
C GLU A 48 1.92 11.85 12.18
N ASN A 49 2.12 13.15 11.90
CA ASN A 49 1.67 14.22 12.81
C ASN A 49 0.14 14.20 13.01
N SER A 50 -0.62 14.14 11.91
CA SER A 50 -2.10 14.12 11.99
C SER A 50 -2.75 14.10 10.57
N PRO A 51 -2.44 13.12 9.73
CA PRO A 51 -3.04 13.04 8.35
C PRO A 51 -4.45 12.43 8.37
N GLY A 52 -5.44 13.13 7.79
CA GLY A 52 -6.81 12.61 7.74
C GLY A 52 -6.82 11.28 6.99
N GLY A 53 -6.91 10.17 7.73
CA GLY A 53 -6.90 8.83 7.12
C GLY A 53 -5.80 8.69 6.04
N GLY A 54 -4.55 9.00 6.43
CA GLY A 54 -3.40 8.91 5.52
C GLY A 54 -3.61 9.64 4.19
N VAL A 55 -4.57 10.58 4.13
CA VAL A 55 -4.82 11.33 2.89
C VAL A 55 -3.57 12.10 2.47
N GLY A 56 -3.09 11.86 1.25
CA GLY A 56 -1.96 12.61 0.71
C GLY A 56 -0.60 12.08 1.20
N GLU A 57 -0.60 11.12 2.12
CA GLU A 57 0.63 10.59 2.71
C GLU A 57 1.46 9.81 1.70
N VAL A 58 2.76 9.70 1.98
CA VAL A 58 3.69 8.99 1.11
C VAL A 58 4.43 7.90 1.90
N LEU A 59 4.24 6.65 1.49
CA LEU A 59 4.89 5.52 2.13
C LEU A 59 6.26 5.33 1.48
N SER A 60 7.27 6.01 2.03
CA SER A 60 8.62 5.93 1.46
C SER A 60 9.64 5.46 2.49
N TYR A 61 10.19 4.26 2.26
CA TYR A 61 11.19 3.69 3.16
C TYR A 61 12.50 3.43 2.39
N LYS A 62 13.64 3.62 3.06
CA LYS A 62 14.95 3.41 2.42
C LYS A 62 15.79 2.38 3.20
N PHE A 63 16.05 1.21 2.59
CA PHE A 63 16.85 0.17 3.23
C PHE A 63 18.35 0.45 3.00
N ALA A 64 19.18 0.09 3.99
CA ALA A 64 20.62 0.33 3.93
C ALA A 64 21.35 -0.59 2.95
N SER A 65 20.74 -1.72 2.56
CA SER A 65 21.39 -2.65 1.65
C SER A 65 20.39 -3.26 0.66
N PRO A 66 20.84 -3.81 -0.46
CA PRO A 66 19.91 -4.41 -1.46
C PRO A 66 19.15 -5.60 -0.90
N MET A 67 17.94 -5.82 -1.42
CA MET A 67 17.09 -6.91 -1.00
C MET A 67 16.32 -7.39 -2.23
N HIS A 68 16.08 -8.70 -2.37
CA HIS A 68 15.37 -9.19 -3.54
C HIS A 68 13.87 -9.02 -3.28
N ILE A 69 13.09 -8.66 -4.32
CA ILE A 69 11.65 -8.44 -4.14
C ILE A 69 10.85 -9.30 -5.09
N GLY A 70 9.82 -9.97 -4.58
CA GLY A 70 8.98 -10.85 -5.39
C GLY A 70 7.57 -10.28 -5.56
N ARG A 71 6.88 -10.06 -4.43
CA ARG A 71 5.53 -9.52 -4.46
C ARG A 71 5.18 -8.83 -3.14
N ILE A 72 4.11 -8.02 -3.16
CA ILE A 72 3.66 -7.31 -1.96
C ILE A 72 2.18 -7.61 -1.70
N LEU A 73 1.88 -8.05 -0.47
CA LEU A 73 0.51 -8.37 -0.08
C LEU A 73 -0.05 -7.23 0.75
N ILE A 74 -1.27 -6.77 0.43
CA ILE A 74 -1.89 -5.68 1.17
C ILE A 74 -3.37 -5.95 1.43
N VAL A 75 -3.76 -5.83 2.69
CA VAL A 75 -5.15 -6.01 3.08
C VAL A 75 -5.69 -4.66 3.54
N ASN A 76 -6.60 -4.06 2.74
CA ASN A 76 -7.17 -2.75 3.05
C ASN A 76 -7.57 -2.66 4.52
N GLY A 77 -7.49 -1.44 5.05
CA GLY A 77 -7.81 -1.13 6.47
C GLY A 77 -8.57 -2.24 7.21
N ASP A 78 -9.92 -2.17 7.23
CA ASP A 78 -10.73 -3.18 7.93
C ASP A 78 -11.21 -4.30 7.00
N THR A 79 -11.40 -3.99 5.71
CA THR A 79 -11.87 -4.98 4.71
C THR A 79 -12.94 -5.93 5.30
N SER A 80 -14.07 -5.35 5.73
CA SER A 80 -15.15 -6.14 6.33
C SER A 80 -16.12 -6.66 5.27
N SER A 81 -16.65 -5.75 4.45
CA SER A 81 -17.59 -6.10 3.40
C SER A 81 -17.64 -4.95 2.39
N LYS A 82 -18.10 -5.26 1.19
CA LYS A 82 -18.20 -4.26 0.14
C LYS A 82 -19.07 -3.08 0.59
N GLU A 83 -20.15 -3.39 1.32
CA GLU A 83 -21.04 -2.35 1.84
C GLU A 83 -20.27 -1.52 2.88
N ASN A 84 -19.48 -2.21 3.71
CA ASN A 84 -18.67 -1.56 4.73
C ASN A 84 -17.66 -0.61 4.09
N TYR A 85 -17.16 -0.97 2.90
CA TYR A 85 -16.21 -0.13 2.18
C TYR A 85 -16.84 1.22 1.87
N TYR A 86 -18.12 1.22 1.51
CA TYR A 86 -18.84 2.44 1.17
C TYR A 86 -18.87 3.37 2.39
N LYS A 87 -18.96 2.81 3.61
CA LYS A 87 -18.94 3.63 4.83
C LYS A 87 -17.52 3.76 5.42
N LYS A 88 -16.52 3.10 4.79
CA LYS A 88 -15.14 3.15 5.25
C LYS A 88 -14.27 3.93 4.24
N ASN A 89 -13.05 4.31 4.66
CA ASN A 89 -12.13 5.06 3.81
C ASN A 89 -11.31 4.12 2.92
N ARG A 90 -11.25 4.45 1.62
CA ARG A 90 -10.51 3.63 0.64
C ARG A 90 -9.26 4.36 0.14
N ILE A 91 -8.28 3.61 -0.38
CA ILE A 91 -7.04 4.19 -0.90
C ILE A 91 -7.31 4.97 -2.22
N ALA A 92 -8.36 4.58 -2.95
CA ALA A 92 -8.72 5.23 -4.22
C ALA A 92 -7.65 4.98 -5.31
N LYS A 93 -6.49 5.65 -5.21
CA LYS A 93 -5.43 5.48 -6.19
C LYS A 93 -4.07 5.59 -5.51
N ALA A 94 -3.07 4.93 -6.09
CA ALA A 94 -1.72 4.96 -5.52
C ALA A 94 -0.69 4.47 -6.55
N ASP A 95 0.53 5.02 -6.49
CA ASP A 95 1.59 4.63 -7.40
C ASP A 95 2.74 3.99 -6.62
N VAL A 96 3.23 2.84 -7.09
CA VAL A 96 4.34 2.15 -6.45
C VAL A 96 5.52 2.09 -7.40
N LYS A 97 6.70 2.32 -6.86
CA LYS A 97 7.92 2.32 -7.67
C LYS A 97 9.13 1.82 -6.89
N TYR A 98 10.10 1.21 -7.60
CA TYR A 98 11.32 0.73 -7.00
C TYR A 98 12.51 1.49 -7.62
N TYR A 99 13.35 2.06 -6.77
CA TYR A 99 14.51 2.84 -7.22
C TYR A 99 15.81 2.29 -6.64
N ASN A 100 16.96 2.81 -7.13
CA ASN A 100 18.30 2.42 -6.70
C ASN A 100 18.83 1.31 -7.58
N GLY A 101 20.08 0.93 -7.37
CA GLY A 101 20.70 -0.12 -8.17
C GLY A 101 21.04 0.31 -9.62
N ASN A 102 20.45 1.43 -10.08
CA ASN A 102 20.66 2.00 -11.43
C ASN A 102 19.50 2.97 -11.72
N LYS A 103 19.39 4.05 -10.93
CA LYS A 103 18.32 5.03 -11.11
C LYS A 103 16.95 4.30 -11.01
N LEU A 104 15.91 4.81 -11.69
CA LEU A 104 14.60 4.15 -11.64
C LEU A 104 14.68 2.81 -12.41
N VAL A 105 14.33 1.70 -11.75
CA VAL A 105 14.40 0.37 -12.38
C VAL A 105 13.02 -0.26 -12.55
N LEU A 106 12.09 0.02 -11.62
CA LEU A 106 10.74 -0.53 -11.71
C LEU A 106 9.67 0.55 -11.50
N PHE A 107 8.68 0.56 -12.40
CA PHE A 107 7.59 1.53 -12.34
C PHE A 107 6.25 0.84 -12.59
N GLN A 108 5.29 1.03 -11.66
CA GLN A 108 3.97 0.41 -11.78
C GLN A 108 2.95 1.11 -10.88
N LYS A 109 1.82 1.50 -11.46
CA LYS A 109 0.76 2.18 -10.70
C LYS A 109 -0.33 1.18 -10.28
N ILE A 110 -1.12 1.57 -9.28
CA ILE A 110 -2.19 0.72 -8.76
C ILE A 110 -3.43 1.57 -8.44
N GLU A 111 -4.61 0.92 -8.44
CA GLU A 111 -5.87 1.62 -8.14
C GLU A 111 -6.91 0.64 -7.60
N LEU A 112 -7.44 0.94 -6.41
CA LEU A 112 -8.44 0.08 -5.77
C LEU A 112 -9.82 0.77 -5.75
N GLY A 113 -10.74 0.31 -6.61
CA GLY A 113 -12.08 0.90 -6.68
C GLY A 113 -13.16 -0.11 -6.23
N ASP A 114 -12.81 -1.40 -6.21
CA ASP A 114 -13.74 -2.46 -5.80
C ASP A 114 -12.99 -3.78 -5.61
N THR A 115 -12.94 -4.28 -4.38
CA THR A 115 -12.25 -5.54 -4.09
C THR A 115 -13.04 -6.38 -3.08
N TYR A 116 -13.32 -7.62 -3.47
CA TYR A 116 -14.04 -8.56 -2.63
C TYR A 116 -13.26 -8.83 -1.34
N THR A 117 -14.01 -9.07 -0.26
CA THR A 117 -13.41 -9.30 1.05
C THR A 117 -13.14 -10.78 1.29
N LYS A 118 -12.35 -11.06 2.33
CA LYS A 118 -11.91 -12.42 2.71
C LYS A 118 -10.63 -12.83 1.95
N LYS A 119 -10.31 -12.08 0.87
CA LYS A 119 -9.11 -12.36 0.08
C LYS A 119 -8.18 -11.11 0.11
N PRO A 120 -6.86 -11.27 0.32
CA PRO A 120 -5.93 -10.11 0.36
C PRO A 120 -5.58 -9.55 -1.02
N HIS A 121 -5.24 -8.25 -1.07
CA HIS A 121 -4.87 -7.61 -2.33
C HIS A 121 -3.39 -7.87 -2.60
N HIS A 122 -3.10 -8.97 -3.30
CA HIS A 122 -1.72 -9.35 -3.60
C HIS A 122 -1.23 -8.80 -4.94
N ILE A 123 -0.23 -7.93 -4.87
CA ILE A 123 0.39 -7.35 -6.07
C ILE A 123 1.64 -8.18 -6.39
N GLU A 124 1.72 -8.80 -7.57
CA GLU A 124 2.87 -9.63 -7.92
C GLU A 124 3.78 -8.93 -8.94
N ILE A 125 5.03 -8.65 -8.51
CA ILE A 125 6.02 -8.01 -9.38
C ILE A 125 6.67 -9.09 -10.25
N ASP A 126 6.16 -9.30 -11.47
CA ASP A 126 6.67 -10.33 -12.38
C ASP A 126 8.20 -10.27 -12.59
N LYS A 127 8.87 -9.17 -12.17
CA LYS A 127 10.31 -9.04 -12.34
C LYS A 127 11.04 -9.75 -11.20
N LYS A 128 12.38 -9.67 -11.19
CA LYS A 128 13.20 -10.29 -10.15
C LYS A 128 14.61 -9.68 -10.17
N LEU A 129 14.73 -8.54 -9.49
CA LEU A 129 16.01 -7.81 -9.42
C LEU A 129 16.25 -7.39 -7.97
N ASP A 130 17.49 -7.50 -7.43
CA ASP A 130 17.63 -7.03 -6.05
C ASP A 130 18.12 -5.58 -6.10
N VAL A 131 17.29 -4.73 -5.56
CA VAL A 131 17.55 -3.30 -5.41
C VAL A 131 16.84 -2.85 -4.14
N ASP A 132 17.17 -1.71 -3.48
CA ASP A 132 16.20 -1.28 -2.49
C ASP A 132 16.10 0.24 -2.35
N ARG A 133 14.87 0.66 -2.66
CA ARG A 133 14.32 1.97 -2.43
C ARG A 133 12.83 1.70 -2.29
N ILE A 134 12.06 2.17 -1.31
CA ILE A 134 10.62 1.86 -1.37
C ILE A 134 9.84 3.15 -1.61
N ASP A 135 9.07 3.15 -2.71
CA ASP A 135 8.22 4.29 -3.06
C ASP A 135 6.77 3.82 -3.20
N ILE A 136 5.91 4.23 -2.28
CA ILE A 136 4.51 3.87 -2.33
C ILE A 136 3.71 5.14 -2.01
N GLU A 137 3.11 5.75 -3.03
CA GLU A 137 2.37 7.02 -2.81
C GLU A 137 0.87 6.93 -3.08
N VAL A 138 0.10 7.65 -2.25
CA VAL A 138 -1.36 7.73 -2.39
C VAL A 138 -1.70 9.22 -2.48
N THR A 139 -2.38 9.63 -3.57
CA THR A 139 -2.67 11.06 -3.79
C THR A 139 -4.04 11.49 -3.25
N GLU A 140 -4.96 10.54 -3.03
CA GLU A 140 -6.29 10.87 -2.55
C GLU A 140 -6.99 9.61 -2.02
N VAL A 141 -8.08 9.84 -1.31
CA VAL A 141 -8.88 8.76 -0.74
C VAL A 141 -10.36 9.03 -1.01
N HIS A 142 -11.20 8.00 -0.90
CA HIS A 142 -12.63 8.16 -1.13
C HIS A 142 -13.28 8.64 0.17
N GLN A 143 -14.28 9.52 0.01
CA GLN A 143 -15.01 10.16 1.11
C GLN A 143 -14.87 9.49 2.48
N GLY A 144 -15.02 8.16 2.55
CA GLY A 144 -14.90 7.45 3.81
C GLY A 144 -15.87 8.03 4.84
N GLN A 145 -17.04 7.42 4.97
CA GLN A 145 -18.08 7.88 5.88
C GLN A 145 -17.57 8.01 7.33
N ASN A 146 -16.84 7.00 7.83
CA ASN A 146 -16.33 7.04 9.21
C ASN A 146 -15.13 8.00 9.34
N LYS A 147 -14.35 8.17 8.26
CA LYS A 147 -13.20 9.06 8.28
C LYS A 147 -12.23 8.69 9.42
N ASP A 148 -11.16 7.96 9.07
CA ASP A 148 -10.13 7.50 10.03
C ASP A 148 -10.58 6.21 10.69
N ILE A 149 -10.41 5.12 9.95
CA ILE A 149 -10.84 3.80 10.40
C ILE A 149 -9.62 2.89 10.78
N LEU A 150 -9.68 1.59 10.48
CA LEU A 150 -8.61 0.65 10.82
C LEU A 150 -7.52 0.67 9.76
N ALA A 151 -6.26 0.58 10.19
CA ALA A 151 -5.14 0.59 9.27
C ALA A 151 -4.96 -0.79 8.62
N LEU A 152 -4.08 -0.86 7.62
CA LEU A 152 -3.84 -2.11 6.88
C LEU A 152 -2.67 -2.89 7.51
N SER A 153 -2.91 -3.39 8.72
CA SER A 153 -1.91 -4.15 9.48
C SER A 153 -1.28 -5.30 8.67
N GLU A 154 -2.06 -5.95 7.82
CA GLU A 154 -1.55 -7.09 7.03
C GLU A 154 -0.83 -6.63 5.74
N VAL A 155 -0.13 -5.50 5.82
CA VAL A 155 0.64 -4.99 4.68
C VAL A 155 2.08 -5.52 4.76
N THR A 156 2.50 -6.29 3.73
CA THR A 156 3.86 -6.86 3.71
C THR A 156 4.48 -6.75 2.31
N PHE A 157 5.78 -6.44 2.25
CA PHE A 157 6.49 -6.33 0.96
C PHE A 157 7.77 -7.18 0.97
N GLY A 158 8.00 -7.96 -0.09
CA GLY A 158 9.20 -8.80 -0.18
C GLY A 158 8.91 -10.12 -0.90
N ASN A 159 9.65 -11.16 -0.53
CA ASN A 159 9.50 -12.48 -1.14
C ASN A 159 8.67 -13.40 -0.23
N SER A 41 3.89 -9.76 13.29
CA SER A 41 5.29 -9.33 13.26
C SER A 41 5.39 -7.81 13.07
N MET A 42 4.49 -7.25 12.25
CA MET A 42 4.48 -5.82 11.98
C MET A 42 3.57 -5.10 12.99
N SER A 43 4.13 -4.70 14.14
CA SER A 43 3.35 -3.99 15.17
C SER A 43 2.67 -2.77 14.54
N THR A 44 1.37 -2.90 14.25
CA THR A 44 0.60 -1.83 13.59
C THR A 44 1.18 -1.60 12.20
N VAL A 45 0.31 -1.52 11.17
CA VAL A 45 0.79 -1.36 9.81
C VAL A 45 1.40 0.05 9.65
N TRP A 46 0.65 1.08 10.02
CA TRP A 46 1.18 2.45 10.04
C TRP A 46 0.41 3.31 11.05
N GLU A 47 1.08 4.31 11.64
CA GLU A 47 0.44 5.19 12.63
C GLU A 47 0.80 6.66 12.37
N GLU A 48 0.33 7.19 11.24
CA GLU A 48 0.59 8.59 10.87
C GLU A 48 -0.43 9.54 11.50
N ASN A 49 0.01 10.78 11.75
CA ASN A 49 -0.87 11.80 12.35
C ASN A 49 -2.01 12.20 11.41
N SER A 50 -1.74 12.12 10.09
CA SER A 50 -2.69 12.46 9.00
C SER A 50 -4.17 12.60 9.46
N PRO A 51 -4.90 13.65 9.04
CA PRO A 51 -6.34 13.84 9.43
C PRO A 51 -7.18 12.58 9.20
N GLY A 52 -7.26 12.13 7.94
CA GLY A 52 -8.04 10.94 7.61
C GLY A 52 -7.12 9.72 7.55
N GLY A 53 -7.33 8.87 6.54
CA GLY A 53 -6.52 7.67 6.37
C GLY A 53 -5.30 7.96 5.48
N GLY A 54 -4.35 8.74 6.04
CA GLY A 54 -3.13 9.10 5.33
C GLY A 54 -3.42 9.78 3.99
N VAL A 55 -4.38 10.72 3.96
CA VAL A 55 -4.71 11.41 2.72
C VAL A 55 -3.50 12.18 2.17
N GLY A 56 -3.10 11.90 0.92
CA GLY A 56 -2.01 12.65 0.30
C GLY A 56 -0.61 12.15 0.73
N GLU A 57 -0.56 11.26 1.73
CA GLU A 57 0.70 10.78 2.29
C GLU A 57 1.50 9.91 1.31
N VAL A 58 2.84 10.02 1.39
CA VAL A 58 3.74 9.22 0.56
C VAL A 58 4.71 8.46 1.48
N LEU A 59 4.70 7.12 1.39
CA LEU A 59 5.56 6.30 2.22
C LEU A 59 6.86 5.98 1.48
N SER A 60 7.93 6.70 1.84
CA SER A 60 9.23 6.49 1.22
C SER A 60 10.21 5.89 2.23
N TYR A 61 10.61 4.63 1.98
CA TYR A 61 11.54 3.93 2.88
C TYR A 61 12.83 3.52 2.16
N LYS A 62 13.95 3.56 2.88
CA LYS A 62 15.26 3.18 2.31
C LYS A 62 15.99 2.20 3.25
N PHE A 63 16.57 1.13 2.66
CA PHE A 63 17.29 0.12 3.45
C PHE A 63 18.81 0.24 3.25
N ALA A 64 19.59 -0.19 4.24
CA ALA A 64 21.05 -0.10 4.20
C ALA A 64 21.71 -1.15 3.27
N SER A 65 20.99 -2.24 2.92
CA SER A 65 21.58 -3.27 2.07
C SER A 65 20.59 -3.72 0.99
N PRO A 66 21.06 -4.38 -0.07
CA PRO A 66 20.15 -4.84 -1.16
C PRO A 66 19.25 -6.00 -0.72
N MET A 67 18.07 -6.08 -1.34
CA MET A 67 17.10 -7.11 -1.03
C MET A 67 16.37 -7.49 -2.32
N HIS A 68 16.19 -8.79 -2.59
CA HIS A 68 15.49 -9.18 -3.82
C HIS A 68 13.99 -9.11 -3.58
N ILE A 69 13.22 -8.63 -4.58
CA ILE A 69 11.77 -8.49 -4.41
C ILE A 69 11.05 -9.60 -5.20
N GLY A 70 9.81 -9.90 -4.82
CA GLY A 70 9.03 -10.94 -5.50
C GLY A 70 7.55 -10.58 -5.58
N ARG A 71 6.91 -10.37 -4.42
CA ARG A 71 5.48 -10.04 -4.37
C ARG A 71 5.14 -9.22 -3.11
N ILE A 72 4.03 -8.47 -3.18
CA ILE A 72 3.59 -7.66 -2.04
C ILE A 72 2.12 -7.99 -1.72
N LEU A 73 1.87 -8.35 -0.47
CA LEU A 73 0.52 -8.72 -0.01
C LEU A 73 -0.04 -7.65 0.93
N ILE A 74 -1.28 -7.21 0.66
CA ILE A 74 -1.91 -6.20 1.51
C ILE A 74 -3.39 -6.52 1.77
N VAL A 75 -3.77 -6.59 3.04
CA VAL A 75 -5.16 -6.82 3.43
C VAL A 75 -5.67 -5.52 4.06
N ASN A 76 -6.57 -4.82 3.37
CA ASN A 76 -7.10 -3.55 3.85
C ASN A 76 -7.55 -3.67 5.31
N GLY A 77 -7.87 -2.52 5.90
CA GLY A 77 -8.31 -2.44 7.30
C GLY A 77 -9.17 -3.65 7.71
N ASP A 78 -10.48 -3.59 7.43
CA ASP A 78 -11.38 -4.69 7.78
C ASP A 78 -11.61 -5.65 6.60
N THR A 79 -11.53 -5.13 5.36
CA THR A 79 -11.74 -5.94 4.13
C THR A 79 -12.90 -6.93 4.33
N SER A 80 -13.95 -6.47 5.01
CA SER A 80 -15.12 -7.30 5.30
C SER A 80 -16.14 -7.27 4.16
N SER A 81 -16.45 -6.07 3.68
CA SER A 81 -17.40 -5.90 2.60
C SER A 81 -17.20 -4.55 1.93
N LYS A 82 -17.59 -4.49 0.67
CA LYS A 82 -17.47 -3.27 -0.13
C LYS A 82 -18.17 -2.11 0.58
N GLU A 83 -19.34 -2.39 1.17
CA GLU A 83 -20.07 -1.36 1.91
C GLU A 83 -19.17 -0.82 3.04
N ASN A 84 -18.35 -1.72 3.60
CA ASN A 84 -17.42 -1.37 4.66
C ASN A 84 -16.36 -0.37 4.16
N TYR A 85 -15.96 -0.51 2.88
CA TYR A 85 -14.98 0.40 2.29
C TYR A 85 -15.52 1.82 2.32
N TYR A 86 -16.82 1.97 2.04
CA TYR A 86 -17.47 3.28 2.07
C TYR A 86 -17.44 3.84 3.51
N LYS A 87 -17.47 2.94 4.50
CA LYS A 87 -17.45 3.32 5.91
C LYS A 87 -16.01 3.51 6.45
N LYS A 88 -15.02 2.87 5.82
CA LYS A 88 -13.63 2.93 6.26
C LYS A 88 -12.70 3.57 5.21
N ASN A 89 -11.58 4.13 5.70
CA ASN A 89 -10.59 4.80 4.84
C ASN A 89 -10.41 4.12 3.46
N ARG A 90 -10.67 4.90 2.42
CA ARG A 90 -10.58 4.44 1.03
C ARG A 90 -9.17 4.68 0.46
N ILE A 91 -8.39 3.60 0.21
CA ILE A 91 -7.07 3.78 -0.38
C ILE A 91 -7.24 4.41 -1.79
N ALA A 92 -8.32 4.01 -2.48
CA ALA A 92 -8.66 4.53 -3.81
C ALA A 92 -7.57 4.24 -4.85
N LYS A 93 -6.50 5.04 -4.85
CA LYS A 93 -5.41 4.87 -5.80
C LYS A 93 -4.06 4.91 -5.09
N ALA A 94 -3.06 4.24 -5.67
CA ALA A 94 -1.73 4.23 -5.08
C ALA A 94 -0.67 3.92 -6.15
N ASP A 95 0.44 4.66 -6.11
CA ASP A 95 1.53 4.46 -7.05
C ASP A 95 2.74 3.87 -6.33
N VAL A 96 3.06 2.60 -6.63
CA VAL A 96 4.18 1.92 -6.01
C VAL A 96 5.29 1.74 -7.03
N LYS A 97 6.50 2.02 -6.58
CA LYS A 97 7.69 1.93 -7.45
C LYS A 97 8.93 1.49 -6.67
N TYR A 98 9.86 0.82 -7.38
CA TYR A 98 11.12 0.39 -6.79
C TYR A 98 12.24 1.05 -7.61
N TYR A 99 13.17 1.73 -6.93
CA TYR A 99 14.28 2.41 -7.65
C TYR A 99 15.63 1.73 -7.40
N ASN A 100 16.56 1.94 -8.33
CA ASN A 100 17.89 1.37 -8.24
C ASN A 100 18.87 2.43 -7.73
N GLY A 101 18.58 2.96 -6.54
CA GLY A 101 19.42 3.99 -5.93
C GLY A 101 19.22 5.39 -6.54
N ASN A 102 18.59 5.47 -7.73
CA ASN A 102 18.35 6.75 -8.39
C ASN A 102 17.56 6.57 -9.70
N LYS A 103 17.90 5.54 -10.49
CA LYS A 103 17.23 5.30 -11.77
C LYS A 103 15.95 4.46 -11.60
N LEU A 104 14.95 4.74 -12.45
CA LEU A 104 13.67 4.03 -12.42
C LEU A 104 13.81 2.64 -13.09
N VAL A 105 13.65 1.56 -12.32
CA VAL A 105 13.76 0.21 -12.87
C VAL A 105 12.41 -0.53 -12.79
N LEU A 106 11.61 -0.23 -11.75
CA LEU A 106 10.30 -0.87 -11.59
C LEU A 106 9.19 0.18 -11.38
N PHE A 107 8.23 0.19 -12.31
CA PHE A 107 7.10 1.12 -12.26
C PHE A 107 5.79 0.34 -12.16
N GLN A 108 5.01 0.57 -11.09
CA GLN A 108 3.74 -0.14 -10.90
C GLN A 108 2.65 0.76 -10.32
N LYS A 109 1.47 0.73 -10.95
CA LYS A 109 0.33 1.51 -10.50
C LYS A 109 -0.79 0.56 -10.07
N ILE A 110 -1.47 0.87 -8.95
CA ILE A 110 -2.53 0.01 -8.44
C ILE A 110 -3.78 0.83 -8.07
N GLU A 111 -4.94 0.15 -8.10
CA GLU A 111 -6.21 0.77 -7.77
C GLU A 111 -7.12 -0.23 -7.06
N LEU A 112 -7.92 0.24 -6.11
CA LEU A 112 -8.83 -0.64 -5.35
C LEU A 112 -10.29 -0.31 -5.68
N GLY A 113 -11.03 -1.29 -6.23
CA GLY A 113 -12.45 -1.09 -6.58
C GLY A 113 -12.83 -1.96 -7.77
N ASP A 114 -13.16 -3.23 -7.50
CA ASP A 114 -13.52 -4.17 -8.56
C ASP A 114 -14.91 -4.81 -8.33
N THR A 115 -15.01 -5.79 -7.41
CA THR A 115 -16.28 -6.47 -7.14
C THR A 115 -16.43 -6.78 -5.63
N TYR A 116 -16.29 -8.05 -5.20
CA TYR A 116 -16.42 -8.40 -3.79
C TYR A 116 -15.06 -8.75 -3.17
N THR A 117 -14.86 -8.32 -1.93
CA THR A 117 -13.61 -8.57 -1.20
C THR A 117 -13.68 -9.85 -0.36
N LYS A 118 -12.49 -10.39 -0.02
CA LYS A 118 -12.38 -11.61 0.79
C LYS A 118 -10.91 -11.99 1.03
N LYS A 119 -10.12 -12.05 -0.06
CA LYS A 119 -8.71 -12.42 0.02
C LYS A 119 -7.82 -11.16 -0.03
N PRO A 120 -6.62 -11.19 0.56
CA PRO A 120 -5.71 -10.01 0.56
C PRO A 120 -5.33 -9.56 -0.86
N HIS A 121 -5.18 -8.24 -1.04
CA HIS A 121 -4.79 -7.68 -2.33
C HIS A 121 -3.42 -8.21 -2.70
N HIS A 122 -3.40 -9.23 -3.57
CA HIS A 122 -2.15 -9.87 -4.00
C HIS A 122 -1.55 -9.16 -5.21
N ILE A 123 -0.42 -8.48 -4.98
CA ILE A 123 0.30 -7.79 -6.06
C ILE A 123 1.56 -8.61 -6.37
N GLU A 124 1.71 -9.09 -7.61
CA GLU A 124 2.87 -9.90 -7.98
C GLU A 124 3.74 -9.20 -9.04
N ILE A 125 4.98 -8.87 -8.66
CA ILE A 125 5.93 -8.23 -9.57
C ILE A 125 6.93 -9.29 -10.07
N ASP A 126 6.74 -9.76 -11.31
CA ASP A 126 7.59 -10.82 -11.88
C ASP A 126 9.10 -10.52 -11.82
N LYS A 127 9.53 -9.25 -11.97
CA LYS A 127 10.96 -8.91 -11.92
C LYS A 127 11.65 -9.57 -10.71
N LYS A 128 12.91 -9.96 -10.91
CA LYS A 128 13.70 -10.60 -9.87
C LYS A 128 15.05 -9.89 -9.74
N LEU A 129 14.99 -8.64 -9.33
CA LEU A 129 16.17 -7.80 -9.13
C LEU A 129 16.26 -7.41 -7.67
N ASP A 130 17.48 -7.26 -7.10
CA ASP A 130 17.54 -6.82 -5.70
C ASP A 130 18.21 -5.46 -5.58
N VAL A 131 17.42 -4.54 -5.08
CA VAL A 131 17.83 -3.18 -4.76
C VAL A 131 17.00 -2.80 -3.55
N ASP A 132 17.20 -1.61 -2.95
CA ASP A 132 16.17 -1.19 -2.04
C ASP A 132 15.98 0.30 -2.18
N ARG A 133 14.77 0.61 -2.58
CA ARG A 133 14.24 1.93 -2.68
C ARG A 133 12.75 1.74 -2.47
N ILE A 134 12.08 2.32 -1.47
CA ILE A 134 10.64 2.07 -1.42
C ILE A 134 9.89 3.35 -1.70
N ASP A 135 9.05 3.28 -2.73
CA ASP A 135 8.19 4.39 -3.11
C ASP A 135 6.75 3.90 -3.12
N ILE A 136 5.94 4.39 -2.20
CA ILE A 136 4.54 4.01 -2.16
C ILE A 136 3.75 5.29 -1.92
N GLU A 137 3.10 5.80 -2.96
CA GLU A 137 2.38 7.07 -2.86
C GLU A 137 0.86 6.94 -2.88
N VAL A 138 0.21 7.85 -2.15
CA VAL A 138 -1.24 7.92 -2.08
C VAL A 138 -1.62 9.27 -2.73
N THR A 139 -2.38 9.24 -3.82
CA THR A 139 -2.71 10.48 -4.55
C THR A 139 -4.07 11.10 -4.20
N GLU A 140 -5.02 10.32 -3.67
CA GLU A 140 -6.34 10.89 -3.37
C GLU A 140 -7.16 9.99 -2.43
N VAL A 141 -8.33 10.50 -2.07
CA VAL A 141 -9.28 9.82 -1.19
C VAL A 141 -10.71 10.17 -1.62
N HIS A 142 -11.67 9.24 -1.48
CA HIS A 142 -13.07 9.53 -1.89
C HIS A 142 -14.10 9.27 -0.78
N GLN A 143 -14.80 10.32 -0.37
CA GLN A 143 -15.85 10.26 0.66
C GLN A 143 -15.28 10.14 2.07
N GLY A 144 -14.69 8.98 2.42
CA GLY A 144 -14.13 8.80 3.77
C GLY A 144 -15.21 9.09 4.82
N GLN A 145 -15.97 8.05 5.21
CA GLN A 145 -17.08 8.22 6.16
C GLN A 145 -16.63 8.35 7.62
N ASN A 146 -15.70 7.49 8.08
CA ASN A 146 -15.27 7.56 9.48
C ASN A 146 -14.12 8.55 9.69
N LYS A 147 -13.29 8.76 8.66
CA LYS A 147 -12.17 9.70 8.76
C LYS A 147 -11.32 9.43 10.01
N ASP A 148 -10.21 8.70 9.82
CA ASP A 148 -9.25 8.34 10.90
C ASP A 148 -9.68 7.04 11.59
N ILE A 149 -9.45 5.93 10.88
CA ILE A 149 -9.76 4.59 11.38
C ILE A 149 -8.48 3.74 11.35
N LEU A 150 -8.60 2.42 11.49
CA LEU A 150 -7.45 1.54 11.42
C LEU A 150 -7.19 1.24 9.94
N ALA A 151 -6.10 1.80 9.42
CA ALA A 151 -5.76 1.63 8.00
C ALA A 151 -4.83 0.45 7.79
N LEU A 152 -5.25 -0.49 6.94
CA LEU A 152 -4.44 -1.67 6.63
C LEU A 152 -4.14 -2.50 7.88
N SER A 153 -4.68 -3.71 7.93
CA SER A 153 -4.44 -4.59 9.06
C SER A 153 -3.02 -5.18 9.01
N GLU A 154 -2.55 -5.50 7.79
CA GLU A 154 -1.23 -6.08 7.60
C GLU A 154 -0.69 -5.83 6.18
N VAL A 155 0.43 -5.12 6.09
CA VAL A 155 1.07 -4.80 4.82
C VAL A 155 2.45 -5.50 4.74
N THR A 156 2.65 -6.37 3.74
CA THR A 156 3.92 -7.09 3.60
C THR A 156 4.47 -6.93 2.19
N PHE A 157 5.76 -6.60 2.08
CA PHE A 157 6.40 -6.43 0.77
C PHE A 157 7.74 -7.18 0.70
N GLY A 158 7.94 -7.94 -0.38
CA GLY A 158 9.18 -8.71 -0.56
C GLY A 158 8.89 -10.16 -0.95
N ASN A 159 9.60 -11.10 -0.32
CA ASN A 159 9.42 -12.52 -0.60
C ASN A 159 9.05 -13.27 0.68
N SER A 41 3.01 -11.59 12.28
CA SER A 41 2.14 -10.87 11.35
C SER A 41 2.52 -9.38 11.34
N MET A 42 3.84 -9.09 11.35
CA MET A 42 4.35 -7.72 11.34
C MET A 42 3.89 -6.95 12.58
N SER A 43 4.84 -6.28 13.25
CA SER A 43 4.53 -5.50 14.44
C SER A 43 3.83 -4.18 14.06
N THR A 44 2.74 -3.87 14.77
CA THR A 44 1.97 -2.64 14.52
C THR A 44 1.54 -2.54 13.06
N VAL A 45 0.65 -1.60 12.76
CA VAL A 45 0.16 -1.40 11.39
C VAL A 45 1.03 -0.38 10.66
N TRP A 46 1.23 0.79 11.28
CA TRP A 46 2.04 1.84 10.67
C TRP A 46 2.65 2.75 11.75
N GLU A 47 3.63 3.57 11.35
CA GLU A 47 4.30 4.48 12.28
C GLU A 47 3.85 5.93 12.06
N GLU A 48 2.56 6.13 11.73
CA GLU A 48 2.03 7.47 11.50
C GLU A 48 0.51 7.53 11.74
N ASN A 49 0.05 8.63 12.34
CA ASN A 49 -1.38 8.81 12.62
C ASN A 49 -2.15 8.98 11.32
N SER A 50 -1.60 9.78 10.39
CA SER A 50 -2.20 10.03 9.08
C SER A 50 -3.60 10.72 9.21
N PRO A 51 -3.82 11.90 8.58
CA PRO A 51 -5.16 12.60 8.63
C PRO A 51 -6.29 11.73 8.01
N GLY A 52 -7.17 12.30 7.15
CA GLY A 52 -8.23 11.51 6.52
C GLY A 52 -7.58 10.39 5.71
N GLY A 53 -7.49 9.21 6.32
CA GLY A 53 -6.84 8.06 5.67
C GLY A 53 -5.52 8.48 4.97
N GLY A 54 -4.65 9.23 5.69
CA GLY A 54 -3.37 9.69 5.13
C GLY A 54 -3.57 10.37 3.78
N VAL A 55 -4.52 11.31 3.70
CA VAL A 55 -4.80 11.99 2.43
C VAL A 55 -3.56 12.77 1.92
N GLY A 56 -3.13 12.45 0.69
CA GLY A 56 -2.04 13.21 0.05
C GLY A 56 -0.63 12.77 0.53
N GLU A 57 -0.58 11.89 1.54
CA GLU A 57 0.71 11.49 2.13
C GLU A 57 1.58 10.65 1.20
N VAL A 58 2.90 10.76 1.41
CA VAL A 58 3.91 10.03 0.63
C VAL A 58 4.77 9.23 1.62
N LEU A 59 4.81 7.91 1.47
CA LEU A 59 5.58 7.06 2.37
C LEU A 59 6.93 6.70 1.75
N SER A 60 8.00 7.25 2.34
CA SER A 60 9.35 7.01 1.84
C SER A 60 10.13 6.14 2.84
N TYR A 61 10.76 5.09 2.33
CA TYR A 61 11.55 4.18 3.17
C TYR A 61 12.99 4.16 2.68
N LYS A 62 13.93 4.01 3.62
CA LYS A 62 15.36 4.02 3.29
C LYS A 62 15.96 2.63 3.51
N PHE A 63 16.74 2.19 2.52
CA PHE A 63 17.34 0.85 2.52
C PHE A 63 18.58 0.69 3.41
N ALA A 64 18.65 -0.45 4.11
CA ALA A 64 19.81 -0.79 4.93
C ALA A 64 20.84 -1.56 4.09
N SER A 65 20.36 -2.40 3.17
CA SER A 65 21.20 -3.19 2.28
C SER A 65 20.33 -3.69 1.11
N PRO A 66 20.90 -4.18 0.00
CA PRO A 66 20.09 -4.65 -1.15
C PRO A 66 19.16 -5.78 -0.74
N MET A 67 17.98 -5.84 -1.37
CA MET A 67 16.99 -6.86 -1.03
C MET A 67 16.24 -7.29 -2.27
N HIS A 68 16.19 -8.60 -2.55
CA HIS A 68 15.46 -9.07 -3.72
C HIS A 68 13.98 -9.16 -3.34
N ILE A 69 13.09 -8.66 -4.21
CA ILE A 69 11.66 -8.64 -3.91
C ILE A 69 10.88 -9.33 -5.04
N GLY A 70 9.77 -9.99 -4.69
CA GLY A 70 8.97 -10.72 -5.67
C GLY A 70 7.53 -10.22 -5.76
N ARG A 71 6.82 -10.16 -4.63
CA ARG A 71 5.43 -9.72 -4.63
C ARG A 71 5.06 -9.04 -3.31
N ILE A 72 4.16 -8.04 -3.40
CA ILE A 72 3.69 -7.33 -2.20
C ILE A 72 2.19 -7.58 -2.01
N LEU A 73 1.78 -7.88 -0.78
CA LEU A 73 0.38 -8.14 -0.46
C LEU A 73 -0.20 -6.99 0.38
N ILE A 74 -1.38 -6.49 0.01
CA ILE A 74 -2.01 -5.38 0.75
C ILE A 74 -3.52 -5.65 0.93
N VAL A 75 -3.97 -5.72 2.19
CA VAL A 75 -5.41 -5.94 2.48
C VAL A 75 -6.06 -4.60 2.80
N ASN A 76 -6.94 -4.12 1.91
CA ASN A 76 -7.62 -2.84 2.10
C ASN A 76 -8.68 -2.97 3.18
N GLY A 77 -8.51 -2.21 4.27
CA GLY A 77 -9.45 -2.24 5.38
C GLY A 77 -9.50 -3.64 6.00
N ASP A 78 -10.36 -3.81 7.00
CA ASP A 78 -10.51 -5.11 7.68
C ASP A 78 -11.27 -6.13 6.82
N THR A 79 -11.83 -5.70 5.69
CA THR A 79 -12.58 -6.59 4.80
C THR A 79 -13.70 -7.31 5.58
N SER A 80 -14.63 -6.53 6.16
CA SER A 80 -15.75 -7.11 6.91
C SER A 80 -16.91 -7.42 5.97
N SER A 81 -17.34 -6.40 5.23
CA SER A 81 -18.43 -6.53 4.28
C SER A 81 -18.36 -5.35 3.31
N LYS A 82 -19.03 -5.48 2.18
CA LYS A 82 -19.05 -4.40 1.18
C LYS A 82 -19.62 -3.13 1.80
N GLU A 83 -20.66 -3.28 2.62
CA GLU A 83 -21.28 -2.14 3.29
C GLU A 83 -20.24 -1.47 4.21
N ASN A 84 -19.43 -2.30 4.88
CA ASN A 84 -18.38 -1.80 5.78
C ASN A 84 -17.36 -0.98 4.98
N TYR A 85 -17.04 -1.43 3.77
CA TYR A 85 -16.08 -0.74 2.91
C TYR A 85 -16.60 0.67 2.57
N TYR A 86 -17.90 0.78 2.32
CA TYR A 86 -18.51 2.06 1.97
C TYR A 86 -18.37 3.07 3.11
N LYS A 87 -18.51 2.57 4.36
CA LYS A 87 -18.39 3.44 5.53
C LYS A 87 -16.92 3.57 6.01
N LYS A 88 -15.99 2.88 5.33
CA LYS A 88 -14.57 2.92 5.68
C LYS A 88 -13.75 3.66 4.62
N ASN A 89 -12.64 4.26 5.06
CA ASN A 89 -11.74 5.00 4.18
C ASN A 89 -11.11 4.06 3.14
N ARG A 90 -10.95 4.57 1.91
CA ARG A 90 -10.36 3.78 0.82
C ARG A 90 -9.13 4.49 0.25
N ILE A 91 -7.98 3.80 0.22
CA ILE A 91 -6.75 4.40 -0.32
C ILE A 91 -7.00 4.97 -1.74
N ALA A 92 -8.05 4.49 -2.41
CA ALA A 92 -8.42 4.94 -3.75
C ALA A 92 -7.32 4.58 -4.79
N LYS A 93 -6.23 5.35 -4.81
CA LYS A 93 -5.13 5.09 -5.75
C LYS A 93 -3.79 5.18 -5.03
N ALA A 94 -2.80 4.45 -5.56
CA ALA A 94 -1.47 4.46 -4.96
C ALA A 94 -0.42 4.09 -6.00
N ASP A 95 0.68 4.83 -6.01
CA ASP A 95 1.78 4.59 -6.94
C ASP A 95 3.02 4.12 -6.18
N VAL A 96 3.35 2.83 -6.33
CA VAL A 96 4.53 2.26 -5.67
C VAL A 96 5.57 1.99 -6.74
N LYS A 97 6.78 2.36 -6.41
CA LYS A 97 7.92 2.20 -7.34
C LYS A 97 9.24 1.90 -6.61
N TYR A 98 10.13 1.18 -7.32
CA TYR A 98 11.44 0.85 -6.79
C TYR A 98 12.51 1.65 -7.54
N TYR A 99 13.37 2.33 -6.79
CA TYR A 99 14.44 3.17 -7.34
C TYR A 99 15.82 2.64 -6.88
N ASN A 100 16.91 3.20 -7.45
CA ASN A 100 18.30 2.84 -7.12
C ASN A 100 18.79 1.75 -8.08
N GLY A 101 20.03 1.29 -7.89
CA GLY A 101 20.58 0.27 -8.78
C GLY A 101 21.17 0.88 -10.07
N ASN A 102 20.81 2.14 -10.38
CA ASN A 102 21.27 2.87 -11.57
C ASN A 102 20.35 4.08 -11.80
N LYS A 103 19.03 3.86 -11.63
CA LYS A 103 18.02 4.90 -11.81
C LYS A 103 16.63 4.30 -11.49
N LEU A 104 15.56 4.69 -12.22
CA LEU A 104 14.24 4.13 -11.98
C LEU A 104 14.26 2.66 -12.42
N VAL A 105 13.89 1.73 -11.53
CA VAL A 105 13.94 0.31 -11.87
C VAL A 105 12.55 -0.29 -12.08
N LEU A 106 11.54 0.22 -11.36
CA LEU A 106 10.18 -0.31 -11.50
C LEU A 106 9.11 0.74 -11.19
N PHE A 107 8.06 0.73 -12.01
CA PHE A 107 6.92 1.63 -11.85
C PHE A 107 5.64 0.79 -11.73
N GLN A 108 4.87 0.98 -10.65
CA GLN A 108 3.64 0.20 -10.45
C GLN A 108 2.51 1.08 -9.91
N LYS A 109 1.44 1.19 -10.70
CA LYS A 109 0.26 1.97 -10.32
C LYS A 109 -0.88 1.02 -9.95
N ILE A 110 -1.38 1.13 -8.71
CA ILE A 110 -2.46 0.27 -8.22
C ILE A 110 -3.71 1.09 -7.87
N GLU A 111 -4.88 0.43 -7.93
CA GLU A 111 -6.15 1.07 -7.61
C GLU A 111 -7.06 0.10 -6.86
N LEU A 112 -8.25 0.56 -6.46
CA LEU A 112 -9.20 -0.29 -5.72
C LEU A 112 -10.62 -0.15 -6.27
N GLY A 113 -11.09 -1.19 -6.97
CA GLY A 113 -12.44 -1.18 -7.53
C GLY A 113 -13.45 -1.87 -6.61
N ASP A 114 -14.57 -2.32 -7.18
CA ASP A 114 -15.62 -3.00 -6.42
C ASP A 114 -15.32 -4.52 -6.32
N THR A 115 -16.37 -5.36 -6.15
CA THR A 115 -16.24 -6.82 -6.04
C THR A 115 -15.89 -7.23 -4.60
N TYR A 116 -16.46 -8.35 -4.17
CA TYR A 116 -16.22 -8.86 -2.81
C TYR A 116 -14.74 -9.22 -2.64
N THR A 117 -14.18 -8.81 -1.49
CA THR A 117 -12.77 -9.08 -1.20
C THR A 117 -12.61 -10.17 -0.14
N LYS A 118 -11.46 -10.82 -0.19
CA LYS A 118 -11.12 -11.90 0.74
C LYS A 118 -9.61 -12.06 0.84
N LYS A 119 -8.97 -12.26 -0.32
CA LYS A 119 -7.52 -12.42 -0.40
C LYS A 119 -6.86 -11.03 -0.49
N PRO A 120 -5.68 -10.82 0.10
CA PRO A 120 -5.00 -9.49 0.04
C PRO A 120 -4.73 -9.05 -1.40
N HIS A 121 -4.99 -7.77 -1.71
CA HIS A 121 -4.74 -7.24 -3.04
C HIS A 121 -3.25 -7.42 -3.35
N HIS A 122 -2.94 -8.50 -4.06
CA HIS A 122 -1.56 -8.83 -4.36
C HIS A 122 -1.03 -8.12 -5.62
N ILE A 123 0.16 -7.57 -5.48
CA ILE A 123 0.86 -6.92 -6.58
C ILE A 123 1.99 -7.86 -7.00
N GLU A 124 2.09 -8.20 -8.30
CA GLU A 124 3.12 -9.12 -8.75
C GLU A 124 4.25 -8.40 -9.50
N ILE A 125 5.46 -8.46 -8.93
CA ILE A 125 6.62 -7.84 -9.54
C ILE A 125 7.35 -8.91 -10.37
N ASP A 126 8.13 -8.46 -11.35
CA ASP A 126 8.87 -9.36 -12.24
C ASP A 126 9.74 -10.40 -11.50
N LYS A 127 9.94 -10.27 -10.17
CA LYS A 127 10.77 -11.21 -9.42
C LYS A 127 12.20 -11.22 -9.96
N LYS A 128 13.14 -11.77 -9.18
CA LYS A 128 14.55 -11.82 -9.58
C LYS A 128 15.05 -10.41 -9.96
N LEU A 129 14.99 -9.51 -8.97
CA LEU A 129 15.40 -8.12 -9.18
C LEU A 129 15.77 -7.48 -7.85
N ASP A 130 17.07 -7.51 -7.41
CA ASP A 130 17.37 -6.88 -6.13
C ASP A 130 17.98 -5.49 -6.33
N VAL A 131 17.24 -4.52 -5.80
CA VAL A 131 17.62 -3.12 -5.71
C VAL A 131 16.97 -2.61 -4.42
N ASP A 132 17.36 -1.46 -3.82
CA ASP A 132 16.46 -0.96 -2.79
C ASP A 132 16.40 0.57 -2.68
N ARG A 133 15.19 1.03 -2.92
CA ARG A 133 14.70 2.37 -2.67
C ARG A 133 13.21 2.15 -2.47
N ILE A 134 12.50 2.46 -1.37
CA ILE A 134 11.04 2.18 -1.42
C ILE A 134 10.24 3.48 -1.40
N ASP A 135 9.42 3.61 -2.45
CA ASP A 135 8.55 4.76 -2.62
C ASP A 135 7.11 4.27 -2.76
N ILE A 136 6.24 4.68 -1.83
CA ILE A 136 4.85 4.28 -1.87
C ILE A 136 4.00 5.52 -1.57
N GLU A 137 3.39 6.09 -2.61
CA GLU A 137 2.60 7.31 -2.45
C GLU A 137 1.12 7.14 -2.81
N VAL A 138 0.29 7.93 -2.13
CA VAL A 138 -1.15 7.96 -2.36
C VAL A 138 -1.51 9.36 -2.84
N THR A 139 -2.11 9.46 -4.03
CA THR A 139 -2.44 10.77 -4.61
C THR A 139 -3.86 11.25 -4.28
N GLU A 140 -4.72 10.35 -3.82
CA GLU A 140 -6.09 10.71 -3.50
C GLU A 140 -6.76 9.64 -2.64
N VAL A 141 -7.55 10.08 -1.69
CA VAL A 141 -8.29 9.19 -0.79
C VAL A 141 -9.73 9.70 -0.67
N HIS A 142 -10.69 8.77 -0.52
CA HIS A 142 -12.09 9.15 -0.40
C HIS A 142 -12.43 9.48 1.05
N GLN A 143 -13.29 10.48 1.23
CA GLN A 143 -13.70 10.91 2.56
C GLN A 143 -14.74 9.94 3.13
N GLY A 144 -14.31 8.67 3.31
CA GLY A 144 -15.17 7.62 3.83
C GLY A 144 -16.03 8.10 5.00
N GLN A 145 -17.19 7.49 5.16
CA GLN A 145 -18.14 7.86 6.21
C GLN A 145 -17.46 7.96 7.58
N ASN A 146 -16.61 6.99 7.91
CA ASN A 146 -15.91 6.98 9.19
C ASN A 146 -14.83 8.07 9.26
N LYS A 147 -14.25 8.41 8.10
CA LYS A 147 -13.21 9.45 8.01
C LYS A 147 -12.13 9.24 9.08
N ASP A 148 -11.01 8.61 8.67
CA ASP A 148 -9.86 8.32 9.56
C ASP A 148 -10.08 7.04 10.35
N ILE A 149 -9.82 5.92 9.69
CA ILE A 149 -9.94 4.59 10.31
C ILE A 149 -8.54 3.97 10.42
N LEU A 150 -8.42 2.63 10.41
CA LEU A 150 -7.11 1.99 10.51
C LEU A 150 -6.49 1.91 9.10
N ALA A 151 -5.32 2.51 8.96
CA ALA A 151 -4.62 2.54 7.68
C ALA A 151 -3.93 1.21 7.43
N LEU A 152 -4.49 0.42 6.51
CA LEU A 152 -3.95 -0.91 6.15
C LEU A 152 -4.19 -1.93 7.25
N SER A 153 -4.66 -3.11 6.86
CA SER A 153 -4.88 -4.20 7.80
C SER A 153 -3.51 -4.77 8.18
N GLU A 154 -2.68 -5.00 7.14
CA GLU A 154 -1.32 -5.53 7.32
C GLU A 154 -0.67 -5.76 5.94
N VAL A 155 0.02 -4.74 5.39
CA VAL A 155 0.69 -4.90 4.09
C VAL A 155 2.01 -5.62 4.29
N THR A 156 2.19 -6.71 3.54
CA THR A 156 3.39 -7.56 3.67
C THR A 156 4.21 -7.60 2.37
N PHE A 157 5.53 -7.72 2.54
CA PHE A 157 6.45 -7.79 1.41
C PHE A 157 7.01 -9.21 1.33
N GLY A 158 7.16 -9.75 0.12
CA GLY A 158 7.67 -11.11 -0.05
C GLY A 158 8.61 -11.20 -1.25
N ASN A 159 9.53 -12.17 -1.20
CA ASN A 159 10.50 -12.38 -2.28
C ASN A 159 10.64 -13.86 -2.60
N SER A 41 0.89 -9.39 12.20
CA SER A 41 1.30 -7.98 12.15
C SER A 41 2.82 -7.83 12.33
N MET A 42 3.37 -6.71 11.85
CA MET A 42 4.80 -6.44 11.96
C MET A 42 5.06 -5.08 12.63
N SER A 43 4.95 -5.06 13.97
CA SER A 43 5.17 -3.84 14.74
C SER A 43 4.28 -2.71 14.22
N THR A 44 3.05 -2.63 14.76
CA THR A 44 2.06 -1.62 14.34
C THR A 44 1.87 -1.67 12.82
N VAL A 45 0.91 -0.89 12.29
CA VAL A 45 0.68 -0.89 10.84
C VAL A 45 1.52 0.22 10.20
N TRP A 46 1.41 1.43 10.74
CA TRP A 46 2.20 2.57 10.26
C TRP A 46 2.38 3.61 11.37
N GLU A 47 3.31 4.55 11.16
CA GLU A 47 3.59 5.60 12.15
C GLU A 47 3.27 6.99 11.57
N GLU A 48 1.98 7.36 11.54
CA GLU A 48 1.55 8.66 11.01
C GLU A 48 0.01 8.75 11.02
N ASN A 49 -0.53 9.52 11.97
CA ASN A 49 -1.99 9.69 12.08
C ASN A 49 -2.55 10.47 10.90
N SER A 50 -1.86 11.56 10.53
CA SER A 50 -2.29 12.41 9.40
C SER A 50 -3.72 12.96 9.62
N PRO A 51 -4.23 13.84 8.74
CA PRO A 51 -5.61 14.42 8.89
C PRO A 51 -6.69 13.33 9.06
N GLY A 52 -6.92 12.54 8.00
CA GLY A 52 -7.92 11.47 8.03
C GLY A 52 -7.23 10.12 7.93
N GLY A 53 -7.43 9.44 6.80
CA GLY A 53 -6.80 8.14 6.56
C GLY A 53 -5.55 8.32 5.71
N GLY A 54 -4.56 9.05 6.25
CA GLY A 54 -3.30 9.31 5.54
C GLY A 54 -3.57 9.85 4.12
N VAL A 55 -4.58 10.72 3.99
CA VAL A 55 -4.93 11.28 2.69
C VAL A 55 -3.79 12.09 2.05
N GLY A 56 -3.39 11.71 0.82
CA GLY A 56 -2.38 12.48 0.08
C GLY A 56 -0.93 12.14 0.50
N GLU A 57 -0.77 11.33 1.56
CA GLU A 57 0.57 11.03 2.09
C GLU A 57 1.40 10.16 1.14
N VAL A 58 2.71 10.15 1.41
CA VAL A 58 3.67 9.40 0.60
C VAL A 58 4.48 8.48 1.54
N LEU A 59 4.36 7.17 1.35
CA LEU A 59 5.07 6.20 2.16
C LEU A 59 6.43 5.90 1.52
N SER A 60 7.44 6.67 1.89
CA SER A 60 8.79 6.50 1.34
C SER A 60 9.75 5.95 2.39
N TYR A 61 10.21 4.72 2.17
CA TYR A 61 11.15 4.07 3.09
C TYR A 61 12.45 3.70 2.37
N LYS A 62 13.57 3.80 3.09
CA LYS A 62 14.88 3.49 2.51
C LYS A 62 15.57 2.37 3.31
N PHE A 63 15.87 1.23 2.65
CA PHE A 63 16.52 0.11 3.32
C PHE A 63 18.05 0.24 3.21
N ALA A 64 18.77 -0.30 4.20
CA ALA A 64 20.22 -0.21 4.25
C ALA A 64 20.93 -1.13 3.25
N SER A 65 20.26 -2.18 2.74
CA SER A 65 20.92 -3.09 1.82
C SER A 65 19.93 -3.66 0.80
N PRO A 66 20.40 -4.26 -0.30
CA PRO A 66 19.49 -4.83 -1.33
C PRO A 66 18.60 -5.93 -0.77
N MET A 67 17.46 -6.13 -1.41
CA MET A 67 16.50 -7.14 -0.99
C MET A 67 15.84 -7.72 -2.24
N HIS A 68 15.77 -9.05 -2.37
CA HIS A 68 15.16 -9.64 -3.56
C HIS A 68 13.64 -9.66 -3.34
N ILE A 69 12.86 -9.12 -4.29
CA ILE A 69 11.40 -9.08 -4.14
C ILE A 69 10.69 -9.71 -5.34
N GLY A 70 9.59 -10.42 -5.07
CA GLY A 70 8.81 -11.08 -6.12
C GLY A 70 7.36 -10.60 -6.13
N ARG A 71 6.73 -10.53 -4.94
CA ARG A 71 5.33 -10.10 -4.85
C ARG A 71 5.02 -9.38 -3.53
N ILE A 72 4.03 -8.49 -3.58
CA ILE A 72 3.60 -7.73 -2.39
C ILE A 72 2.08 -7.86 -2.24
N LEU A 73 1.63 -8.24 -1.04
CA LEU A 73 0.19 -8.38 -0.78
C LEU A 73 -0.29 -7.23 0.10
N ILE A 74 -1.49 -6.70 -0.18
CA ILE A 74 -2.04 -5.58 0.59
C ILE A 74 -3.50 -5.82 0.96
N VAL A 75 -3.77 -5.87 2.27
CA VAL A 75 -5.13 -6.03 2.76
C VAL A 75 -5.67 -4.66 3.19
N ASN A 76 -6.82 -4.25 2.63
CA ASN A 76 -7.40 -2.94 2.95
C ASN A 76 -8.16 -3.00 4.27
N GLY A 77 -7.84 -2.10 5.19
CA GLY A 77 -8.50 -2.06 6.52
C GLY A 77 -10.03 -2.20 6.41
N ASP A 78 -10.60 -1.69 5.31
CA ASP A 78 -12.06 -1.72 5.09
C ASP A 78 -12.53 -3.10 4.59
N THR A 79 -11.65 -4.10 4.58
CA THR A 79 -11.99 -5.44 4.06
C THR A 79 -13.03 -6.20 4.91
N SER A 80 -13.84 -5.52 5.72
CA SER A 80 -14.87 -6.19 6.51
C SER A 80 -16.04 -6.58 5.60
N SER A 81 -16.49 -5.60 4.80
CA SER A 81 -17.58 -5.80 3.86
C SER A 81 -17.53 -4.70 2.82
N LYS A 82 -17.92 -4.99 1.59
CA LYS A 82 -17.90 -4.00 0.52
C LYS A 82 -18.65 -2.73 0.95
N GLU A 83 -19.80 -2.90 1.61
CA GLU A 83 -20.56 -1.75 2.10
C GLU A 83 -19.70 -0.97 3.12
N ASN A 84 -18.84 -1.70 3.85
CA ASN A 84 -17.96 -1.11 4.84
C ASN A 84 -16.97 -0.13 4.17
N TYR A 85 -16.54 -0.45 2.93
CA TYR A 85 -15.62 0.42 2.19
C TYR A 85 -16.27 1.79 1.98
N TYR A 86 -17.57 1.78 1.66
CA TYR A 86 -18.31 3.01 1.38
C TYR A 86 -18.35 3.92 2.63
N LYS A 87 -18.50 3.31 3.82
CA LYS A 87 -18.59 4.09 5.06
C LYS A 87 -17.21 4.34 5.71
N LYS A 88 -16.18 3.61 5.28
CA LYS A 88 -14.83 3.75 5.85
C LYS A 88 -13.82 4.25 4.81
N ASN A 89 -12.77 4.94 5.29
CA ASN A 89 -11.72 5.49 4.42
C ASN A 89 -11.05 4.40 3.59
N ARG A 90 -10.85 4.70 2.30
CA ARG A 90 -10.24 3.74 1.36
C ARG A 90 -8.99 4.35 0.70
N ILE A 91 -7.96 3.53 0.47
CA ILE A 91 -6.74 4.00 -0.20
C ILE A 91 -7.11 4.46 -1.63
N ALA A 92 -8.01 3.71 -2.28
CA ALA A 92 -8.49 4.03 -3.63
C ALA A 92 -7.42 3.76 -4.71
N LYS A 93 -6.45 4.67 -4.86
CA LYS A 93 -5.40 4.50 -5.87
C LYS A 93 -4.03 4.75 -5.25
N ALA A 94 -2.99 4.18 -5.86
CA ALA A 94 -1.64 4.35 -5.35
C ALA A 94 -0.58 3.97 -6.40
N ASP A 95 0.49 4.76 -6.46
CA ASP A 95 1.59 4.49 -7.39
C ASP A 95 2.75 3.91 -6.60
N VAL A 96 3.30 2.78 -7.07
CA VAL A 96 4.41 2.14 -6.40
C VAL A 96 5.62 2.07 -7.33
N LYS A 97 6.77 2.47 -6.81
CA LYS A 97 8.00 2.48 -7.60
C LYS A 97 9.22 2.01 -6.77
N TYR A 98 10.19 1.40 -7.47
CA TYR A 98 11.42 0.93 -6.85
C TYR A 98 12.60 1.60 -7.57
N TYR A 99 13.50 2.19 -6.81
CA TYR A 99 14.66 2.91 -7.38
C TYR A 99 15.96 2.14 -7.08
N ASN A 100 16.97 2.28 -7.96
CA ASN A 100 18.26 1.58 -7.77
C ASN A 100 19.40 2.54 -7.41
N GLY A 101 19.19 3.32 -6.35
CA GLY A 101 20.20 4.27 -5.86
C GLY A 101 20.59 5.37 -6.88
N ASN A 102 20.21 5.22 -8.14
CA ASN A 102 20.56 6.21 -9.16
C ASN A 102 19.48 6.32 -10.25
N LYS A 103 18.96 5.19 -10.76
CA LYS A 103 17.94 5.21 -11.81
C LYS A 103 16.76 4.32 -11.44
N LEU A 104 15.60 4.59 -12.05
CA LEU A 104 14.40 3.81 -11.78
C LEU A 104 14.46 2.43 -12.46
N VAL A 105 14.07 1.36 -11.74
CA VAL A 105 14.09 0.01 -12.30
C VAL A 105 12.67 -0.56 -12.42
N LEU A 106 11.78 -0.15 -11.50
CA LEU A 106 10.39 -0.63 -11.53
C LEU A 106 9.42 0.51 -11.18
N PHE A 107 8.74 1.05 -12.18
CA PHE A 107 7.77 2.14 -11.96
C PHE A 107 6.42 1.80 -12.58
N GLN A 108 5.38 1.68 -11.74
CA GLN A 108 4.03 1.36 -12.22
C GLN A 108 2.95 1.89 -11.28
N LYS A 109 1.83 2.32 -11.87
CA LYS A 109 0.69 2.83 -11.11
C LYS A 109 -0.40 1.75 -11.06
N ILE A 110 -1.04 1.59 -9.89
CA ILE A 110 -2.08 0.56 -9.73
C ILE A 110 -3.21 1.01 -8.81
N GLU A 111 -4.35 0.32 -8.92
CA GLU A 111 -5.52 0.60 -8.10
C GLU A 111 -5.94 -0.68 -7.37
N LEU A 112 -6.36 -0.55 -6.11
CA LEU A 112 -6.77 -1.71 -5.30
C LEU A 112 -8.18 -2.21 -5.66
N GLY A 113 -8.92 -1.45 -6.49
CA GLY A 113 -10.27 -1.84 -6.90
C GLY A 113 -11.11 -2.28 -5.70
N ASP A 114 -12.31 -2.82 -5.96
CA ASP A 114 -13.20 -3.28 -4.90
C ASP A 114 -13.10 -4.83 -4.74
N THR A 115 -13.93 -5.59 -5.49
CA THR A 115 -13.90 -7.06 -5.43
C THR A 115 -14.28 -7.56 -4.04
N TYR A 116 -14.87 -8.76 -3.98
CA TYR A 116 -15.28 -9.35 -2.71
C TYR A 116 -14.06 -9.53 -1.80
N THR A 117 -14.28 -9.39 -0.50
CA THR A 117 -13.20 -9.51 0.48
C THR A 117 -13.04 -10.92 1.00
N LYS A 118 -11.81 -11.24 1.39
CA LYS A 118 -11.43 -12.56 1.93
C LYS A 118 -9.90 -12.68 1.93
N LYS A 119 -9.29 -12.31 0.80
CA LYS A 119 -7.84 -12.39 0.63
C LYS A 119 -7.24 -10.99 0.36
N PRO A 120 -5.98 -10.73 0.73
CA PRO A 120 -5.33 -9.41 0.47
C PRO A 120 -5.06 -9.19 -1.02
N HIS A 121 -5.21 -7.95 -1.48
CA HIS A 121 -4.94 -7.60 -2.88
C HIS A 121 -3.50 -7.97 -3.22
N HIS A 122 -3.30 -9.17 -3.78
CA HIS A 122 -1.97 -9.66 -4.11
C HIS A 122 -1.45 -9.09 -5.45
N ILE A 123 -0.21 -8.61 -5.44
CA ILE A 123 0.43 -8.06 -6.63
C ILE A 123 1.74 -8.84 -6.85
N GLU A 124 2.04 -9.22 -8.10
CA GLU A 124 3.25 -9.98 -8.38
C GLU A 124 4.17 -9.22 -9.35
N ILE A 125 5.36 -8.86 -8.87
CA ILE A 125 6.33 -8.15 -9.68
C ILE A 125 6.75 -9.07 -10.85
N ASP A 126 6.55 -8.59 -12.07
CA ASP A 126 6.86 -9.37 -13.28
C ASP A 126 8.30 -9.94 -13.32
N LYS A 127 9.19 -9.52 -12.41
CA LYS A 127 10.57 -10.03 -12.41
C LYS A 127 11.04 -10.36 -10.98
N LYS A 128 12.31 -10.75 -10.87
CA LYS A 128 12.92 -11.08 -9.58
C LYS A 128 14.29 -10.39 -9.50
N LEU A 129 14.23 -9.10 -9.19
CA LEU A 129 15.44 -8.27 -9.08
C LEU A 129 15.60 -7.84 -7.64
N ASP A 130 16.85 -7.67 -7.15
CA ASP A 130 16.99 -7.17 -5.79
C ASP A 130 17.57 -5.78 -5.86
N VAL A 131 16.78 -4.85 -5.36
CA VAL A 131 17.15 -3.44 -5.25
C VAL A 131 16.47 -2.89 -4.00
N ASP A 132 16.88 -1.74 -3.38
CA ASP A 132 15.93 -1.21 -2.43
C ASP A 132 15.94 0.33 -2.34
N ARG A 133 14.76 0.82 -2.68
CA ARG A 133 14.30 2.18 -2.50
C ARG A 133 12.80 1.98 -2.38
N ILE A 134 12.05 2.42 -1.38
CA ILE A 134 10.60 2.17 -1.44
C ILE A 134 9.84 3.47 -1.63
N ASP A 135 9.07 3.50 -2.71
CA ASP A 135 8.22 4.63 -3.03
C ASP A 135 6.79 4.11 -3.18
N ILE A 136 5.91 4.47 -2.25
CA ILE A 136 4.52 4.05 -2.32
C ILE A 136 3.67 5.28 -2.00
N GLU A 137 3.06 5.86 -3.01
CA GLU A 137 2.26 7.09 -2.83
C GLU A 137 0.79 6.93 -3.21
N VAL A 138 -0.05 7.70 -2.50
CA VAL A 138 -1.49 7.73 -2.76
C VAL A 138 -1.83 9.14 -3.27
N THR A 139 -2.59 9.23 -4.36
CA THR A 139 -2.89 10.54 -4.95
C THR A 139 -4.20 11.16 -4.44
N GLU A 140 -5.18 10.31 -4.12
CA GLU A 140 -6.46 10.77 -3.62
C GLU A 140 -7.24 9.62 -2.98
N VAL A 141 -8.09 9.97 -2.03
CA VAL A 141 -8.92 8.98 -1.33
C VAL A 141 -10.33 9.54 -1.14
N HIS A 142 -11.31 8.65 -0.95
CA HIS A 142 -12.68 9.09 -0.73
C HIS A 142 -12.85 9.40 0.75
N GLN A 143 -13.62 10.45 1.05
CA GLN A 143 -13.83 10.86 2.43
C GLN A 143 -14.66 9.82 3.17
N GLY A 144 -13.99 8.76 3.64
CA GLY A 144 -14.67 7.68 4.36
C GLY A 144 -15.56 8.26 5.46
N GLN A 145 -16.85 7.91 5.40
CA GLN A 145 -17.85 8.39 6.36
C GLN A 145 -17.35 8.34 7.80
N ASN A 146 -16.60 7.29 8.12
CA ASN A 146 -16.08 7.12 9.49
C ASN A 146 -15.01 8.17 9.82
N LYS A 147 -14.27 8.63 8.81
CA LYS A 147 -13.23 9.64 9.00
C LYS A 147 -12.26 9.24 10.12
N ASP A 148 -11.09 8.72 9.74
CA ASP A 148 -10.06 8.27 10.69
C ASP A 148 -10.44 6.94 11.33
N ILE A 149 -10.20 5.88 10.56
CA ILE A 149 -10.52 4.52 11.01
C ILE A 149 -9.23 3.77 11.41
N LEU A 150 -9.31 2.44 11.51
CA LEU A 150 -8.17 1.60 11.88
C LEU A 150 -7.35 1.31 10.62
N ALA A 151 -6.03 1.32 10.77
CA ALA A 151 -5.15 1.08 9.63
C ALA A 151 -5.08 -0.41 9.33
N LEU A 152 -5.04 -0.73 8.03
CA LEU A 152 -5.00 -2.12 7.56
C LEU A 152 -4.13 -3.02 8.43
N SER A 153 -4.38 -4.33 8.36
CA SER A 153 -3.62 -5.30 9.17
C SER A 153 -2.12 -5.13 8.91
N GLU A 154 -1.72 -5.05 7.63
CA GLU A 154 -0.29 -4.86 7.23
C GLU A 154 -0.04 -5.39 5.81
N VAL A 155 0.64 -4.57 4.99
CA VAL A 155 1.00 -4.99 3.63
C VAL A 155 2.26 -5.85 3.72
N THR A 156 2.22 -7.03 3.10
CA THR A 156 3.37 -7.96 3.16
C THR A 156 4.27 -7.88 1.93
N PHE A 157 5.57 -8.03 2.18
CA PHE A 157 6.60 -7.99 1.14
C PHE A 157 7.37 -9.32 1.13
N GLY A 158 7.53 -9.93 -0.06
CA GLY A 158 8.26 -11.20 -0.15
C GLY A 158 8.15 -11.82 -1.55
N ASN A 159 9.12 -12.69 -1.88
CA ASN A 159 9.14 -13.36 -3.18
C ASN A 159 8.14 -14.51 -3.21
N SER A 41 2.13 -11.18 12.39
CA SER A 41 2.18 -9.97 11.55
C SER A 41 2.80 -8.80 12.32
N MET A 42 3.15 -7.74 11.57
CA MET A 42 3.76 -6.55 12.17
C MET A 42 2.85 -5.94 13.24
N SER A 43 3.45 -5.36 14.28
CA SER A 43 2.69 -4.72 15.36
C SER A 43 2.47 -3.24 15.03
N THR A 44 1.31 -2.70 15.41
CA THR A 44 0.99 -1.29 15.12
C THR A 44 1.09 -1.06 13.61
N VAL A 45 -0.05 -1.16 12.91
CA VAL A 45 -0.06 -1.03 11.44
C VAL A 45 0.27 0.41 11.02
N TRP A 46 -0.46 1.38 11.56
CA TRP A 46 -0.20 2.80 11.25
C TRP A 46 -0.65 3.70 12.41
N GLU A 47 -0.20 4.97 12.37
CA GLU A 47 -0.57 5.94 13.40
C GLU A 47 -1.21 7.21 12.75
N GLU A 48 -0.41 8.27 12.53
CA GLU A 48 -0.88 9.53 11.89
C GLU A 48 -2.36 9.84 12.20
N ASN A 49 -2.68 9.97 13.49
CA ASN A 49 -4.05 10.25 13.92
C ASN A 49 -4.51 11.66 13.54
N SER A 50 -3.56 12.61 13.51
CA SER A 50 -3.87 14.01 13.19
C SER A 50 -4.81 14.15 11.96
N PRO A 51 -4.41 13.75 10.74
CA PRO A 51 -5.28 13.87 9.53
C PRO A 51 -6.37 12.79 9.47
N GLY A 52 -7.10 12.74 8.34
CA GLY A 52 -8.15 11.74 8.17
C GLY A 52 -7.62 10.56 7.36
N GLY A 53 -7.76 9.36 7.93
CA GLY A 53 -7.28 8.13 7.27
C GLY A 53 -5.92 8.32 6.54
N GLY A 54 -4.97 9.04 7.17
CA GLY A 54 -3.64 9.28 6.58
C GLY A 54 -3.73 9.77 5.13
N VAL A 55 -4.65 10.72 4.87
CA VAL A 55 -4.83 11.26 3.53
C VAL A 55 -3.55 11.96 2.99
N GLY A 56 -3.06 11.53 1.82
CA GLY A 56 -1.89 12.18 1.21
C GLY A 56 -0.54 11.68 1.77
N GLU A 57 -0.57 10.84 2.81
CA GLU A 57 0.64 10.36 3.47
C GLU A 57 1.46 9.42 2.56
N VAL A 58 2.69 9.85 2.20
CA VAL A 58 3.56 9.03 1.36
C VAL A 58 4.52 8.23 2.26
N LEU A 59 4.98 7.09 1.77
CA LEU A 59 5.88 6.22 2.52
C LEU A 59 7.21 6.06 1.78
N SER A 60 8.25 6.69 2.30
CA SER A 60 9.59 6.60 1.69
C SER A 60 10.51 5.84 2.64
N TYR A 61 10.96 4.66 2.22
CA TYR A 61 11.83 3.83 3.07
C TYR A 61 13.19 3.57 2.42
N LYS A 62 14.24 3.51 3.25
CA LYS A 62 15.60 3.27 2.75
C LYS A 62 16.28 2.15 3.56
N PHE A 63 16.56 1.01 2.92
CA PHE A 63 17.23 -0.12 3.56
C PHE A 63 18.75 0.10 3.50
N ALA A 64 19.56 -0.85 4.01
CA ALA A 64 20.99 -0.70 4.01
C ALA A 64 21.46 -0.57 2.57
N SER A 65 20.90 -1.42 1.66
CA SER A 65 21.24 -1.34 0.24
C SER A 65 20.54 -2.48 -0.55
N PRO A 66 21.09 -3.70 -0.71
CA PRO A 66 20.39 -4.75 -1.50
C PRO A 66 19.20 -5.42 -0.81
N MET A 67 18.07 -5.51 -1.51
CA MET A 67 16.91 -6.23 -1.01
C MET A 67 16.20 -6.87 -2.21
N HIS A 68 15.97 -8.18 -2.20
CA HIS A 68 15.32 -8.82 -3.34
C HIS A 68 13.80 -8.76 -3.17
N ILE A 69 13.04 -8.56 -4.26
CA ILE A 69 11.57 -8.50 -4.14
C ILE A 69 10.93 -9.58 -5.02
N GLY A 70 9.71 -9.99 -4.64
CA GLY A 70 8.99 -11.01 -5.38
C GLY A 70 7.51 -10.66 -5.47
N ARG A 71 6.91 -10.28 -4.34
CA ARG A 71 5.49 -9.92 -4.30
C ARG A 71 5.12 -9.18 -3.01
N ILE A 72 4.32 -8.11 -3.15
CA ILE A 72 3.85 -7.34 -1.98
C ILE A 72 2.33 -7.51 -1.87
N LEU A 73 1.84 -7.65 -0.63
CA LEU A 73 0.41 -7.85 -0.39
C LEU A 73 -0.16 -6.66 0.38
N ILE A 74 -1.30 -6.13 -0.09
CA ILE A 74 -1.94 -5.00 0.57
C ILE A 74 -3.46 -5.22 0.65
N VAL A 75 -3.99 -5.17 1.87
CA VAL A 75 -5.45 -5.34 2.06
C VAL A 75 -6.05 -4.03 2.61
N ASN A 76 -6.83 -3.34 1.78
CA ASN A 76 -7.46 -2.08 2.16
C ASN A 76 -8.32 -2.26 3.41
N GLY A 77 -8.04 -1.47 4.45
CA GLY A 77 -8.78 -1.53 5.70
C GLY A 77 -8.78 -2.96 6.24
N ASP A 78 -9.50 -3.17 7.35
CA ASP A 78 -9.60 -4.49 7.98
C ASP A 78 -10.34 -5.47 7.06
N THR A 79 -11.20 -4.94 6.18
CA THR A 79 -11.97 -5.75 5.23
C THR A 79 -12.88 -6.75 5.97
N SER A 80 -13.86 -6.21 6.69
CA SER A 80 -14.80 -7.03 7.46
C SER A 80 -15.96 -7.49 6.56
N SER A 81 -16.54 -6.56 5.80
CA SER A 81 -17.65 -6.86 4.91
C SER A 81 -17.77 -5.76 3.85
N LYS A 82 -18.39 -6.11 2.73
CA LYS A 82 -18.57 -5.16 1.62
C LYS A 82 -19.31 -3.91 2.11
N GLU A 83 -20.30 -4.10 2.99
CA GLU A 83 -21.03 -2.95 3.53
C GLU A 83 -20.04 -2.01 4.23
N ASN A 84 -18.97 -2.60 4.80
CA ASN A 84 -17.92 -1.84 5.46
C ASN A 84 -17.16 -0.99 4.44
N TYR A 85 -17.01 -1.51 3.20
CA TYR A 85 -16.30 -0.78 2.14
C TYR A 85 -17.02 0.54 1.86
N TYR A 86 -18.34 0.50 1.86
CA TYR A 86 -19.16 1.68 1.60
C TYR A 86 -19.01 2.74 2.70
N LYS A 87 -18.68 2.31 3.94
CA LYS A 87 -18.55 3.26 5.06
C LYS A 87 -17.09 3.48 5.54
N LYS A 88 -16.11 2.82 4.92
CA LYS A 88 -14.70 2.95 5.35
C LYS A 88 -13.84 3.77 4.36
N ASN A 89 -12.88 4.54 4.90
CA ASN A 89 -11.99 5.35 4.08
C ASN A 89 -11.25 4.44 3.10
N ARG A 90 -11.03 4.94 1.87
CA ARG A 90 -10.38 4.14 0.82
C ARG A 90 -9.12 4.84 0.29
N ILE A 91 -7.97 4.14 0.36
CA ILE A 91 -6.71 4.69 -0.16
C ILE A 91 -6.90 5.11 -1.64
N ALA A 92 -7.92 4.54 -2.31
CA ALA A 92 -8.23 4.84 -3.70
C ALA A 92 -7.09 4.40 -4.64
N LYS A 93 -6.01 5.18 -4.71
CA LYS A 93 -4.88 4.85 -5.59
C LYS A 93 -3.55 5.24 -4.94
N ALA A 94 -2.49 4.53 -5.32
CA ALA A 94 -1.16 4.79 -4.80
C ALA A 94 -0.10 4.31 -5.80
N ASP A 95 0.91 5.14 -6.03
CA ASP A 95 1.99 4.82 -6.96
C ASP A 95 3.18 4.23 -6.21
N VAL A 96 3.52 2.96 -6.49
CA VAL A 96 4.64 2.30 -5.83
C VAL A 96 5.69 1.95 -6.88
N LYS A 97 6.91 2.35 -6.59
CA LYS A 97 8.03 2.09 -7.51
C LYS A 97 9.38 1.86 -6.78
N TYR A 98 10.27 1.11 -7.45
CA TYR A 98 11.60 0.83 -6.94
C TYR A 98 12.62 1.60 -7.81
N TYR A 99 13.48 2.40 -7.17
CA TYR A 99 14.48 3.20 -7.88
C TYR A 99 15.88 2.77 -7.44
N ASN A 100 16.95 3.27 -8.12
CA ASN A 100 18.35 2.96 -7.81
C ASN A 100 18.81 1.74 -8.62
N GLY A 101 20.03 1.26 -8.36
CA GLY A 101 20.56 0.13 -9.10
C GLY A 101 21.15 0.53 -10.47
N ASN A 102 20.82 1.75 -10.94
CA ASN A 102 21.29 2.30 -12.22
C ASN A 102 20.38 3.49 -12.59
N LYS A 103 19.07 3.29 -12.40
CA LYS A 103 18.05 4.30 -12.69
C LYS A 103 16.65 3.69 -12.39
N LEU A 104 15.61 4.01 -13.19
CA LEU A 104 14.28 3.43 -12.97
C LEU A 104 14.32 1.93 -13.29
N VAL A 105 14.10 1.07 -12.29
CA VAL A 105 14.13 -0.38 -12.50
C VAL A 105 12.72 -1.00 -12.41
N LEU A 106 11.88 -0.42 -11.55
CA LEU A 106 10.51 -0.91 -11.38
C LEU A 106 9.59 0.25 -10.99
N PHE A 107 8.38 0.27 -11.55
CA PHE A 107 7.42 1.34 -11.26
C PHE A 107 6.02 0.96 -11.77
N GLN A 108 5.05 0.95 -10.85
CA GLN A 108 3.68 0.62 -11.20
C GLN A 108 2.70 1.24 -10.21
N LYS A 109 1.60 1.79 -10.73
CA LYS A 109 0.57 2.41 -9.90
C LYS A 109 -0.67 1.51 -9.85
N ILE A 110 -1.22 1.29 -8.65
CA ILE A 110 -2.41 0.43 -8.50
C ILE A 110 -3.57 1.20 -7.88
N GLU A 111 -4.79 0.73 -8.16
CA GLU A 111 -6.01 1.37 -7.65
C GLU A 111 -6.86 0.34 -6.89
N LEU A 112 -7.86 0.83 -6.16
CA LEU A 112 -8.75 -0.03 -5.39
C LEU A 112 -10.18 0.04 -5.94
N GLY A 113 -10.42 -0.72 -7.00
CA GLY A 113 -11.74 -0.76 -7.63
C GLY A 113 -12.80 -1.28 -6.66
N ASP A 114 -13.99 -1.59 -7.18
CA ASP A 114 -15.09 -2.10 -6.37
C ASP A 114 -15.52 -3.49 -6.85
N THR A 115 -15.62 -4.44 -5.91
CA THR A 115 -16.03 -5.80 -6.23
C THR A 115 -16.21 -6.60 -4.95
N TYR A 116 -16.49 -7.90 -5.06
CA TYR A 116 -16.68 -8.75 -3.90
C TYR A 116 -15.36 -8.99 -3.18
N THR A 117 -15.42 -9.13 -1.86
CA THR A 117 -14.24 -9.34 -1.03
C THR A 117 -13.96 -10.83 -0.83
N LYS A 118 -12.70 -11.15 -0.53
CA LYS A 118 -12.23 -12.54 -0.29
C LYS A 118 -10.70 -12.65 -0.48
N LYS A 119 -10.14 -11.90 -1.45
CA LYS A 119 -8.71 -11.95 -1.74
C LYS A 119 -8.04 -10.58 -1.52
N PRO A 120 -6.77 -10.56 -1.10
CA PRO A 120 -6.03 -9.28 -0.88
C PRO A 120 -5.56 -8.61 -2.18
N HIS A 121 -5.26 -7.32 -2.12
CA HIS A 121 -4.77 -6.59 -3.30
C HIS A 121 -3.25 -6.59 -3.27
N HIS A 122 -2.66 -7.63 -3.87
CA HIS A 122 -1.20 -7.80 -3.88
C HIS A 122 -0.58 -7.54 -5.25
N ILE A 123 0.58 -6.89 -5.24
CA ILE A 123 1.34 -6.62 -6.45
C ILE A 123 2.37 -7.75 -6.60
N GLU A 124 2.58 -8.26 -7.83
CA GLU A 124 3.51 -9.37 -8.03
C GLU A 124 4.71 -8.95 -8.89
N ILE A 125 5.91 -9.01 -8.29
CA ILE A 125 7.15 -8.71 -8.99
C ILE A 125 7.81 -10.05 -9.40
N ASP A 126 7.49 -10.51 -10.62
CA ASP A 126 7.98 -11.80 -11.12
C ASP A 126 9.51 -12.01 -11.06
N LYS A 127 10.33 -10.96 -11.25
CA LYS A 127 11.79 -11.14 -11.23
C LYS A 127 12.38 -11.01 -9.82
N LYS A 128 13.52 -11.69 -9.63
CA LYS A 128 14.25 -11.67 -8.36
C LYS A 128 15.31 -10.57 -8.46
N LEU A 129 14.82 -9.38 -8.77
CA LEU A 129 15.65 -8.19 -8.94
C LEU A 129 15.85 -7.50 -7.60
N ASP A 130 17.10 -7.46 -7.06
CA ASP A 130 17.29 -6.76 -5.80
C ASP A 130 18.04 -5.44 -5.99
N VAL A 131 17.34 -4.39 -5.62
CA VAL A 131 17.85 -3.01 -5.59
C VAL A 131 17.14 -2.33 -4.41
N ASP A 132 17.57 -1.14 -3.87
CA ASP A 132 16.65 -0.54 -2.91
C ASP A 132 16.63 0.99 -2.89
N ARG A 133 15.42 1.44 -3.18
CA ARG A 133 14.93 2.79 -3.03
C ARG A 133 13.44 2.55 -2.81
N ILE A 134 12.77 2.91 -1.70
CA ILE A 134 11.32 2.58 -1.68
C ILE A 134 10.49 3.84 -1.73
N ASP A 135 9.63 3.88 -2.76
CA ASP A 135 8.70 4.96 -2.96
C ASP A 135 7.29 4.38 -3.04
N ILE A 136 6.45 4.66 -2.06
CA ILE A 136 5.08 4.20 -2.07
C ILE A 136 4.23 5.36 -1.62
N GLU A 137 3.53 6.01 -2.56
CA GLU A 137 2.72 7.21 -2.20
C GLU A 137 1.25 7.11 -2.59
N VAL A 138 0.41 7.79 -1.80
CA VAL A 138 -1.01 7.88 -2.05
C VAL A 138 -1.34 9.33 -2.39
N THR A 139 -2.07 9.59 -3.48
CA THR A 139 -2.35 10.97 -3.89
C THR A 139 -3.67 11.50 -3.32
N GLU A 140 -4.66 10.63 -3.14
CA GLU A 140 -5.95 11.04 -2.61
C GLU A 140 -6.75 9.84 -2.13
N VAL A 141 -7.81 10.12 -1.39
CA VAL A 141 -8.70 9.08 -0.87
C VAL A 141 -10.15 9.52 -1.01
N HIS A 142 -11.08 8.57 -0.95
CA HIS A 142 -12.49 8.89 -1.04
C HIS A 142 -12.99 9.29 0.35
N GLN A 143 -13.89 10.26 0.41
CA GLN A 143 -14.40 10.76 1.68
C GLN A 143 -15.21 9.68 2.39
N GLY A 144 -14.51 8.75 3.05
CA GLY A 144 -15.16 7.67 3.77
C GLY A 144 -16.28 8.20 4.66
N GLN A 145 -17.28 7.35 4.88
CA GLN A 145 -18.45 7.72 5.67
C GLN A 145 -18.13 7.91 7.15
N ASN A 146 -17.36 6.99 7.74
CA ASN A 146 -17.06 7.06 9.17
C ASN A 146 -15.99 8.10 9.52
N LYS A 147 -15.06 8.39 8.60
CA LYS A 147 -14.00 9.38 8.85
C LYS A 147 -13.19 9.00 10.11
N ASP A 148 -11.96 8.49 9.89
CA ASP A 148 -11.07 8.05 10.98
C ASP A 148 -11.48 6.66 11.47
N ILE A 149 -11.15 5.66 10.65
CA ILE A 149 -11.48 4.26 10.95
C ILE A 149 -10.24 3.49 11.46
N LEU A 150 -10.31 2.16 11.40
CA LEU A 150 -9.20 1.30 11.82
C LEU A 150 -8.25 1.17 10.64
N ALA A 151 -6.94 1.19 10.90
CA ALA A 151 -5.97 1.12 9.82
C ALA A 151 -5.83 -0.30 9.32
N LEU A 152 -5.53 -0.42 8.02
CA LEU A 152 -5.39 -1.71 7.34
C LEU A 152 -4.67 -2.75 8.20
N SER A 153 -4.81 -4.03 7.84
CA SER A 153 -4.18 -5.11 8.61
C SER A 153 -2.67 -4.91 8.66
N GLU A 154 -2.08 -4.62 7.48
CA GLU A 154 -0.62 -4.38 7.32
C GLU A 154 -0.20 -4.77 5.91
N VAL A 155 0.48 -3.85 5.19
CA VAL A 155 0.97 -4.16 3.85
C VAL A 155 2.27 -4.94 4.03
N THR A 156 2.31 -6.16 3.51
CA THR A 156 3.49 -7.02 3.69
C THR A 156 4.32 -7.13 2.40
N PHE A 157 5.65 -7.26 2.58
CA PHE A 157 6.58 -7.38 1.46
C PHE A 157 7.16 -8.80 1.42
N GLY A 158 7.29 -9.36 0.22
CA GLY A 158 7.83 -10.71 0.06
C GLY A 158 8.79 -10.80 -1.11
N ASN A 159 9.73 -11.74 -1.03
CA ASN A 159 10.72 -11.94 -2.09
C ASN A 159 10.38 -13.19 -2.91
N SER A 41 1.34 -11.51 11.34
CA SER A 41 0.89 -10.64 12.43
C SER A 41 1.11 -9.17 12.07
N MET A 42 0.01 -8.44 11.88
CA MET A 42 0.08 -7.02 11.51
C MET A 42 -0.62 -6.16 12.58
N SER A 43 0.16 -5.70 13.59
CA SER A 43 -0.38 -4.87 14.67
C SER A 43 -0.50 -3.40 14.20
N THR A 44 0.47 -2.52 14.53
CA THR A 44 0.43 -1.13 14.08
C THR A 44 0.51 -1.14 12.56
N VAL A 45 -0.25 -0.25 11.88
CA VAL A 45 -0.24 -0.28 10.42
C VAL A 45 0.83 0.65 9.83
N TRP A 46 0.83 1.92 10.23
CA TRP A 46 1.82 2.87 9.74
C TRP A 46 2.03 4.01 10.75
N GLU A 47 3.09 4.79 10.57
CA GLU A 47 3.36 5.93 11.44
C GLU A 47 3.03 7.24 10.69
N GLU A 48 1.74 7.58 10.63
CA GLU A 48 1.29 8.78 9.91
C GLU A 48 0.32 9.62 10.74
N ASN A 49 0.69 10.88 10.99
CA ASN A 49 -0.13 11.82 11.76
C ASN A 49 -1.42 12.20 10.99
N SER A 50 -1.32 12.23 9.65
CA SER A 50 -2.41 12.60 8.73
C SER A 50 -3.83 12.61 9.37
N PRO A 51 -4.66 13.66 9.16
CA PRO A 51 -6.04 13.73 9.76
C PRO A 51 -7.01 12.68 9.19
N GLY A 52 -7.38 12.82 7.90
CA GLY A 52 -8.32 11.89 7.27
C GLY A 52 -7.59 10.63 6.81
N GLY A 53 -7.57 9.60 7.67
CA GLY A 53 -6.89 8.35 7.34
C GLY A 53 -5.42 8.65 7.01
N GLY A 54 -5.11 8.80 5.72
CA GLY A 54 -3.75 9.12 5.28
C GLY A 54 -3.77 9.97 4.01
N VAL A 55 -4.50 11.10 4.03
CA VAL A 55 -4.61 11.97 2.86
C VAL A 55 -3.25 12.56 2.41
N GLY A 56 -2.85 12.31 1.14
CA GLY A 56 -1.66 12.99 0.60
C GLY A 56 -0.30 12.35 0.97
N GLU A 57 -0.30 11.32 1.84
CA GLU A 57 0.98 10.78 2.34
C GLU A 57 1.83 10.06 1.28
N VAL A 58 3.16 10.11 1.50
CA VAL A 58 4.15 9.48 0.64
C VAL A 58 5.10 8.68 1.53
N LEU A 59 5.03 7.35 1.41
CA LEU A 59 5.88 6.47 2.21
C LEU A 59 7.16 6.10 1.48
N SER A 60 8.25 6.78 1.82
CA SER A 60 9.55 6.52 1.21
C SER A 60 10.51 5.95 2.26
N TYR A 61 10.90 4.68 2.08
CA TYR A 61 11.81 4.02 3.03
C TYR A 61 13.12 3.59 2.35
N LYS A 62 14.22 3.67 3.09
CA LYS A 62 15.54 3.30 2.56
C LYS A 62 16.14 2.16 3.41
N PHE A 63 16.51 1.03 2.76
CA PHE A 63 17.09 -0.11 3.46
C PHE A 63 18.62 -0.02 3.43
N ALA A 64 19.28 -0.60 4.45
CA ALA A 64 20.74 -0.56 4.57
C ALA A 64 21.47 -1.42 3.52
N SER A 65 20.79 -2.38 2.88
CA SER A 65 21.45 -3.24 1.90
C SER A 65 20.45 -3.73 0.85
N PRO A 66 20.91 -4.34 -0.24
CA PRO A 66 20.01 -4.85 -1.30
C PRO A 66 19.12 -5.99 -0.80
N MET A 67 17.97 -6.15 -1.44
CA MET A 67 17.00 -7.17 -1.09
C MET A 67 16.34 -7.66 -2.37
N HIS A 68 16.21 -8.98 -2.58
CA HIS A 68 15.61 -9.47 -3.80
C HIS A 68 14.07 -9.46 -3.65
N ILE A 69 13.36 -8.96 -4.68
CA ILE A 69 11.88 -8.87 -4.60
C ILE A 69 11.25 -9.81 -5.62
N GLY A 70 10.08 -10.35 -5.29
CA GLY A 70 9.36 -11.27 -6.17
C GLY A 70 7.87 -10.90 -6.25
N ARG A 71 7.24 -10.74 -5.08
CA ARG A 71 5.82 -10.39 -5.00
C ARG A 71 5.49 -9.69 -3.68
N ILE A 72 4.50 -8.79 -3.72
CA ILE A 72 4.05 -8.08 -2.51
C ILE A 72 2.57 -8.38 -2.26
N LEU A 73 2.21 -8.57 -1.00
CA LEU A 73 0.82 -8.85 -0.63
C LEU A 73 0.27 -7.69 0.21
N ILE A 74 -0.73 -6.98 -0.33
CA ILE A 74 -1.33 -5.85 0.38
C ILE A 74 -2.70 -6.23 0.92
N VAL A 75 -2.85 -6.12 2.23
CA VAL A 75 -4.15 -6.36 2.86
C VAL A 75 -4.67 -5.01 3.35
N ASN A 76 -5.70 -4.50 2.68
CA ASN A 76 -6.25 -3.18 2.98
C ASN A 76 -7.64 -3.25 3.59
N GLY A 77 -8.05 -2.12 4.17
CA GLY A 77 -9.34 -1.98 4.80
C GLY A 77 -9.56 -3.07 5.86
N ASP A 78 -10.62 -2.91 6.67
CA ASP A 78 -10.95 -3.87 7.72
C ASP A 78 -11.38 -5.22 7.13
N THR A 79 -11.65 -5.26 5.81
CA THR A 79 -12.09 -6.49 5.14
C THR A 79 -13.21 -7.19 5.93
N SER A 80 -14.10 -6.38 6.51
CA SER A 80 -15.22 -6.92 7.29
C SER A 80 -16.39 -7.25 6.37
N SER A 81 -16.79 -6.29 5.55
CA SER A 81 -17.88 -6.45 4.61
C SER A 81 -17.77 -5.37 3.54
N LYS A 82 -18.07 -5.73 2.29
CA LYS A 82 -17.99 -4.78 1.19
C LYS A 82 -18.82 -3.53 1.49
N GLU A 83 -19.99 -3.72 2.09
CA GLU A 83 -20.84 -2.57 2.46
C GLU A 83 -20.10 -1.68 3.47
N ASN A 84 -19.28 -2.31 4.33
CA ASN A 84 -18.50 -1.59 5.33
C ASN A 84 -17.49 -0.66 4.64
N TYR A 85 -16.97 -1.09 3.47
CA TYR A 85 -16.02 -0.27 2.71
C TYR A 85 -16.74 1.01 2.22
N TYR A 86 -17.99 0.84 1.77
CA TYR A 86 -18.79 1.95 1.27
C TYR A 86 -19.09 2.99 2.38
N LYS A 87 -19.02 2.57 3.65
CA LYS A 87 -19.29 3.48 4.77
C LYS A 87 -18.01 3.84 5.55
N LYS A 88 -16.86 3.29 5.12
CA LYS A 88 -15.59 3.56 5.81
C LYS A 88 -14.48 3.90 4.78
N ASN A 89 -13.65 4.89 5.13
CA ASN A 89 -12.55 5.41 4.29
C ASN A 89 -12.06 4.47 3.18
N ARG A 90 -11.74 5.07 2.02
CA ARG A 90 -11.24 4.32 0.85
C ARG A 90 -9.87 4.87 0.43
N ILE A 91 -8.93 3.98 0.10
CA ILE A 91 -7.59 4.39 -0.32
C ILE A 91 -7.66 5.18 -1.65
N ALA A 92 -8.54 4.74 -2.55
CA ALA A 92 -8.75 5.39 -3.87
C ALA A 92 -7.63 5.03 -4.86
N LYS A 93 -6.45 5.68 -4.76
CA LYS A 93 -5.35 5.40 -5.68
C LYS A 93 -3.99 5.47 -4.98
N ALA A 94 -3.01 4.73 -5.51
CA ALA A 94 -1.66 4.71 -4.94
C ALA A 94 -0.65 4.20 -5.97
N ASP A 95 0.54 4.82 -6.00
CA ASP A 95 1.60 4.42 -6.93
C ASP A 95 2.77 3.80 -6.17
N VAL A 96 3.12 2.54 -6.50
CA VAL A 96 4.23 1.86 -5.83
C VAL A 96 5.31 1.53 -6.85
N LYS A 97 6.53 1.84 -6.47
CA LYS A 97 7.70 1.58 -7.34
C LYS A 97 8.97 1.25 -6.54
N TYR A 98 9.89 0.53 -7.19
CA TYR A 98 11.18 0.15 -6.59
C TYR A 98 12.29 0.82 -7.41
N TYR A 99 13.28 1.45 -6.76
CA TYR A 99 14.38 2.11 -7.48
C TYR A 99 15.70 1.35 -7.28
N ASN A 100 16.58 1.39 -8.30
CA ASN A 100 17.86 0.71 -8.22
C ASN A 100 18.96 1.68 -7.74
N GLY A 101 18.62 2.55 -6.78
CA GLY A 101 19.57 3.51 -6.24
C GLY A 101 19.97 4.62 -7.22
N ASN A 102 19.69 4.43 -8.52
CA ASN A 102 20.05 5.42 -9.53
C ASN A 102 18.95 5.58 -10.59
N LYS A 103 18.46 4.47 -11.15
CA LYS A 103 17.42 4.53 -12.20
C LYS A 103 16.18 3.72 -11.81
N LEU A 104 15.04 4.08 -12.41
CA LEU A 104 13.77 3.40 -12.15
C LEU A 104 13.76 2.02 -12.83
N VAL A 105 13.52 0.95 -12.07
CA VAL A 105 13.49 -0.41 -12.63
C VAL A 105 12.09 -1.01 -12.53
N LEU A 106 11.35 -0.65 -11.48
CA LEU A 106 9.98 -1.17 -11.28
C LEU A 106 8.98 -0.03 -11.17
N PHE A 107 8.03 0.02 -12.11
CA PHE A 107 6.99 1.04 -12.13
C PHE A 107 5.61 0.39 -12.18
N GLN A 108 4.89 0.39 -11.05
CA GLN A 108 3.56 -0.23 -10.99
C GLN A 108 2.58 0.66 -10.23
N LYS A 109 1.37 0.79 -10.78
CA LYS A 109 0.31 1.58 -10.15
C LYS A 109 -0.78 0.65 -9.60
N ILE A 110 -1.45 1.08 -8.52
CA ILE A 110 -2.49 0.25 -7.91
C ILE A 110 -3.76 1.07 -7.62
N GLU A 111 -4.89 0.38 -7.57
CA GLU A 111 -6.19 1.00 -7.29
C GLU A 111 -7.00 0.07 -6.38
N LEU A 112 -8.05 0.60 -5.76
CA LEU A 112 -8.87 -0.21 -4.85
C LEU A 112 -10.37 0.10 -5.03
N GLY A 113 -10.86 -0.18 -6.23
CA GLY A 113 -12.27 0.04 -6.55
C GLY A 113 -12.98 -1.31 -6.73
N ASP A 114 -13.98 -1.57 -5.88
CA ASP A 114 -14.73 -2.83 -5.94
C ASP A 114 -13.76 -4.03 -5.80
N THR A 115 -13.56 -4.48 -4.55
CA THR A 115 -12.66 -5.60 -4.28
C THR A 115 -13.18 -6.42 -3.09
N TYR A 116 -13.29 -7.73 -3.30
CA TYR A 116 -13.77 -8.65 -2.27
C TYR A 116 -12.87 -8.62 -1.03
N THR A 117 -13.49 -8.84 0.13
CA THR A 117 -12.80 -8.82 1.42
C THR A 117 -12.31 -10.21 1.76
N LYS A 118 -11.40 -10.32 2.73
CA LYS A 118 -10.80 -11.62 3.14
C LYS A 118 -9.75 -12.09 2.11
N LYS A 119 -9.65 -11.40 0.96
CA LYS A 119 -8.69 -11.74 -0.09
C LYS A 119 -7.73 -10.56 -0.33
N PRO A 120 -6.51 -10.58 0.24
CA PRO A 120 -5.53 -9.46 0.03
C PRO A 120 -5.20 -9.24 -1.45
N HIS A 121 -4.80 -8.02 -1.80
CA HIS A 121 -4.44 -7.67 -3.17
C HIS A 121 -2.93 -7.77 -3.34
N HIS A 122 -2.47 -8.84 -4.00
CA HIS A 122 -1.04 -9.05 -4.20
C HIS A 122 -0.57 -8.50 -5.55
N ILE A 123 0.53 -7.75 -5.51
CA ILE A 123 1.12 -7.17 -6.71
C ILE A 123 2.22 -8.11 -7.26
N GLU A 124 2.33 -8.24 -8.59
CA GLU A 124 3.34 -9.11 -9.19
C GLU A 124 4.50 -8.27 -9.70
N ILE A 125 5.69 -8.47 -9.13
CA ILE A 125 6.88 -7.74 -9.54
C ILE A 125 7.44 -8.35 -10.83
N ASP A 126 8.05 -7.49 -11.65
CA ASP A 126 8.61 -7.90 -12.95
C ASP A 126 9.57 -9.11 -12.90
N LYS A 127 10.39 -9.27 -11.84
CA LYS A 127 11.32 -10.40 -11.77
C LYS A 127 12.04 -10.49 -10.41
N LYS A 128 13.11 -11.29 -10.35
CA LYS A 128 13.89 -11.48 -9.13
C LYS A 128 15.12 -10.56 -9.13
N LEU A 129 14.86 -9.27 -9.26
CA LEU A 129 15.91 -8.26 -9.25
C LEU A 129 16.10 -7.79 -7.82
N ASP A 130 17.35 -7.66 -7.33
CA ASP A 130 17.50 -7.19 -5.95
C ASP A 130 18.15 -5.80 -5.93
N VAL A 131 17.37 -4.89 -5.38
CA VAL A 131 17.78 -3.51 -5.13
C VAL A 131 17.06 -3.07 -3.87
N ASP A 132 17.30 -1.86 -3.32
CA ASP A 132 16.35 -1.42 -2.32
C ASP A 132 16.16 0.10 -2.35
N ARG A 133 14.92 0.43 -2.62
CA ARG A 133 14.35 1.74 -2.54
C ARG A 133 12.88 1.49 -2.26
N ILE A 134 12.21 2.07 -1.26
CA ILE A 134 10.76 1.77 -1.19
C ILE A 134 10.00 3.05 -1.48
N ASP A 135 9.16 2.98 -2.51
CA ASP A 135 8.33 4.11 -2.89
C ASP A 135 6.86 3.68 -2.89
N ILE A 136 6.07 4.22 -1.97
CA ILE A 136 4.66 3.90 -1.91
C ILE A 136 3.91 5.21 -1.68
N GLU A 137 3.28 5.72 -2.74
CA GLU A 137 2.59 7.01 -2.69
C GLU A 137 1.06 6.91 -2.71
N VAL A 138 0.44 7.90 -2.06
CA VAL A 138 -1.01 8.02 -2.01
C VAL A 138 -1.33 9.45 -2.49
N THR A 139 -2.06 9.58 -3.60
CA THR A 139 -2.34 10.90 -4.18
C THR A 139 -3.71 11.47 -3.81
N GLU A 140 -4.63 10.62 -3.31
CA GLU A 140 -5.96 11.10 -2.96
C GLU A 140 -6.69 10.09 -2.08
N VAL A 141 -7.62 10.60 -1.30
CA VAL A 141 -8.45 9.78 -0.42
C VAL A 141 -9.85 10.42 -0.34
N HIS A 142 -10.88 9.58 -0.39
CA HIS A 142 -12.26 10.07 -0.34
C HIS A 142 -12.69 10.29 1.12
N GLN A 143 -13.48 11.33 1.35
CA GLN A 143 -13.95 11.65 2.70
C GLN A 143 -15.02 10.66 3.11
N GLY A 144 -14.60 9.41 3.33
CA GLY A 144 -15.49 8.32 3.72
C GLY A 144 -16.55 8.76 4.73
N GLN A 145 -17.60 7.95 4.83
CA GLN A 145 -18.71 8.22 5.75
C GLN A 145 -18.24 8.20 7.20
N ASN A 146 -17.44 7.19 7.57
CA ASN A 146 -16.96 7.09 8.95
C ASN A 146 -15.81 8.06 9.24
N LYS A 147 -15.00 8.38 8.22
CA LYS A 147 -13.88 9.32 8.38
C LYS A 147 -12.97 8.91 9.55
N ASP A 148 -11.78 8.37 9.21
CA ASP A 148 -10.79 7.92 10.22
C ASP A 148 -11.20 6.55 10.75
N ILE A 149 -10.95 5.55 9.91
CA ILE A 149 -11.28 4.16 10.22
C ILE A 149 -10.04 3.29 10.10
N LEU A 150 -10.22 1.96 10.17
CA LEU A 150 -9.10 1.06 10.01
C LEU A 150 -8.93 0.85 8.51
N ALA A 151 -7.85 1.41 7.98
CA ALA A 151 -7.56 1.32 6.55
C ALA A 151 -6.17 0.78 6.36
N LEU A 152 -5.93 0.17 5.20
CA LEU A 152 -4.63 -0.41 4.90
C LEU A 152 -4.18 -1.32 6.04
N SER A 153 -4.83 -2.50 6.19
CA SER A 153 -4.49 -3.43 7.28
C SER A 153 -2.97 -3.57 7.44
N GLU A 154 -2.26 -3.70 6.31
CA GLU A 154 -0.77 -3.79 6.27
C GLU A 154 -0.31 -4.44 4.95
N VAL A 155 0.94 -4.21 4.59
CA VAL A 155 1.53 -4.76 3.37
C VAL A 155 2.78 -5.59 3.72
N THR A 156 3.05 -6.61 2.91
CA THR A 156 4.23 -7.46 3.10
C THR A 156 4.92 -7.70 1.76
N PHE A 157 6.19 -7.31 1.66
CA PHE A 157 6.95 -7.49 0.42
C PHE A 157 8.08 -8.50 0.61
N GLY A 158 8.27 -9.36 -0.40
CA GLY A 158 9.31 -10.39 -0.36
C GLY A 158 9.34 -11.17 -1.66
N ASN A 159 9.97 -12.34 -1.64
CA ASN A 159 10.07 -13.19 -2.82
C ASN A 159 9.04 -14.32 -2.78
N SER A 41 6.50 -9.19 11.69
CA SER A 41 6.86 -8.64 10.38
C SER A 41 7.33 -7.19 10.51
N MET A 42 6.54 -6.36 11.21
CA MET A 42 6.88 -4.95 11.41
C MET A 42 6.53 -4.52 12.87
N SER A 43 5.93 -3.33 13.07
CA SER A 43 5.57 -2.85 14.40
C SER A 43 4.26 -2.05 14.29
N THR A 44 4.31 -0.99 13.49
CA THR A 44 3.14 -0.15 13.23
C THR A 44 2.89 -0.16 11.72
N VAL A 45 1.82 -0.84 11.29
CA VAL A 45 1.55 -0.97 9.85
C VAL A 45 1.14 0.36 9.21
N TRP A 46 0.14 1.04 9.78
CA TRP A 46 -0.33 2.32 9.24
C TRP A 46 -0.92 3.16 10.38
N GLU A 47 -0.66 4.48 10.36
CA GLU A 47 -1.16 5.36 11.42
C GLU A 47 -0.86 6.84 11.09
N GLU A 48 -1.92 7.59 10.76
CA GLU A 48 -1.77 9.02 10.45
C GLU A 48 -2.87 9.85 11.13
N ASN A 49 -2.44 10.84 11.92
CA ASN A 49 -3.36 11.71 12.65
C ASN A 49 -4.16 12.62 11.69
N SER A 50 -3.54 13.01 10.58
CA SER A 50 -4.18 13.87 9.59
C SER A 50 -5.42 13.17 8.97
N PRO A 51 -6.34 13.90 8.34
CA PRO A 51 -7.56 13.30 7.71
C PRO A 51 -7.23 12.03 6.91
N GLY A 52 -8.26 11.21 6.65
CA GLY A 52 -8.11 9.95 5.91
C GLY A 52 -6.97 9.12 6.47
N GLY A 53 -6.77 7.93 5.89
CA GLY A 53 -5.68 7.05 6.31
C GLY A 53 -4.41 7.61 5.68
N GLY A 54 -3.96 8.75 6.21
CA GLY A 54 -2.80 9.45 5.66
C GLY A 54 -3.14 9.94 4.24
N VAL A 55 -4.25 10.68 4.12
CA VAL A 55 -4.72 11.16 2.82
C VAL A 55 -3.67 12.09 2.16
N GLY A 56 -3.26 11.75 0.93
CA GLY A 56 -2.31 12.60 0.20
C GLY A 56 -0.84 12.36 0.62
N GLU A 57 -0.62 11.53 1.65
CA GLU A 57 0.72 11.31 2.19
C GLU A 57 1.62 10.52 1.22
N VAL A 58 2.94 10.64 1.44
CA VAL A 58 3.95 9.98 0.63
C VAL A 58 4.82 9.12 1.56
N LEU A 59 4.70 7.79 1.45
CA LEU A 59 5.46 6.88 2.30
C LEU A 59 6.80 6.55 1.66
N SER A 60 7.89 7.11 2.21
CA SER A 60 9.23 6.87 1.69
C SER A 60 10.08 6.09 2.70
N TYR A 61 10.63 4.96 2.25
CA TYR A 61 11.47 4.10 3.09
C TYR A 61 12.87 4.03 2.46
N LYS A 62 13.90 3.95 3.31
CA LYS A 62 15.30 3.89 2.85
C LYS A 62 15.89 2.50 3.14
N PHE A 63 16.88 2.11 2.33
CA PHE A 63 17.48 0.78 2.41
C PHE A 63 18.73 0.68 3.32
N ALA A 64 18.77 -0.40 4.12
CA ALA A 64 19.92 -0.68 4.97
C ALA A 64 20.95 -1.55 4.20
N SER A 65 20.45 -2.40 3.28
CA SER A 65 21.27 -3.29 2.47
C SER A 65 20.42 -3.82 1.30
N PRO A 66 20.98 -4.49 0.30
CA PRO A 66 20.19 -5.01 -0.88
C PRO A 66 19.21 -6.14 -0.50
N MET A 67 17.99 -6.08 -1.04
CA MET A 67 16.96 -7.08 -0.76
C MET A 67 16.10 -7.31 -2.01
N HIS A 68 15.93 -8.57 -2.45
CA HIS A 68 15.12 -8.83 -3.64
C HIS A 68 13.63 -8.87 -3.29
N ILE A 69 12.80 -8.35 -4.21
CA ILE A 69 11.34 -8.34 -4.01
C ILE A 69 10.69 -9.16 -5.12
N GLY A 70 9.59 -9.85 -4.79
CA GLY A 70 8.90 -10.69 -5.77
C GLY A 70 7.39 -10.45 -5.78
N ARG A 71 6.80 -10.25 -4.60
CA ARG A 71 5.35 -10.03 -4.50
C ARG A 71 5.00 -9.13 -3.31
N ILE A 72 4.04 -8.23 -3.52
CA ILE A 72 3.58 -7.32 -2.46
C ILE A 72 2.09 -7.58 -2.20
N LEU A 73 1.75 -7.83 -0.94
CA LEU A 73 0.37 -8.07 -0.54
C LEU A 73 -0.20 -6.85 0.16
N ILE A 74 -1.47 -6.52 -0.10
CA ILE A 74 -2.10 -5.35 0.54
C ILE A 74 -3.59 -5.57 0.75
N VAL A 75 -4.07 -5.51 2.00
CA VAL A 75 -5.50 -5.66 2.26
C VAL A 75 -6.08 -4.35 2.85
N ASN A 76 -6.97 -3.70 2.09
CA ASN A 76 -7.58 -2.44 2.53
C ASN A 76 -8.39 -2.65 3.80
N GLY A 77 -7.98 -1.96 4.86
CA GLY A 77 -8.64 -2.05 6.16
C GLY A 77 -8.73 -3.51 6.62
N ASP A 78 -9.43 -3.74 7.72
CA ASP A 78 -9.59 -5.10 8.27
C ASP A 78 -10.51 -5.97 7.39
N THR A 79 -11.08 -5.37 6.34
CA THR A 79 -11.97 -6.10 5.42
C THR A 79 -13.06 -6.85 6.20
N SER A 80 -13.99 -6.10 6.80
CA SER A 80 -15.09 -6.70 7.56
C SER A 80 -16.27 -7.03 6.66
N SER A 81 -16.76 -6.03 5.92
CA SER A 81 -17.89 -6.19 5.02
C SER A 81 -17.90 -5.04 4.02
N LYS A 82 -18.46 -5.30 2.85
CA LYS A 82 -18.56 -4.28 1.80
C LYS A 82 -19.31 -3.05 2.33
N GLU A 83 -20.36 -3.27 3.13
CA GLU A 83 -21.10 -2.16 3.72
C GLU A 83 -20.12 -1.32 4.55
N ASN A 84 -19.17 -2.01 5.19
CA ASN A 84 -18.12 -1.38 5.98
C ASN A 84 -17.18 -0.58 5.05
N TYR A 85 -16.96 -1.08 3.83
CA TYR A 85 -16.07 -0.39 2.88
C TYR A 85 -16.62 1.02 2.59
N TYR A 86 -17.95 1.11 2.45
CA TYR A 86 -18.61 2.40 2.19
C TYR A 86 -18.37 3.35 3.37
N LYS A 87 -18.38 2.80 4.59
CA LYS A 87 -18.15 3.60 5.81
C LYS A 87 -16.65 3.62 6.19
N LYS A 88 -15.80 2.93 5.40
CA LYS A 88 -14.38 2.86 5.67
C LYS A 88 -13.58 3.60 4.59
N ASN A 89 -12.43 4.15 4.99
CA ASN A 89 -11.56 4.87 4.06
C ASN A 89 -10.84 3.88 3.14
N ARG A 90 -10.71 4.23 1.86
CA ARG A 90 -10.03 3.37 0.87
C ARG A 90 -8.77 4.05 0.39
N ILE A 91 -7.83 3.25 -0.13
CA ILE A 91 -6.58 3.77 -0.67
C ILE A 91 -6.85 4.53 -2.00
N ALA A 92 -7.97 4.19 -2.67
CA ALA A 92 -8.36 4.82 -3.94
C ALA A 92 -7.34 4.48 -5.04
N LYS A 93 -6.20 5.17 -5.03
CA LYS A 93 -5.14 4.95 -6.02
C LYS A 93 -3.79 5.17 -5.35
N ALA A 94 -2.75 4.50 -5.85
CA ALA A 94 -1.42 4.65 -5.27
C ALA A 94 -0.35 4.18 -6.25
N ASP A 95 0.77 4.92 -6.28
CA ASP A 95 1.89 4.58 -7.18
C ASP A 95 3.08 4.09 -6.35
N VAL A 96 3.34 2.79 -6.40
CA VAL A 96 4.45 2.19 -5.67
C VAL A 96 5.55 1.79 -6.66
N LYS A 97 6.75 2.22 -6.34
CA LYS A 97 7.92 1.95 -7.19
C LYS A 97 9.20 1.78 -6.37
N TYR A 98 10.17 0.99 -6.91
CA TYR A 98 11.44 0.80 -6.22
C TYR A 98 12.57 0.89 -7.26
N TYR A 99 13.64 1.65 -6.95
CA TYR A 99 14.75 1.82 -7.91
C TYR A 99 16.12 1.62 -7.26
N ASN A 100 17.16 1.45 -8.10
CA ASN A 100 18.53 1.23 -7.60
C ASN A 100 19.25 2.55 -7.31
N GLY A 101 18.55 3.43 -6.61
CA GLY A 101 19.09 4.72 -6.19
C GLY A 101 19.46 5.66 -7.35
N ASN A 102 19.56 5.13 -8.58
CA ASN A 102 19.93 5.94 -9.73
C ASN A 102 18.90 5.93 -10.86
N LYS A 103 18.48 4.74 -11.31
CA LYS A 103 17.52 4.63 -12.41
C LYS A 103 16.31 3.78 -12.00
N LEU A 104 15.12 4.19 -12.43
CA LEU A 104 13.90 3.46 -12.10
C LEU A 104 13.85 2.12 -12.85
N VAL A 105 13.80 1.00 -12.09
CA VAL A 105 13.74 -0.32 -12.71
C VAL A 105 12.34 -0.94 -12.59
N LEU A 106 11.61 -0.64 -11.51
CA LEU A 106 10.26 -1.18 -11.34
C LEU A 106 9.30 -0.12 -10.79
N PHE A 107 8.36 0.31 -11.65
CA PHE A 107 7.35 1.31 -11.26
C PHE A 107 5.96 0.72 -11.45
N GLN A 108 5.36 0.26 -10.35
CA GLN A 108 4.02 -0.33 -10.39
C GLN A 108 2.96 0.65 -9.90
N LYS A 109 1.94 0.85 -10.74
CA LYS A 109 0.83 1.74 -10.41
C LYS A 109 -0.46 0.93 -10.34
N ILE A 110 -1.22 1.07 -9.23
CA ILE A 110 -2.45 0.30 -9.06
C ILE A 110 -3.60 1.15 -8.52
N GLU A 111 -4.82 0.71 -8.82
CA GLU A 111 -6.04 1.41 -8.38
C GLU A 111 -7.07 0.39 -7.88
N LEU A 112 -7.97 0.82 -7.00
CA LEU A 112 -9.00 -0.05 -6.45
C LEU A 112 -10.39 0.33 -6.98
N GLY A 113 -11.05 -0.60 -7.68
CA GLY A 113 -12.38 -0.35 -8.24
C GLY A 113 -13.46 -0.54 -7.17
N ASP A 114 -14.27 -1.60 -7.34
CA ASP A 114 -15.33 -1.91 -6.39
C ASP A 114 -15.88 -3.32 -6.63
N THR A 115 -15.84 -4.15 -5.58
CA THR A 115 -16.33 -5.53 -5.65
C THR A 115 -16.18 -6.18 -4.28
N TYR A 116 -16.68 -7.40 -4.13
CA TYR A 116 -16.58 -8.11 -2.86
C TYR A 116 -15.11 -8.38 -2.56
N THR A 117 -14.73 -8.27 -1.29
CA THR A 117 -13.33 -8.50 -0.88
C THR A 117 -13.24 -9.47 0.30
N LYS A 118 -12.02 -9.94 0.53
CA LYS A 118 -11.73 -10.90 1.61
C LYS A 118 -10.24 -11.25 1.62
N LYS A 119 -9.68 -11.57 0.45
CA LYS A 119 -8.26 -11.89 0.34
C LYS A 119 -7.45 -10.61 0.06
N PRO A 120 -6.20 -10.51 0.50
CA PRO A 120 -5.37 -9.28 0.27
C PRO A 120 -5.07 -9.04 -1.22
N HIS A 121 -5.17 -7.78 -1.64
CA HIS A 121 -4.86 -7.41 -3.03
C HIS A 121 -3.39 -7.71 -3.28
N HIS A 122 -3.12 -8.82 -3.97
CA HIS A 122 -1.75 -9.24 -4.24
C HIS A 122 -1.22 -8.72 -5.58
N ILE A 123 0.00 -8.20 -5.56
CA ILE A 123 0.69 -7.70 -6.74
C ILE A 123 1.94 -8.59 -6.96
N GLU A 124 2.27 -8.89 -8.22
CA GLU A 124 3.40 -9.77 -8.51
C GLU A 124 4.46 -9.10 -9.40
N ILE A 125 5.67 -8.92 -8.85
CA ILE A 125 6.79 -8.33 -9.61
C ILE A 125 7.90 -9.37 -9.84
N ASP A 126 7.59 -10.36 -10.69
CA ASP A 126 8.51 -11.48 -10.99
C ASP A 126 9.91 -11.08 -11.52
N LYS A 127 10.16 -9.79 -11.89
CA LYS A 127 11.48 -9.37 -12.44
C LYS A 127 12.66 -10.10 -11.79
N LYS A 128 12.71 -10.07 -10.47
CA LYS A 128 13.76 -10.70 -9.69
C LYS A 128 15.09 -9.95 -9.84
N LEU A 129 15.25 -8.90 -9.04
CA LEU A 129 16.46 -8.07 -9.02
C LEU A 129 16.65 -7.55 -7.61
N ASP A 130 17.83 -7.70 -6.96
CA ASP A 130 17.88 -7.15 -5.61
C ASP A 130 18.23 -5.67 -5.73
N VAL A 131 17.29 -4.87 -5.25
CA VAL A 131 17.44 -3.44 -5.15
C VAL A 131 16.65 -2.99 -3.93
N ASP A 132 16.90 -1.80 -3.32
CA ASP A 132 15.88 -1.33 -2.40
C ASP A 132 15.82 0.19 -2.35
N ARG A 133 14.68 0.70 -2.73
CA ARG A 133 14.31 2.09 -2.55
C ARG A 133 12.80 2.02 -2.45
N ILE A 134 12.08 2.39 -1.40
CA ILE A 134 10.61 2.24 -1.52
C ILE A 134 9.88 3.58 -1.42
N ASP A 135 9.12 3.85 -2.49
CA ASP A 135 8.29 5.03 -2.58
C ASP A 135 6.86 4.60 -2.84
N ILE A 136 5.97 4.80 -1.88
CA ILE A 136 4.58 4.43 -2.02
C ILE A 136 3.74 5.70 -1.84
N GLU A 137 3.25 6.22 -2.96
CA GLU A 137 2.50 7.48 -2.94
C GLU A 137 0.99 7.29 -3.00
N VAL A 138 0.29 8.14 -2.25
CA VAL A 138 -1.18 8.17 -2.19
C VAL A 138 -1.60 9.53 -2.75
N THR A 139 -2.32 9.56 -3.88
CA THR A 139 -2.68 10.85 -4.51
C THR A 139 -4.11 11.34 -4.24
N GLU A 140 -5.06 10.46 -3.87
CA GLU A 140 -6.43 10.93 -3.62
C GLU A 140 -7.27 9.91 -2.84
N VAL A 141 -8.47 10.36 -2.48
CA VAL A 141 -9.44 9.57 -1.74
C VAL A 141 -10.86 9.87 -2.22
N HIS A 142 -11.74 8.86 -2.14
CA HIS A 142 -13.14 9.02 -2.57
C HIS A 142 -14.10 8.60 -1.45
N GLN A 143 -15.08 9.47 -1.17
CA GLN A 143 -16.08 9.22 -0.13
C GLN A 143 -15.48 9.42 1.27
N GLY A 144 -14.62 8.49 1.72
CA GLY A 144 -13.98 8.59 3.04
C GLY A 144 -15.00 9.04 4.11
N GLN A 145 -15.87 8.12 4.54
CA GLN A 145 -16.91 8.46 5.52
C GLN A 145 -16.36 8.59 6.95
N ASN A 146 -15.51 7.66 7.38
CA ASN A 146 -14.97 7.71 8.75
C ASN A 146 -13.64 8.48 8.84
N LYS A 147 -12.85 8.48 7.75
CA LYS A 147 -11.57 9.19 7.73
C LYS A 147 -10.70 8.82 8.93
N ASP A 148 -9.74 7.91 8.72
CA ASP A 148 -8.83 7.41 9.76
C ASP A 148 -9.51 6.30 10.56
N ILE A 149 -9.49 5.09 10.00
CA ILE A 149 -10.13 3.91 10.60
C ILE A 149 -9.08 2.86 11.05
N LEU A 150 -9.31 1.57 10.74
CA LEU A 150 -8.41 0.48 11.12
C LEU A 150 -7.30 0.36 10.06
N ALA A 151 -6.06 0.14 10.50
CA ALA A 151 -4.91 0.06 9.61
C ALA A 151 -4.82 -1.30 8.90
N LEU A 152 -4.22 -1.31 7.71
CA LEU A 152 -4.08 -2.52 6.90
C LEU A 152 -3.66 -3.72 7.77
N SER A 153 -4.49 -4.76 7.75
CA SER A 153 -4.27 -5.96 8.56
C SER A 153 -3.04 -6.78 8.13
N GLU A 154 -2.75 -6.83 6.82
CA GLU A 154 -1.61 -7.64 6.36
C GLU A 154 -0.93 -7.11 5.07
N VAL A 155 -0.49 -5.84 5.11
CA VAL A 155 0.24 -5.27 3.96
C VAL A 155 1.70 -5.70 4.10
N THR A 156 2.23 -6.43 3.12
CA THR A 156 3.62 -6.92 3.22
C THR A 156 4.39 -6.80 1.90
N PHE A 157 5.69 -6.55 2.05
CA PHE A 157 6.61 -6.42 0.92
C PHE A 157 7.70 -7.51 1.01
N GLY A 158 7.77 -8.38 -0.01
CA GLY A 158 8.78 -9.45 -0.01
C GLY A 158 8.72 -10.21 -1.31
N ASN A 159 9.11 -11.49 -1.28
CA ASN A 159 9.08 -12.34 -2.48
C ASN A 159 7.90 -13.30 -2.42
N SER A 41 4.10 -10.60 9.79
CA SER A 41 5.49 -10.33 10.17
C SER A 41 5.66 -8.82 10.48
N MET A 42 6.84 -8.24 10.21
CA MET A 42 7.10 -6.82 10.48
C MET A 42 6.92 -6.50 11.96
N SER A 43 7.51 -5.38 12.40
CA SER A 43 7.44 -4.97 13.81
C SER A 43 6.12 -4.23 14.10
N THR A 44 5.56 -3.59 13.08
CA THR A 44 4.30 -2.85 13.23
C THR A 44 3.49 -2.90 11.92
N VAL A 45 2.30 -2.31 11.93
CA VAL A 45 1.44 -2.29 10.75
C VAL A 45 1.79 -1.10 9.84
N TRP A 46 1.82 0.10 10.43
CA TRP A 46 2.14 1.32 9.68
C TRP A 46 2.75 2.35 10.65
N GLU A 47 3.62 3.24 10.13
CA GLU A 47 4.27 4.26 10.97
C GLU A 47 4.00 5.67 10.44
N GLU A 48 3.02 6.37 11.04
CA GLU A 48 2.68 7.74 10.64
C GLU A 48 1.56 8.30 11.52
N ASN A 49 1.44 9.64 11.55
CA ASN A 49 0.41 10.31 12.35
C ASN A 49 -0.98 9.99 11.82
N SER A 50 -1.14 10.03 10.50
CA SER A 50 -2.42 9.73 9.84
C SER A 50 -3.55 10.71 10.31
N PRO A 51 -3.87 11.76 9.55
CA PRO A 51 -4.95 12.72 9.93
C PRO A 51 -6.34 12.11 9.68
N GLY A 52 -6.63 11.79 8.42
CA GLY A 52 -7.88 11.15 8.05
C GLY A 52 -7.53 9.93 7.21
N GLY A 53 -7.36 8.79 7.87
CA GLY A 53 -6.96 7.56 7.17
C GLY A 53 -5.72 7.82 6.28
N GLY A 54 -4.69 8.50 6.82
CA GLY A 54 -3.46 8.80 6.08
C GLY A 54 -3.74 9.35 4.68
N VAL A 55 -4.77 10.19 4.55
CA VAL A 55 -5.14 10.74 3.24
C VAL A 55 -4.00 11.59 2.62
N GLY A 56 -3.58 11.23 1.40
CA GLY A 56 -2.58 12.04 0.69
C GLY A 56 -1.12 11.75 1.13
N GLU A 57 -0.94 10.92 2.17
CA GLU A 57 0.37 10.66 2.74
C GLU A 57 1.30 9.86 1.80
N VAL A 58 2.62 10.17 1.90
CA VAL A 58 3.65 9.48 1.12
C VAL A 58 4.46 8.57 2.03
N LEU A 59 4.81 7.39 1.54
CA LEU A 59 5.60 6.43 2.30
C LEU A 59 6.92 6.16 1.60
N SER A 60 7.94 6.95 1.94
CA SER A 60 9.26 6.81 1.35
C SER A 60 10.23 6.19 2.34
N TYR A 61 10.68 4.96 2.06
CA TYR A 61 11.62 4.26 2.96
C TYR A 61 12.93 3.93 2.23
N LYS A 62 14.06 3.99 2.95
CA LYS A 62 15.37 3.68 2.37
C LYS A 62 16.12 2.65 3.22
N PHE A 63 16.49 1.50 2.63
CA PHE A 63 17.21 0.46 3.36
C PHE A 63 18.73 0.67 3.22
N ALA A 64 19.49 0.19 4.21
CA ALA A 64 20.95 0.35 4.24
C ALA A 64 21.67 -0.45 3.15
N SER A 65 21.02 -1.47 2.56
CA SER A 65 21.69 -2.28 1.54
C SER A 65 20.65 -2.84 0.56
N PRO A 66 21.08 -3.42 -0.57
CA PRO A 66 20.13 -3.97 -1.57
C PRO A 66 19.35 -5.15 -1.01
N MET A 67 18.11 -5.30 -1.48
CA MET A 67 17.23 -6.37 -1.03
C MET A 67 16.37 -6.83 -2.21
N HIS A 68 16.26 -8.14 -2.46
CA HIS A 68 15.44 -8.61 -3.58
C HIS A 68 13.98 -8.67 -3.16
N ILE A 69 13.05 -8.33 -4.08
CA ILE A 69 11.62 -8.35 -3.75
C ILE A 69 10.87 -9.21 -4.78
N GLY A 70 10.17 -10.22 -4.28
CA GLY A 70 9.44 -11.14 -5.16
C GLY A 70 7.95 -10.80 -5.22
N ARG A 71 7.29 -10.75 -4.06
CA ARG A 71 5.86 -10.45 -4.00
C ARG A 71 5.55 -9.50 -2.84
N ILE A 72 4.42 -8.79 -2.97
CA ILE A 72 3.97 -7.87 -1.93
C ILE A 72 2.52 -8.19 -1.56
N LEU A 73 2.28 -8.48 -0.27
CA LEU A 73 0.94 -8.82 0.21
C LEU A 73 0.35 -7.63 0.97
N ILE A 74 -0.83 -7.16 0.55
CA ILE A 74 -1.49 -6.04 1.22
C ILE A 74 -2.99 -6.35 1.38
N VAL A 75 -3.50 -6.23 2.61
CA VAL A 75 -4.92 -6.48 2.88
C VAL A 75 -5.59 -5.18 3.33
N ASN A 76 -6.45 -4.63 2.47
CA ASN A 76 -7.15 -3.39 2.79
C ASN A 76 -8.02 -3.57 4.02
N GLY A 77 -7.71 -2.80 5.06
CA GLY A 77 -8.45 -2.87 6.33
C GLY A 77 -9.98 -2.72 6.15
N ASP A 78 -10.42 -2.22 4.98
CA ASP A 78 -11.85 -2.02 4.71
C ASP A 78 -12.43 -3.08 3.74
N THR A 79 -11.65 -4.12 3.39
CA THR A 79 -12.13 -5.16 2.47
C THR A 79 -13.15 -6.11 3.14
N SER A 80 -13.85 -5.64 4.18
CA SER A 80 -14.86 -6.45 4.86
C SER A 80 -16.16 -6.45 4.06
N SER A 81 -16.56 -5.25 3.63
CA SER A 81 -17.77 -5.07 2.85
C SER A 81 -17.70 -3.73 2.13
N LYS A 82 -18.19 -3.71 0.89
CA LYS A 82 -18.20 -2.49 0.07
C LYS A 82 -18.84 -1.35 0.85
N GLU A 83 -19.92 -1.64 1.59
CA GLU A 83 -20.58 -0.62 2.41
C GLU A 83 -19.56 -0.05 3.42
N ASN A 84 -18.67 -0.93 3.90
CA ASN A 84 -17.63 -0.53 4.85
C ASN A 84 -16.66 0.48 4.22
N TYR A 85 -16.40 0.33 2.92
CA TYR A 85 -15.50 1.26 2.21
C TYR A 85 -16.08 2.67 2.31
N TYR A 86 -17.39 2.78 2.10
CA TYR A 86 -18.08 4.07 2.18
C TYR A 86 -18.20 4.55 3.65
N LYS A 87 -18.03 3.62 4.60
CA LYS A 87 -18.13 3.94 6.03
C LYS A 87 -16.75 4.29 6.64
N LYS A 88 -15.67 3.83 6.01
CA LYS A 88 -14.33 4.09 6.54
C LYS A 88 -13.37 4.43 5.40
N ASN A 89 -12.36 5.26 5.69
CA ASN A 89 -11.37 5.69 4.67
C ASN A 89 -11.03 4.55 3.68
N ARG A 90 -10.92 4.92 2.40
CA ARG A 90 -10.62 3.94 1.34
C ARG A 90 -9.23 4.20 0.76
N ILE A 91 -8.50 3.13 0.46
CA ILE A 91 -7.17 3.25 -0.14
C ILE A 91 -7.31 3.87 -1.55
N ALA A 92 -8.43 3.58 -2.22
CA ALA A 92 -8.74 4.09 -3.56
C ALA A 92 -7.65 3.69 -4.57
N LYS A 93 -6.57 4.48 -4.66
CA LYS A 93 -5.48 4.19 -5.59
C LYS A 93 -4.13 4.39 -4.90
N ALA A 94 -3.12 3.68 -5.38
CA ALA A 94 -1.79 3.78 -4.81
C ALA A 94 -0.72 3.48 -5.87
N ASP A 95 0.32 4.32 -5.90
CA ASP A 95 1.41 4.16 -6.86
C ASP A 95 2.64 3.62 -6.13
N VAL A 96 3.10 2.41 -6.50
CA VAL A 96 4.27 1.81 -5.86
C VAL A 96 5.40 1.71 -6.88
N LYS A 97 6.54 2.26 -6.51
CA LYS A 97 7.72 2.25 -7.40
C LYS A 97 8.99 1.80 -6.64
N TYR A 98 9.92 1.17 -7.39
CA TYR A 98 11.19 0.72 -6.84
C TYR A 98 12.30 1.32 -7.71
N TYR A 99 13.25 2.00 -7.08
CA TYR A 99 14.36 2.64 -7.82
C TYR A 99 15.69 1.93 -7.55
N ASN A 100 16.55 1.82 -8.59
CA ASN A 100 17.85 1.18 -8.44
C ASN A 100 18.91 2.19 -8.00
N GLY A 101 18.52 3.10 -7.09
CA GLY A 101 19.44 4.13 -6.57
C GLY A 101 19.83 5.19 -7.61
N ASN A 102 19.58 4.93 -8.89
CA ASN A 102 19.93 5.88 -9.95
C ASN A 102 18.91 5.87 -11.11
N LYS A 103 18.52 4.67 -11.57
CA LYS A 103 17.56 4.55 -12.68
C LYS A 103 16.27 3.85 -12.21
N LEU A 104 15.17 4.08 -12.94
CA LEU A 104 13.88 3.46 -12.61
C LEU A 104 13.80 2.05 -13.20
N VAL A 105 13.54 1.03 -12.37
CA VAL A 105 13.45 -0.35 -12.86
C VAL A 105 12.02 -0.88 -12.71
N LEU A 106 11.30 -0.42 -11.67
CA LEU A 106 9.92 -0.85 -11.44
C LEU A 106 9.03 0.34 -11.08
N PHE A 107 7.92 0.49 -11.79
CA PHE A 107 6.97 1.57 -11.53
C PHE A 107 5.58 1.19 -12.06
N GLN A 108 4.65 0.91 -11.15
CA GLN A 108 3.30 0.52 -11.54
C GLN A 108 2.25 1.13 -10.59
N LYS A 109 1.08 1.45 -11.15
CA LYS A 109 -0.02 2.02 -10.38
C LYS A 109 -1.16 1.00 -10.29
N ILE A 110 -1.65 0.74 -9.06
CA ILE A 110 -2.74 -0.22 -8.87
C ILE A 110 -3.93 0.43 -8.16
N GLU A 111 -5.12 -0.16 -8.39
CA GLU A 111 -6.37 0.35 -7.80
C GLU A 111 -7.10 -0.77 -7.05
N LEU A 112 -7.93 -0.39 -6.08
CA LEU A 112 -8.67 -1.38 -5.28
C LEU A 112 -10.11 -0.90 -5.02
N GLY A 113 -11.10 -1.63 -5.57
CA GLY A 113 -12.51 -1.27 -5.39
C GLY A 113 -13.29 -1.48 -6.69
N ASP A 114 -14.42 -2.21 -6.60
CA ASP A 114 -15.27 -2.48 -7.79
C ASP A 114 -16.37 -3.51 -7.48
N THR A 115 -15.97 -4.73 -7.08
CA THR A 115 -16.91 -5.80 -6.78
C THR A 115 -16.69 -6.33 -5.37
N TYR A 116 -17.65 -7.09 -4.85
CA TYR A 116 -17.56 -7.64 -3.51
C TYR A 116 -16.34 -8.54 -3.36
N THR A 117 -15.47 -8.18 -2.40
CA THR A 117 -14.26 -8.97 -2.15
C THR A 117 -13.95 -9.08 -0.65
N LYS A 118 -13.25 -10.15 -0.31
CA LYS A 118 -12.83 -10.43 1.07
C LYS A 118 -11.55 -11.29 1.09
N LYS A 119 -10.68 -11.10 0.08
CA LYS A 119 -9.43 -11.85 -0.05
C LYS A 119 -8.22 -10.91 0.00
N PRO A 120 -7.05 -11.36 0.45
CA PRO A 120 -5.82 -10.51 0.49
C PRO A 120 -5.46 -9.98 -0.91
N HIS A 121 -4.95 -8.76 -0.97
CA HIS A 121 -4.55 -8.15 -2.25
C HIS A 121 -3.06 -8.38 -2.48
N HIS A 122 -2.74 -9.43 -3.23
CA HIS A 122 -1.33 -9.78 -3.49
C HIS A 122 -0.86 -9.31 -4.86
N ILE A 123 0.24 -8.55 -4.85
CA ILE A 123 0.86 -8.07 -6.08
C ILE A 123 2.13 -8.92 -6.32
N GLU A 124 2.36 -9.37 -7.57
CA GLU A 124 3.51 -10.20 -7.87
C GLU A 124 4.50 -9.47 -8.79
N ILE A 125 5.72 -9.23 -8.28
CA ILE A 125 6.77 -8.58 -9.04
C ILE A 125 7.40 -9.64 -9.97
N ASP A 126 7.34 -9.37 -11.27
CA ASP A 126 7.84 -10.30 -12.30
C ASP A 126 9.29 -10.79 -12.09
N LYS A 127 10.15 -10.08 -11.31
CA LYS A 127 11.54 -10.53 -11.13
C LYS A 127 12.03 -10.39 -9.68
N LYS A 128 13.26 -10.87 -9.46
CA LYS A 128 13.90 -10.82 -8.14
C LYS A 128 15.15 -9.92 -8.20
N LEU A 129 14.92 -8.68 -8.58
CA LEU A 129 15.99 -7.68 -8.67
C LEU A 129 16.21 -7.08 -7.29
N ASP A 130 17.46 -7.02 -6.78
CA ASP A 130 17.62 -6.42 -5.46
C ASP A 130 18.28 -5.04 -5.53
N VAL A 131 17.50 -4.09 -5.07
CA VAL A 131 17.91 -2.69 -4.92
C VAL A 131 17.17 -2.17 -3.68
N ASP A 132 17.42 -0.92 -3.21
CA ASP A 132 16.44 -0.43 -2.27
C ASP A 132 16.26 1.07 -2.41
N ARG A 133 15.04 1.38 -2.76
CA ARG A 133 14.45 2.69 -2.79
C ARG A 133 12.98 2.39 -2.57
N ILE A 134 12.27 2.84 -1.53
CA ILE A 134 10.85 2.46 -1.46
C ILE A 134 9.97 3.66 -1.66
N ASP A 135 9.12 3.55 -2.68
CA ASP A 135 8.15 4.60 -2.98
C ASP A 135 6.76 3.98 -2.97
N ILE A 136 5.95 4.35 -1.99
CA ILE A 136 4.59 3.84 -1.90
C ILE A 136 3.71 5.05 -1.55
N GLU A 137 2.97 5.55 -2.54
CA GLU A 137 2.14 6.74 -2.32
C GLU A 137 0.65 6.54 -2.64
N VAL A 138 -0.17 7.09 -1.75
CA VAL A 138 -1.62 7.08 -1.92
C VAL A 138 -2.00 8.53 -2.29
N THR A 139 -2.63 8.71 -3.46
CA THR A 139 -2.94 10.06 -3.95
C THR A 139 -4.32 10.59 -3.55
N GLU A 140 -5.29 9.70 -3.29
CA GLU A 140 -6.63 10.15 -2.94
C GLU A 140 -7.46 9.03 -2.31
N VAL A 141 -8.50 9.45 -1.60
CA VAL A 141 -9.44 8.54 -0.95
C VAL A 141 -10.87 9.02 -1.27
N HIS A 142 -11.84 8.10 -1.32
CA HIS A 142 -13.22 8.47 -1.66
C HIS A 142 -14.15 8.48 -0.43
N GLN A 143 -14.71 9.66 -0.14
CA GLN A 143 -15.65 9.85 0.96
C GLN A 143 -14.96 9.72 2.33
N GLY A 144 -14.53 8.51 2.67
CA GLY A 144 -13.87 8.28 3.97
C GLY A 144 -14.73 8.86 5.10
N GLN A 145 -15.75 8.10 5.52
CA GLN A 145 -16.66 8.55 6.57
C GLN A 145 -16.05 8.42 7.97
N ASN A 146 -15.41 7.28 8.28
CA ASN A 146 -14.82 7.09 9.61
C ASN A 146 -13.53 7.87 9.80
N LYS A 147 -12.79 8.11 8.71
CA LYS A 147 -11.51 8.86 8.75
C LYS A 147 -10.69 8.52 10.02
N ASP A 148 -10.59 7.22 10.29
CA ASP A 148 -9.86 6.71 11.45
C ASP A 148 -10.03 5.18 11.49
N ILE A 149 -9.52 4.56 10.44
CA ILE A 149 -9.62 3.11 10.27
C ILE A 149 -8.23 2.48 10.38
N LEU A 150 -8.19 1.17 10.40
CA LEU A 150 -6.94 0.43 10.53
C LEU A 150 -6.29 0.26 9.15
N ALA A 151 -5.08 0.81 9.01
CA ALA A 151 -4.35 0.76 7.75
C ALA A 151 -3.70 -0.60 7.54
N LEU A 152 -4.00 -1.23 6.40
CA LEU A 152 -3.45 -2.55 6.04
C LEU A 152 -3.46 -3.53 7.21
N SER A 153 -4.45 -4.42 7.24
CA SER A 153 -4.55 -5.43 8.30
C SER A 153 -3.20 -6.17 8.50
N GLU A 154 -2.36 -6.18 7.45
CA GLU A 154 -1.05 -6.85 7.52
C GLU A 154 -0.26 -6.69 6.20
N VAL A 155 0.34 -5.51 6.00
CA VAL A 155 1.13 -5.23 4.80
C VAL A 155 2.55 -5.82 4.92
N THR A 156 2.93 -6.64 3.95
CA THR A 156 4.25 -7.29 3.95
C THR A 156 4.85 -7.26 2.53
N PHE A 157 6.19 -7.15 2.44
CA PHE A 157 6.87 -7.11 1.15
C PHE A 157 8.08 -8.08 1.13
N GLY A 158 8.44 -8.57 -0.05
CA GLY A 158 9.58 -9.48 -0.20
C GLY A 158 9.15 -10.85 -0.73
N ASN A 159 10.10 -11.78 -0.82
CA ASN A 159 9.82 -13.12 -1.33
C ASN A 159 9.37 -14.03 -0.18
N SER A 41 9.74 -8.65 11.38
CA SER A 41 9.68 -7.27 11.88
C SER A 41 9.54 -6.27 10.72
N MET A 42 9.26 -5.02 11.06
CA MET A 42 9.09 -3.97 10.05
C MET A 42 9.23 -2.58 10.72
N SER A 43 8.17 -2.14 11.43
CA SER A 43 8.15 -0.84 12.14
C SER A 43 6.69 -0.48 12.47
N THR A 44 5.90 -0.21 11.44
CA THR A 44 4.49 0.15 11.59
C THR A 44 3.81 0.08 10.21
N VAL A 45 2.64 -0.57 10.14
CA VAL A 45 1.93 -0.70 8.87
C VAL A 45 1.39 0.67 8.43
N TRP A 46 0.66 1.35 9.31
CA TRP A 46 0.11 2.68 9.03
C TRP A 46 -0.06 3.45 10.34
N GLU A 47 -0.02 4.79 10.28
CA GLU A 47 -0.17 5.62 11.49
C GLU A 47 -0.64 7.04 11.13
N GLU A 48 -0.59 7.96 12.11
CA GLU A 48 -1.01 9.35 11.92
C GLU A 48 -2.50 9.42 11.56
N ASN A 49 -3.28 10.10 12.42
CA ASN A 49 -4.72 10.24 12.20
C ASN A 49 -5.00 11.00 10.90
N SER A 50 -4.31 12.14 10.73
CA SER A 50 -4.50 12.97 9.52
C SER A 50 -5.97 13.44 9.42
N PRO A 51 -6.30 14.43 8.59
CA PRO A 51 -7.71 14.93 8.46
C PRO A 51 -8.68 13.76 8.26
N GLY A 52 -8.43 12.94 7.24
CA GLY A 52 -9.28 11.77 6.96
C GLY A 52 -8.53 10.50 7.32
N GLY A 53 -8.35 9.61 6.35
CA GLY A 53 -7.64 8.36 6.58
C GLY A 53 -6.25 8.42 5.92
N GLY A 54 -5.39 9.31 6.44
CA GLY A 54 -4.03 9.50 5.90
C GLY A 54 -4.05 9.96 4.44
N VAL A 55 -4.91 10.93 4.11
CA VAL A 55 -5.02 11.44 2.74
C VAL A 55 -3.69 12.08 2.23
N GLY A 56 -3.17 11.60 1.09
CA GLY A 56 -1.99 12.22 0.49
C GLY A 56 -0.65 11.78 1.11
N GLU A 57 -0.69 10.99 2.18
CA GLU A 57 0.55 10.60 2.88
C GLU A 57 1.43 9.68 2.02
N VAL A 58 2.75 9.94 2.05
CA VAL A 58 3.72 9.16 1.26
C VAL A 58 4.54 8.22 2.15
N LEU A 59 4.46 6.91 1.86
CA LEU A 59 5.22 5.92 2.61
C LEU A 59 6.58 5.72 1.95
N SER A 60 7.60 6.40 2.49
CA SER A 60 8.96 6.30 1.96
C SER A 60 9.84 5.49 2.90
N TYR A 61 10.35 4.36 2.40
CA TYR A 61 11.22 3.49 3.18
C TYR A 61 12.66 3.60 2.68
N LYS A 62 13.62 3.51 3.60
CA LYS A 62 15.03 3.62 3.26
C LYS A 62 15.71 2.26 3.43
N PHE A 63 16.52 1.89 2.44
CA PHE A 63 17.16 0.59 2.38
C PHE A 63 18.38 0.41 3.30
N ALA A 64 18.43 -0.76 3.96
CA ALA A 64 19.55 -1.13 4.81
C ALA A 64 20.61 -1.87 3.96
N SER A 65 20.17 -2.55 2.88
CA SER A 65 21.07 -3.30 1.99
C SER A 65 20.24 -3.88 0.84
N PRO A 66 20.85 -4.44 -0.21
CA PRO A 66 20.08 -5.02 -1.35
C PRO A 66 19.18 -6.17 -0.88
N MET A 67 17.96 -6.22 -1.41
CA MET A 67 17.00 -7.25 -1.04
C MET A 67 16.17 -7.63 -2.26
N HIS A 68 16.05 -8.92 -2.59
CA HIS A 68 15.27 -9.30 -3.77
C HIS A 68 13.79 -9.35 -3.41
N ILE A 69 12.94 -8.90 -4.35
CA ILE A 69 11.49 -8.89 -4.11
C ILE A 69 10.75 -9.63 -5.22
N GLY A 70 9.51 -10.05 -4.93
CA GLY A 70 8.72 -10.79 -5.92
C GLY A 70 7.21 -10.64 -5.70
N ARG A 71 6.77 -10.63 -4.44
CA ARG A 71 5.35 -10.53 -4.13
C ARG A 71 5.09 -9.52 -3.01
N ILE A 72 4.05 -8.71 -3.20
CA ILE A 72 3.65 -7.71 -2.20
C ILE A 72 2.17 -7.90 -1.85
N LEU A 73 1.87 -8.07 -0.55
CA LEU A 73 0.48 -8.27 -0.12
C LEU A 73 -0.02 -7.05 0.66
N ILE A 74 -1.27 -6.66 0.44
CA ILE A 74 -1.86 -5.52 1.14
C ILE A 74 -3.34 -5.78 1.45
N VAL A 75 -3.77 -5.52 2.70
CA VAL A 75 -5.18 -5.72 3.08
C VAL A 75 -5.84 -4.35 3.27
N ASN A 76 -6.84 -4.03 2.43
CA ASN A 76 -7.55 -2.76 2.54
C ASN A 76 -8.44 -2.79 3.78
N GLY A 77 -8.19 -1.88 4.73
CA GLY A 77 -8.94 -1.82 5.98
C GLY A 77 -9.13 -3.22 6.58
N ASP A 78 -10.09 -3.37 7.49
CA ASP A 78 -10.36 -4.67 8.11
C ASP A 78 -11.01 -5.64 7.10
N THR A 79 -11.47 -5.11 5.95
CA THR A 79 -12.11 -5.92 4.90
C THR A 79 -13.37 -6.61 5.43
N SER A 80 -14.32 -5.79 5.92
CA SER A 80 -15.58 -6.30 6.46
C SER A 80 -16.63 -6.50 5.36
N SER A 81 -16.90 -5.45 4.59
CA SER A 81 -17.89 -5.53 3.51
C SER A 81 -17.66 -4.39 2.52
N LYS A 82 -18.26 -4.53 1.35
CA LYS A 82 -18.14 -3.53 0.29
C LYS A 82 -18.77 -2.22 0.73
N GLU A 83 -19.98 -2.30 1.31
CA GLU A 83 -20.68 -1.12 1.80
C GLU A 83 -19.84 -0.45 2.89
N ASN A 84 -19.15 -1.27 3.69
CA ASN A 84 -18.29 -0.76 4.76
C ASN A 84 -17.17 0.11 4.17
N TYR A 85 -16.69 -0.27 2.97
CA TYR A 85 -15.62 0.51 2.32
C TYR A 85 -16.11 1.94 2.06
N TYR A 86 -17.32 2.05 1.51
CA TYR A 86 -17.92 3.37 1.24
C TYR A 86 -18.27 4.10 2.56
N LYS A 87 -18.29 3.34 3.67
CA LYS A 87 -18.61 3.90 4.99
C LYS A 87 -17.32 4.15 5.79
N LYS A 88 -16.15 3.77 5.26
CA LYS A 88 -14.91 3.96 6.00
C LYS A 88 -13.70 4.17 5.08
N ASN A 89 -12.57 4.53 5.70
CA ASN A 89 -11.30 4.79 5.01
C ASN A 89 -11.08 3.92 3.77
N ARG A 90 -11.08 4.57 2.60
CA ARG A 90 -10.84 3.88 1.33
C ARG A 90 -9.48 4.32 0.75
N ILE A 91 -8.66 3.35 0.35
CA ILE A 91 -7.33 3.63 -0.19
C ILE A 91 -7.40 4.31 -1.58
N ALA A 92 -8.45 3.96 -2.34
CA ALA A 92 -8.67 4.52 -3.69
C ALA A 92 -7.57 4.06 -4.68
N LYS A 93 -6.38 4.69 -4.66
CA LYS A 93 -5.31 4.33 -5.57
C LYS A 93 -3.95 4.69 -4.97
N ALA A 94 -2.89 4.04 -5.43
CA ALA A 94 -1.55 4.32 -4.92
C ALA A 94 -0.47 4.11 -5.98
N ASP A 95 0.46 5.07 -6.07
CA ASP A 95 1.57 4.98 -7.01
C ASP A 95 2.79 4.42 -6.30
N VAL A 96 3.28 3.27 -6.75
CA VAL A 96 4.44 2.63 -6.13
C VAL A 96 5.58 2.56 -7.14
N LYS A 97 6.76 2.83 -6.64
CA LYS A 97 7.97 2.82 -7.48
C LYS A 97 9.16 2.19 -6.73
N TYR A 98 10.08 1.57 -7.49
CA TYR A 98 11.28 0.97 -6.93
C TYR A 98 12.44 1.48 -7.81
N TYR A 99 13.58 1.82 -7.20
CA TYR A 99 14.72 2.34 -7.98
C TYR A 99 15.87 1.34 -8.02
N ASN A 100 16.61 1.34 -9.14
CA ASN A 100 17.75 0.45 -9.31
C ASN A 100 19.03 1.08 -8.72
N GLY A 101 18.88 1.70 -7.54
CA GLY A 101 20.01 2.32 -6.84
C GLY A 101 20.43 3.68 -7.44
N ASN A 102 19.96 3.98 -8.65
CA ASN A 102 20.29 5.25 -9.30
C ASN A 102 19.13 5.73 -10.17
N LYS A 103 18.64 4.88 -11.09
CA LYS A 103 17.55 5.24 -11.98
C LYS A 103 16.28 4.45 -11.64
N LEU A 104 15.12 5.09 -11.83
CA LEU A 104 13.83 4.45 -11.55
C LEU A 104 13.51 3.44 -12.67
N VAL A 105 13.55 2.13 -12.35
CA VAL A 105 13.28 1.09 -13.35
C VAL A 105 11.89 0.48 -13.14
N LEU A 106 11.44 0.38 -11.87
CA LEU A 106 10.13 -0.19 -11.57
C LEU A 106 9.10 0.93 -11.35
N PHE A 107 8.29 1.19 -12.38
CA PHE A 107 7.25 2.21 -12.32
C PHE A 107 5.88 1.57 -12.52
N GLN A 108 5.07 1.51 -11.46
CA GLN A 108 3.73 0.91 -11.56
C GLN A 108 2.79 1.45 -10.49
N LYS A 109 1.53 1.66 -10.89
CA LYS A 109 0.50 2.17 -10.00
C LYS A 109 -0.54 1.08 -9.74
N ILE A 110 -1.20 1.14 -8.58
CA ILE A 110 -2.22 0.16 -8.23
C ILE A 110 -3.61 0.82 -8.15
N GLU A 111 -4.65 0.01 -8.36
CA GLU A 111 -6.03 0.49 -8.32
C GLU A 111 -6.97 -0.64 -7.90
N LEU A 112 -7.99 -0.31 -7.11
CA LEU A 112 -8.94 -1.31 -6.63
C LEU A 112 -10.36 -0.99 -7.08
N GLY A 113 -10.82 -1.64 -8.16
CA GLY A 113 -12.17 -1.41 -8.69
C GLY A 113 -13.24 -1.97 -7.75
N ASP A 114 -14.29 -2.55 -8.33
CA ASP A 114 -15.38 -3.13 -7.54
C ASP A 114 -15.32 -4.66 -7.59
N THR A 115 -14.97 -5.27 -6.45
CA THR A 115 -14.87 -6.73 -6.36
C THR A 115 -14.82 -7.15 -4.89
N TYR A 116 -15.47 -8.27 -4.56
CA TYR A 116 -15.49 -8.76 -3.19
C TYR A 116 -14.11 -9.24 -2.77
N THR A 117 -13.71 -8.90 -1.54
CA THR A 117 -12.40 -9.28 -1.02
C THR A 117 -12.46 -9.79 0.41
N LYS A 118 -11.35 -10.42 0.82
CA LYS A 118 -11.18 -10.98 2.15
C LYS A 118 -9.69 -11.22 2.40
N LYS A 119 -9.07 -12.00 1.52
CA LYS A 119 -7.64 -12.29 1.59
C LYS A 119 -6.85 -11.06 1.14
N PRO A 120 -5.62 -10.86 1.61
CA PRO A 120 -4.82 -9.67 1.23
C PRO A 120 -4.59 -9.57 -0.28
N HIS A 121 -4.74 -8.36 -0.81
CA HIS A 121 -4.53 -8.10 -2.23
C HIS A 121 -3.16 -8.62 -2.66
N HIS A 122 -3.17 -9.49 -3.68
CA HIS A 122 -1.94 -10.11 -4.17
C HIS A 122 -1.39 -9.40 -5.41
N ILE A 123 -0.19 -8.84 -5.26
CA ILE A 123 0.52 -8.16 -6.35
C ILE A 123 1.86 -8.89 -6.57
N GLU A 124 2.21 -9.20 -7.81
CA GLU A 124 3.45 -9.93 -8.10
C GLU A 124 4.40 -9.11 -8.99
N ILE A 125 5.57 -8.77 -8.45
CA ILE A 125 6.59 -8.03 -9.17
C ILE A 125 7.30 -8.99 -10.13
N ASP A 126 8.13 -8.46 -11.01
CA ASP A 126 8.86 -9.26 -12.02
C ASP A 126 9.65 -10.46 -11.42
N LYS A 127 9.80 -10.53 -10.08
CA LYS A 127 10.50 -11.66 -9.44
C LYS A 127 11.94 -11.89 -10.01
N LYS A 128 12.75 -10.83 -10.19
CA LYS A 128 14.12 -10.99 -10.68
C LYS A 128 14.84 -9.62 -10.79
N LEU A 129 15.09 -8.99 -9.64
CA LEU A 129 15.76 -7.67 -9.62
C LEU A 129 15.99 -7.26 -8.17
N ASP A 130 17.18 -7.55 -7.55
CA ASP A 130 17.30 -7.10 -6.17
C ASP A 130 18.00 -5.74 -6.13
N VAL A 131 17.24 -4.79 -5.63
CA VAL A 131 17.67 -3.46 -5.30
C VAL A 131 16.81 -3.05 -4.11
N ASP A 132 17.06 -1.93 -3.40
CA ASP A 132 15.99 -1.49 -2.52
C ASP A 132 15.95 0.03 -2.41
N ARG A 133 14.81 0.55 -2.82
CA ARG A 133 14.41 1.94 -2.69
C ARG A 133 12.89 1.89 -2.62
N ILE A 134 12.15 2.42 -1.62
CA ILE A 134 10.68 2.30 -1.75
C ILE A 134 9.95 3.63 -1.66
N ASP A 135 9.18 3.89 -2.72
CA ASP A 135 8.34 5.07 -2.81
C ASP A 135 6.90 4.62 -3.05
N ILE A 136 6.00 4.82 -2.08
CA ILE A 136 4.61 4.42 -2.22
C ILE A 136 3.73 5.59 -1.77
N GLU A 137 3.14 6.28 -2.74
CA GLU A 137 2.31 7.46 -2.43
C GLU A 137 0.88 7.39 -2.99
N VAL A 138 -0.10 7.62 -2.11
CA VAL A 138 -1.51 7.67 -2.50
C VAL A 138 -1.77 9.09 -3.03
N THR A 139 -2.40 9.22 -4.20
CA THR A 139 -2.60 10.56 -4.80
C THR A 139 -3.98 11.16 -4.48
N GLU A 140 -4.94 10.32 -4.07
CA GLU A 140 -6.28 10.83 -3.76
C GLU A 140 -7.09 9.81 -2.96
N VAL A 141 -8.06 10.31 -2.21
CA VAL A 141 -8.94 9.48 -1.41
C VAL A 141 -10.36 10.06 -1.44
N HIS A 142 -11.37 9.24 -1.09
CA HIS A 142 -12.75 9.70 -1.07
C HIS A 142 -13.12 10.05 0.38
N GLN A 143 -13.93 11.09 0.59
CA GLN A 143 -14.31 11.50 1.95
C GLN A 143 -15.22 10.44 2.58
N GLY A 144 -14.61 9.30 2.99
CA GLY A 144 -15.36 8.23 3.61
C GLY A 144 -16.11 8.74 4.84
N GLN A 145 -17.12 7.98 5.26
CA GLN A 145 -17.94 8.37 6.42
C GLN A 145 -17.12 8.40 7.70
N ASN A 146 -16.29 7.35 7.93
CA ASN A 146 -15.47 7.29 9.14
C ASN A 146 -14.13 8.01 8.97
N LYS A 147 -13.62 8.06 7.72
CA LYS A 147 -12.34 8.73 7.40
C LYS A 147 -11.32 8.71 8.57
N ASP A 148 -11.20 7.56 9.25
CA ASP A 148 -10.28 7.36 10.39
C ASP A 148 -10.70 6.07 11.12
N ILE A 149 -10.32 4.92 10.55
CA ILE A 149 -10.70 3.62 11.14
C ILE A 149 -9.45 2.75 11.51
N LEU A 150 -9.45 1.45 11.20
CA LEU A 150 -8.36 0.54 11.54
C LEU A 150 -7.25 0.60 10.49
N ALA A 151 -6.00 0.56 10.95
CA ALA A 151 -4.85 0.57 10.04
C ALA A 151 -4.69 -0.83 9.46
N LEU A 152 -4.38 -0.89 8.16
CA LEU A 152 -4.24 -2.17 7.42
C LEU A 152 -3.63 -3.27 8.30
N SER A 153 -4.13 -4.51 8.12
CA SER A 153 -3.66 -5.64 8.92
C SER A 153 -2.15 -5.81 8.84
N GLU A 154 -1.58 -5.76 7.61
CA GLU A 154 -0.13 -5.92 7.44
C GLU A 154 0.30 -5.79 5.97
N VAL A 155 0.81 -4.61 5.59
CA VAL A 155 1.30 -4.39 4.23
C VAL A 155 2.73 -4.99 4.15
N THR A 156 2.93 -5.98 3.25
CA THR A 156 4.25 -6.63 3.15
C THR A 156 4.76 -6.70 1.72
N PHE A 157 6.00 -6.24 1.51
CA PHE A 157 6.62 -6.27 0.20
C PHE A 157 7.97 -6.99 0.25
N GLY A 158 8.11 -8.09 -0.51
CA GLY A 158 9.35 -8.86 -0.55
C GLY A 158 9.16 -10.17 -1.31
N ASN A 159 10.14 -11.07 -1.19
CA ASN A 159 10.09 -12.36 -1.87
C ASN A 159 8.80 -13.11 -1.54
#